data_6JXC
#
_entry.id   6JXC
#
_cell.length_a   1.000
_cell.length_b   1.000
_cell.length_c   1.000
_cell.angle_alpha   90.00
_cell.angle_beta   90.00
_cell.angle_gamma   90.00
#
_symmetry.space_group_name_H-M   'P 1'
#
_entity_poly.entity_id   1
_entity_poly.type   'polypeptide(L)'
_entity_poly.pdbx_seq_one_letter_code
;MEDHGIVETLNFLSSTKIKERNNALDELTTILKEDPERIPTKALSTTAEALVELLASEHTKYCDLLRNLTVSTTNKLSLS
ENRLSTISYVLRLFVEKSCERFKVKTLKLLLAVVPELMVKDGSKSLLDAVSVHLSFALDALIKSDPFKLKFMIHQWISLV
DKICEYFQSQMKLSMVDKTLTNFISILLNLLALDTVGIFQVTRTITWTVIDFLRLSKKENGNTRLIMSLINQLILKCHCF
SVIDTLMLIKEAWSYNLTIGCTSNELVQDQLSLFDVMSSELMNHKLPYMIGQENYVEELRSESLVSLYREYILLRLSNYK
PQLFTVNHVEFSYIRGSRDKNSWFALPDFRLRDRGGRSVWLKILGITKSLLTYFALNRKNENYSLLFKRRKCDSDIPSIL
RISDDMDTFLIHLLEENSSHEFEVLGLQLCSFYGTLQDFTKSFAEQLKELLFSKFEKIQCFNWVCFSFIPLLSQKECELS
NGDMARLFKVCLPLVKSNESCQLSCLLLANSIKFSKQLLSDEKTINQIYDLYELSDILGPILVTNESFMLWGYLQYVGKD
FQSMNGISSADRIFEWLKSKWNQLRGTDAKQDQFCNFISWLGNKYDPENPFNDKKGEGANPVSLCWDESHKIWQHFQEQR
EFLLGVKPEEKSECFNTPFFNLPKVSLDLTRYNEILYRLLENIESDAFSSPLQKFTWVAKLIQIVDNLCGDSTFSEFIAA
YKRTTLITIPQLSFDSQNSYQSFFEEVLSIRTINVDHLVLDKINMKEIVNDFIRMQKNKSQTGTSAINYFEASSEDTTQN
NSPYTIGGRFQKPLHSTIDKAVRAYLWSSRNKSISERLVAILEFSDCVSTDVFISYLGTVCQWLKQAIGEKSSYNKILEE
FTEVLGEKLLCNHYSSSNQAMLLLTSYIEAIRPQWLSYPEQPLNSDCNDILDWIISRFEDNSFTGVAPTVNLSMLLLSLL
QNHDLSHGSIRGGKQRVFATFIKCLQKLDSSNIINIMNSISSYMAQVSYKNQSIIFYEIKSLFGPPQQSIEKSAFYSLAM
SMLSLVSYPSLVFSLEDMMTYSGFNHTRAFIQQALNKITVAFRYQNLTELFEYCKFDLIMYWFNRTKVPTSKLEKEWDIS
LFGFADIHEFLGRYFVEISAIYFSQGFNQKWILDMLHAITGNGDAYLVDNSYYLCIPLAFISGGVNELIFDILPQISGKT
TVKYHKKYRLLMLKWIIRFTDLGSLTELRSTVEKLFPTSYLSPYLFENSSVSMRYQYPLHIPLALGATLVQTQFAHEKNN
THEFKLLFLSVITDLEKTSTYIGKLRCARELKYLFVLYENVLVKSSTLNFIIIRLSKFLIDTQIHDEVITIFSSLLNLAD
KNTFEIEPSLPNLFCKIFIYLRENKQLSPSFQQAIKLLEHRDLIKIKTWKYCLDAIFGNIVQDDIYENTELLDASDCGVD
DVVLVSLLFSYARRPVASKIGCSLSKAAAINILKHHVPKEYLSKNFKLWFAALSRRILQQEVQRERSTNFNNEVHLKNFE
MVFRHPEQPHMIYQRISTFNKEAELYDSTEVFFISECILTYLVGYSIGNSESEFCFRDNIMNENKDKVAPLDKDVLNAIY
PLANNFGMESFICDTYLSVNEPYNCWLSKFARSLIHQISFNIPPIVCLYPLCKGSTAFCELVLTDLFFLSTTYDPKSCLN
WSNRIFTQIAMLLHVKDSEIKLKMLFNVIKMIRMGSRCKERNCLRIYSSLDLQEICQISLKIKEFKFGYLLFEEMNMPNI
REMNINTLQKIYECINDGDFLAGLPVPHSIEGVLNSINRIDSDTWKRFLFNNADFDANYTTSLEEEKESLIKATEDSGFY
GLTSLLESRLSGSSDVYKWNLELGDWKLLTPKVVDSKAKGLYYAIKNLPQDVGFAEKSLEKSLLTIFDSRQHFISQTEWM
DTLNAIIEFIKIAAIPQDVTSFPQTLMSIMKADKERLNTIDFYDHKTTLKSRHTLMNVLSRNSLDENVKCSKYLRLGSII
QLANYVQLAIANGAPQDALRNATLMSKTVKNIAKLYDDPSVVSQIEKLASFTSANALWESREYKAPVMIMRDLLAQNEKN
ISESILYDDFKLLINVPMDQIKARLVKWSSESRLEPAAAIYEKIIVNWDINVEDHESCSDVFYTLGSFLDEQAQKLRSNG
EIEDREHRSYTGKSTLKALELIYKNTKLPENERKDAKRHYNRVLLQYNRDSEVLKALLLQKEKFLWHALHFYLNTLVFSN
RYDNDIIDKFCGLWFENDDNSKINQLLYKEIGTIPSWKFLPWVNQIASKISMEENEFQKPLQLTMKRLLYKLPYDSLYSV
MSILLYEKQSNKDTNISQKIQAVKKILLELQGYDRGAFAKKYLLPVQEFCEMSVELANLKFVQNTKTLRLANLKIGQYWL
KQLNMEKLPLPTSNFTVKSSADGRKARPYIVSVNETVGITTTGLSLPKIVTFNISDGTTQKALMKGSNDDLRQDAIMEQV
FQQVNKVLQNDKVLRNLDLGIRTYKVVPLGPKAGIIEFVANSTSLHQILSKLHTNDKITFDQARKGMKAVQTKSNEERLK
AYLKITNEIKPQLRNFFFDSFPDPLDWFEAKKTYTKGVAASSIVGYILGLGDRHLNNILLDCSTGEPIHIDLGIAFDQGK
LLPIPELVPFRLTRDIVDGFGVTGVDGLFRRSCERVYAVLRKDYVKVMCVLNILKWDPLYSWVMSPVKKYEHLFEEEHEI
TNFDNVSKFISNNDRNENQESYRALKGVEEKLMGNGLSVESSVQDLIQQATDPSNLSVIYMGWSPFY
;
_entity_poly.pdbx_strand_id   A
#
# COMPACT_ATOMS: atom_id res chain seq x y z
N ILE A 6 106.71 -4.94 3.77
CA ILE A 6 105.98 -5.45 4.91
C ILE A 6 104.69 -6.10 4.47
N VAL A 7 104.30 -7.20 5.13
CA VAL A 7 103.03 -7.84 4.78
C VAL A 7 101.91 -6.85 4.98
N GLU A 8 102.06 -6.01 6.00
CA GLU A 8 101.10 -4.98 6.28
C GLU A 8 101.01 -4.02 5.12
N THR A 9 102.14 -3.73 4.48
CA THR A 9 102.14 -2.80 3.36
C THR A 9 101.43 -3.44 2.19
N LEU A 10 101.65 -4.75 2.01
CA LEU A 10 101.00 -5.44 0.93
C LEU A 10 99.49 -5.44 1.15
N ASN A 11 99.08 -5.61 2.41
CA ASN A 11 97.68 -5.60 2.75
C ASN A 11 97.08 -4.23 2.49
N PHE A 12 97.85 -3.19 2.83
CA PHE A 12 97.38 -1.85 2.60
C PHE A 12 97.21 -1.60 1.12
N LEU A 13 98.13 -2.12 0.30
CA LEU A 13 98.04 -1.93 -1.13
C LEU A 13 96.80 -2.61 -1.67
N SER A 14 96.49 -3.80 -1.15
CA SER A 14 95.32 -4.53 -1.58
C SER A 14 94.06 -3.76 -1.25
N SER A 15 94.06 -3.10 -0.09
CA SER A 15 92.92 -2.30 0.33
C SER A 15 92.82 -1.00 -0.47
N THR A 16 93.97 -0.40 -0.78
CA THR A 16 94.03 0.83 -1.55
C THR A 16 93.48 0.58 -2.94
N LYS A 17 93.73 -0.62 -3.43
CA LYS A 17 93.28 -1.03 -4.74
C LYS A 17 91.81 -1.39 -4.65
N ILE A 18 91.00 -0.35 -4.55
CA ILE A 18 89.57 -0.45 -4.33
C ILE A 18 88.79 -0.84 -5.58
N LYS A 19 89.46 -0.86 -6.72
CA LYS A 19 88.80 -1.28 -7.94
C LYS A 19 88.47 -2.73 -7.73
N GLU A 20 87.33 -3.22 -8.23
CA GLU A 20 87.03 -4.62 -7.98
C GLU A 20 87.17 -4.89 -6.49
N ARG A 21 86.52 -4.02 -5.70
CA ARG A 21 86.60 -4.03 -4.25
C ARG A 21 86.25 -5.37 -3.67
N ASN A 22 85.34 -6.11 -4.29
CA ASN A 22 84.99 -7.39 -3.74
C ASN A 22 86.24 -8.30 -3.67
N ASN A 23 87.15 -8.17 -4.65
CA ASN A 23 88.36 -8.99 -4.64
C ASN A 23 89.23 -8.56 -3.47
N ALA A 24 89.27 -7.25 -3.25
CA ALA A 24 90.04 -6.73 -2.14
C ALA A 24 89.44 -7.22 -0.83
N LEU A 25 88.10 -7.31 -0.78
CA LEU A 25 87.40 -7.78 0.42
C LEU A 25 87.75 -9.22 0.70
N ASP A 26 87.84 -10.02 -0.37
CA ASP A 26 88.21 -11.40 -0.22
C ASP A 26 89.63 -11.49 0.31
N GLU A 27 90.51 -10.62 -0.18
CA GLU A 27 91.89 -10.63 0.28
C GLU A 27 91.95 -10.25 1.75
N LEU A 28 91.13 -9.27 2.17
CA LEU A 28 91.11 -8.88 3.57
C LEU A 28 90.60 -10.01 4.43
N THR A 29 89.60 -10.72 3.93
CA THR A 29 89.04 -11.83 4.68
C THR A 29 90.10 -12.90 4.85
N THR A 30 90.88 -13.13 3.81
CA THR A 30 91.94 -14.11 3.89
C THR A 30 93.01 -13.66 4.89
N ILE A 31 93.31 -12.36 4.89
CA ILE A 31 94.32 -11.80 5.78
C ILE A 31 93.90 -11.92 7.24
N LEU A 32 92.61 -11.75 7.49
CA LEU A 32 92.07 -11.84 8.83
C LEU A 32 92.72 -12.98 9.60
N PRO A 40 99.87 -7.91 16.82
CA PRO A 40 99.48 -7.60 15.45
C PRO A 40 98.09 -7.03 15.44
N THR A 41 97.59 -6.72 16.63
CA THR A 41 96.25 -6.17 16.75
C THR A 41 96.10 -4.86 16.01
N LYS A 42 97.16 -4.05 16.00
CA LYS A 42 97.02 -2.80 15.30
C LYS A 42 96.82 -3.09 13.82
N ALA A 43 97.61 -4.04 13.31
CA ALA A 43 97.51 -4.45 11.92
C ALA A 43 96.16 -5.08 11.64
N LEU A 44 95.64 -5.82 12.62
CA LEU A 44 94.35 -6.46 12.46
C LEU A 44 93.29 -5.41 12.20
N SER A 45 93.43 -4.26 12.85
CA SER A 45 92.47 -3.21 12.59
C SER A 45 92.71 -2.63 11.21
N THR A 46 93.98 -2.38 10.89
CA THR A 46 94.38 -1.75 9.64
C THR A 46 93.95 -2.51 8.41
N THR A 47 93.92 -3.82 8.54
CA THR A 47 93.54 -4.70 7.46
C THR A 47 92.15 -4.41 6.95
N ALA A 48 91.27 -3.87 7.81
CA ALA A 48 89.91 -3.58 7.42
C ALA A 48 89.85 -3.19 5.95
N VAL A 52 84.65 1.45 -1.55
CA VAL A 52 84.00 2.67 -1.07
C VAL A 52 83.96 2.62 0.44
N GLU A 53 82.84 2.22 1.03
CA GLU A 53 82.79 2.17 2.48
C GLU A 53 83.84 1.21 3.02
N LEU A 54 84.09 0.12 2.31
CA LEU A 54 85.09 -0.83 2.78
C LEU A 54 86.47 -0.21 2.71
N LEU A 55 86.70 0.59 1.67
CA LEU A 55 87.99 1.22 1.52
C LEU A 55 88.16 2.21 2.64
N ALA A 56 87.06 2.88 2.97
CA ALA A 56 87.05 3.84 4.04
C ALA A 56 87.35 3.16 5.35
N SER A 57 86.79 1.95 5.53
CA SER A 57 87.04 1.20 6.75
C SER A 57 88.51 0.88 6.87
N GLU A 58 89.12 0.51 5.74
CA GLU A 58 90.53 0.20 5.75
C GLU A 58 91.36 1.43 6.11
N HIS A 59 91.02 2.57 5.53
CA HIS A 59 91.79 3.78 5.78
C HIS A 59 91.67 4.30 7.20
N THR A 60 90.46 4.28 7.74
CA THR A 60 90.26 4.79 9.08
C THR A 60 90.92 3.91 10.09
N LYS A 61 90.80 2.59 9.90
CA LYS A 61 91.39 1.68 10.84
C LYS A 61 92.89 1.75 10.77
N TYR A 62 93.44 1.91 9.56
CA TYR A 62 94.87 1.98 9.40
C TYR A 62 95.42 3.22 10.05
N CYS A 63 94.73 4.35 9.94
CA CYS A 63 95.23 5.54 10.58
C CYS A 63 95.27 5.33 12.07
N ASP A 64 94.22 4.69 12.61
CA ASP A 64 94.17 4.44 14.03
C ASP A 64 95.28 3.48 14.45
N LEU A 65 95.55 2.48 13.61
CA LEU A 65 96.60 1.53 13.90
C LEU A 65 97.97 2.17 13.94
N LEU A 66 98.20 3.10 13.01
CA LEU A 66 99.46 3.83 12.90
C LEU A 66 99.70 4.74 14.10
N ARG A 67 98.63 5.36 14.58
CA ARG A 67 98.73 6.26 15.72
C ARG A 67 99.47 5.59 16.85
N LEU A 77 91.65 -0.06 24.02
CA LEU A 77 91.03 -0.75 22.88
C LEU A 77 89.59 -0.32 22.77
N SER A 78 89.13 0.32 23.82
CA SER A 78 87.78 0.83 23.89
C SER A 78 87.56 1.80 22.76
N LEU A 79 88.61 2.53 22.41
CA LEU A 79 88.57 3.50 21.35
C LEU A 79 88.22 2.85 20.02
N SER A 80 88.64 1.61 19.80
CA SER A 80 88.34 0.97 18.53
C SER A 80 86.87 0.67 18.47
N GLU A 81 86.32 0.21 19.59
CA GLU A 81 84.90 -0.07 19.62
C GLU A 81 84.12 1.21 19.43
N ASN A 82 84.62 2.29 20.06
CA ASN A 82 83.99 3.58 19.98
C ASN A 82 84.05 4.12 18.57
N ARG A 83 85.18 3.92 17.90
CA ARG A 83 85.29 4.37 16.55
C ARG A 83 84.33 3.60 15.67
N LEU A 84 84.19 2.30 15.90
CA LEU A 84 83.31 1.48 15.07
C LEU A 84 81.87 1.96 15.13
N SER A 85 81.46 2.39 16.32
CA SER A 85 80.11 2.89 16.55
C SER A 85 79.99 4.39 16.28
N THR A 86 81.08 5.04 15.96
CA THR A 86 81.09 6.48 15.81
C THR A 86 80.39 6.90 14.55
N ILE A 87 79.76 8.05 14.62
CA ILE A 87 79.19 8.67 13.44
C ILE A 87 78.33 7.70 12.65
N SER A 88 77.40 7.04 13.32
CA SER A 88 76.51 6.11 12.63
C SER A 88 75.43 6.94 11.97
N TYR A 89 74.33 7.23 12.64
CA TYR A 89 73.36 8.07 11.93
C TYR A 89 73.98 9.44 11.67
N VAL A 90 74.79 9.90 12.63
CA VAL A 90 75.48 11.19 12.52
C VAL A 90 76.78 10.99 11.77
N LEU A 91 76.64 10.58 10.53
CA LEU A 91 77.72 10.21 9.64
C LEU A 91 78.64 11.33 9.24
N ARG A 92 79.91 10.96 8.93
CA ARG A 92 80.94 11.88 8.42
C ARG A 92 80.49 12.48 7.09
N LEU A 93 79.70 11.71 6.38
CA LEU A 93 79.11 12.01 5.11
C LEU A 93 77.96 11.05 4.97
N PHE A 94 78.32 9.77 5.05
CA PHE A 94 77.36 8.69 5.04
C PHE A 94 78.02 7.50 5.73
N VAL A 95 77.26 6.77 6.54
CA VAL A 95 77.78 5.57 7.22
C VAL A 95 76.77 4.45 7.17
N GLU A 96 75.88 4.54 6.19
CA GLU A 96 74.81 3.56 5.99
C GLU A 96 74.02 3.34 7.27
N LYS A 97 73.73 4.40 8.02
CA LYS A 97 73.00 4.23 9.26
C LYS A 97 72.09 5.41 9.60
N SER A 98 71.57 6.15 8.62
CA SER A 98 70.77 7.35 8.94
C SER A 98 69.59 7.05 9.83
N CYS A 99 68.99 5.88 9.64
CA CYS A 99 67.87 5.47 10.45
C CYS A 99 68.12 4.05 10.95
N GLU A 100 69.41 3.70 11.07
CA GLU A 100 69.87 2.39 11.53
C GLU A 100 69.21 1.22 10.79
N ARG A 101 69.10 1.29 9.48
CA ARG A 101 68.49 0.23 8.70
C ARG A 101 67.16 -0.21 9.33
N LEU A 109 70.64 -8.37 16.22
CA LEU A 109 70.21 -9.21 17.33
C LEU A 109 70.57 -8.51 18.61
N LEU A 110 71.20 -9.23 19.55
CA LEU A 110 71.62 -8.59 20.79
C LEU A 110 72.58 -7.48 20.46
N LEU A 111 73.36 -7.71 19.41
CA LEU A 111 74.31 -6.76 18.92
C LEU A 111 73.63 -5.48 18.47
N ALA A 112 72.41 -5.54 17.91
CA ALA A 112 71.76 -4.34 17.43
C ALA A 112 71.37 -3.48 18.62
N VAL A 113 70.87 -4.14 19.66
CA VAL A 113 70.48 -3.42 20.85
C VAL A 113 71.70 -2.80 21.51
N VAL A 114 72.80 -3.56 21.53
CA VAL A 114 74.03 -3.09 22.12
C VAL A 114 74.57 -1.90 21.36
N PRO A 115 74.46 -1.94 20.03
CA PRO A 115 74.94 -0.85 19.21
C PRO A 115 74.18 0.42 19.49
N GLU A 116 72.87 0.32 19.68
CA GLU A 116 72.10 1.52 19.96
C GLU A 116 72.55 2.13 21.27
N LEU A 117 72.82 1.28 22.27
CA LEU A 117 73.28 1.75 23.55
C LEU A 117 74.65 2.38 23.43
N MET A 118 75.51 1.76 22.63
CA MET A 118 76.84 2.27 22.44
C MET A 118 76.78 3.62 21.76
N VAL A 119 75.87 3.76 20.80
CA VAL A 119 75.74 5.01 20.08
C VAL A 119 75.31 6.10 21.02
N LYS A 120 74.39 5.79 21.93
CA LYS A 120 73.97 6.78 22.88
C LYS A 120 75.12 7.16 23.80
N ASP A 121 75.91 6.17 24.21
CA ASP A 121 77.02 6.43 25.09
C ASP A 121 78.04 7.32 24.41
N GLY A 122 78.27 7.06 23.12
CA GLY A 122 79.21 7.84 22.33
C GLY A 122 78.73 9.27 22.15
N SER A 123 77.43 9.44 21.94
CA SER A 123 76.85 10.75 21.76
C SER A 123 77.07 11.56 23.00
N LYS A 124 77.00 10.89 24.14
CA LYS A 124 77.24 11.51 25.41
C LYS A 124 76.51 12.85 25.47
N LEU A 159 63.88 -4.44 23.73
CA LEU A 159 64.73 -3.26 23.57
C LEU A 159 63.90 -2.02 23.81
N VAL A 160 62.72 -2.23 24.36
CA VAL A 160 61.80 -1.14 24.66
C VAL A 160 62.44 -0.11 25.59
N ASP A 161 63.28 -0.57 26.51
CA ASP A 161 63.94 0.33 27.44
C ASP A 161 64.84 1.32 26.71
N LYS A 162 65.46 0.86 25.62
CA LYS A 162 66.35 1.73 24.89
C LYS A 162 65.52 2.70 24.12
N ILE A 163 64.37 2.24 23.62
CA ILE A 163 63.52 3.11 22.84
C ILE A 163 63.06 4.28 23.67
N CYS A 164 62.75 4.03 24.94
CA CYS A 164 62.32 5.11 25.81
C CYS A 164 63.47 6.05 26.12
N GLU A 165 64.66 5.48 26.36
CA GLU A 165 65.79 6.32 26.66
C GLU A 165 66.12 7.19 25.47
N TYR A 166 66.01 6.60 24.27
CA TYR A 166 66.29 7.26 23.03
C TYR A 166 65.26 8.31 22.70
N PHE A 167 63.98 8.05 22.96
CA PHE A 167 63.02 9.07 22.61
C PHE A 167 63.30 10.33 23.40
N GLN A 168 63.63 10.16 24.68
CA GLN A 168 63.90 11.31 25.49
C GLN A 168 65.22 11.96 25.14
N SER A 169 66.24 11.13 24.92
CA SER A 169 67.54 11.66 24.61
C SER A 169 67.54 12.39 23.29
N GLN A 170 66.80 11.89 22.31
CA GLN A 170 66.76 12.52 21.02
C GLN A 170 66.13 13.89 21.08
N MET A 171 65.06 14.04 21.87
CA MET A 171 64.46 15.35 22.01
C MET A 171 65.41 16.26 22.78
N LYS A 172 66.10 15.69 23.79
CA LYS A 172 67.00 16.47 24.61
C LYS A 172 68.14 17.03 23.79
N LEU A 173 68.65 16.23 22.87
CA LEU A 173 69.72 16.70 22.03
C LEU A 173 70.82 17.31 22.89
N SER A 174 71.11 18.59 22.67
CA SER A 174 72.13 19.36 23.37
C SER A 174 71.87 20.76 22.91
N MET A 175 71.76 20.85 21.61
CA MET A 175 71.34 22.05 20.93
C MET A 175 69.85 21.80 20.75
N VAL A 176 69.05 22.85 20.53
CA VAL A 176 67.58 22.77 20.29
C VAL A 176 66.87 23.68 21.27
N THR A 181 68.60 21.46 10.78
CA THR A 181 67.23 21.35 11.28
C THR A 181 66.50 20.26 10.52
N ASN A 182 67.05 19.91 9.37
CA ASN A 182 66.51 18.87 8.53
C ASN A 182 66.47 17.57 9.30
N PHE A 183 67.46 17.40 10.18
CA PHE A 183 67.58 16.23 11.02
C PHE A 183 66.36 16.05 11.89
N ILE A 184 65.75 17.14 12.35
CA ILE A 184 64.61 17.00 13.21
C ILE A 184 63.43 16.48 12.43
N SER A 185 63.26 16.99 11.21
CA SER A 185 62.15 16.52 10.39
C SER A 185 62.31 15.04 10.10
N ILE A 186 63.56 14.63 9.86
CA ILE A 186 63.83 13.23 9.55
C ILE A 186 63.62 12.32 10.75
N LEU A 187 64.06 12.76 11.94
CA LEU A 187 63.88 11.94 13.11
C LEU A 187 62.41 11.79 13.43
N LEU A 188 61.66 12.88 13.24
CA LEU A 188 60.24 12.87 13.48
C LEU A 188 59.56 11.94 12.51
N ASN A 189 60.02 11.94 11.26
CA ASN A 189 59.46 11.05 10.28
C ASN A 189 59.70 9.63 10.70
N LEU A 190 60.89 9.35 11.22
CA LEU A 190 61.18 8.01 11.66
C LEU A 190 60.29 7.61 12.84
N LEU A 191 60.09 8.54 13.77
CA LEU A 191 59.26 8.26 14.90
C LEU A 191 57.81 8.05 14.49
N ALA A 192 57.33 8.85 13.54
CA ALA A 192 55.94 8.74 13.11
C ALA A 192 55.67 7.40 12.46
N LEU A 193 56.63 6.92 11.66
CA LEU A 193 56.53 5.65 10.95
C LEU A 193 56.36 4.50 11.91
N ASP A 194 56.98 4.61 13.08
CA ASP A 194 56.90 3.57 14.09
C ASP A 194 55.48 3.25 14.51
N THR A 195 54.59 4.26 14.57
CA THR A 195 53.21 4.03 15.04
C THR A 195 53.20 3.34 16.40
N VAL A 196 54.15 3.70 17.24
CA VAL A 196 54.31 3.08 18.54
C VAL A 196 55.16 3.95 19.45
N GLY A 197 56.44 3.61 19.53
CA GLY A 197 57.42 4.27 20.37
C GLY A 197 57.06 4.08 21.85
N ILE A 198 57.82 4.72 22.75
CA ILE A 198 57.63 4.56 24.18
C ILE A 198 56.50 5.36 24.82
N PHE A 199 55.28 5.11 24.35
CA PHE A 199 54.06 5.68 24.87
C PHE A 199 54.20 7.16 25.26
N GLN A 200 53.90 7.44 26.53
CA GLN A 200 53.96 8.77 27.10
C GLN A 200 55.36 9.37 27.10
N VAL A 201 56.39 8.54 27.27
CA VAL A 201 57.73 9.11 27.30
C VAL A 201 58.01 9.68 25.94
N THR A 202 57.57 8.94 24.94
CA THR A 202 57.75 9.34 23.57
C THR A 202 56.93 10.55 23.24
N ARG A 203 55.70 10.60 23.76
CA ARG A 203 54.83 11.72 23.48
C ARG A 203 55.40 13.02 24.06
N THR A 204 55.96 12.94 25.27
CA THR A 204 56.53 14.13 25.87
C THR A 204 57.74 14.59 25.08
N ILE A 205 58.54 13.62 24.64
CA ILE A 205 59.71 13.93 23.87
C ILE A 205 59.30 14.58 22.57
N THR A 206 58.21 14.06 21.97
CA THR A 206 57.72 14.58 20.72
C THR A 206 57.25 16.01 20.86
N TRP A 207 56.58 16.34 21.96
CA TRP A 207 56.12 17.70 22.10
C TRP A 207 57.28 18.67 22.14
N THR A 208 58.33 18.30 22.86
CA THR A 208 59.48 19.18 22.94
C THR A 208 60.19 19.31 21.60
N VAL A 209 60.31 18.19 20.90
CA VAL A 209 60.98 18.20 19.63
C VAL A 209 60.21 19.01 18.61
N ILE A 210 58.88 18.93 18.65
CA ILE A 210 58.07 19.67 17.71
C ILE A 210 58.23 21.14 17.96
N ASP A 211 58.29 21.51 19.24
CA ASP A 211 58.45 22.90 19.63
C ASP A 211 59.78 23.46 19.18
N PHE A 212 60.83 22.65 19.22
CA PHE A 212 62.16 23.10 18.87
C PHE A 212 62.35 23.09 17.36
N LEU A 213 61.64 23.99 16.70
CA LEU A 213 61.59 24.11 15.24
C LEU A 213 62.94 24.43 14.60
N ARG A 214 63.75 25.24 15.30
CA ARG A 214 65.05 25.67 14.81
C ARG A 214 64.96 26.32 13.42
N LEU A 215 65.86 25.94 12.49
CA LEU A 215 65.88 26.56 11.17
C LEU A 215 64.86 25.91 10.24
N SER A 216 63.60 26.14 10.56
CA SER A 216 62.48 25.60 9.83
C SER A 216 62.39 26.23 8.46
N LYS A 217 61.94 25.46 7.48
CA LYS A 217 61.75 25.93 6.11
C LYS A 217 61.52 27.43 6.05
N ASN A 222 62.92 17.72 2.29
CA ASN A 222 62.58 19.00 2.91
C ASN A 222 61.13 18.95 3.37
N THR A 223 60.22 19.56 2.61
CA THR A 223 58.81 19.52 2.98
C THR A 223 58.31 18.08 3.04
N ARG A 224 58.85 17.21 2.18
CA ARG A 224 58.51 15.80 2.20
C ARG A 224 58.91 15.15 3.54
N LEU A 225 60.02 15.59 4.17
CA LEU A 225 60.43 14.99 5.44
C LEU A 225 59.46 15.43 6.51
N ILE A 226 59.05 16.70 6.42
CA ILE A 226 58.07 17.23 7.35
C ILE A 226 56.75 16.48 7.16
N MET A 227 56.42 16.18 5.91
CA MET A 227 55.22 15.46 5.55
C MET A 227 55.30 14.03 6.05
N SER A 228 56.48 13.44 6.05
CA SER A 228 56.57 12.10 6.59
C SER A 228 56.31 12.15 8.11
N LEU A 229 56.82 13.21 8.77
CA LEU A 229 56.62 13.43 10.20
C LEU A 229 55.13 13.64 10.48
N ILE A 230 54.44 14.24 9.50
CA ILE A 230 53.03 14.55 9.51
C ILE A 230 52.17 13.33 9.65
N ASN A 231 52.72 12.15 9.39
CA ASN A 231 51.94 10.96 9.59
C ASN A 231 51.47 10.93 11.05
N GLN A 232 52.28 11.52 11.95
CA GLN A 232 51.92 11.62 13.35
C GLN A 232 51.48 13.05 13.66
N LEU A 233 52.19 14.06 13.12
CA LEU A 233 51.90 15.47 13.45
C LEU A 233 50.53 15.94 12.94
N ILE A 234 49.96 15.27 11.96
CA ILE A 234 48.65 15.65 11.44
C ILE A 234 47.55 15.16 12.40
N LEU A 235 47.97 14.48 13.48
CA LEU A 235 47.12 13.97 14.52
C LEU A 235 47.71 14.43 15.84
N LYS A 236 47.87 15.75 15.97
CA LYS A 236 48.48 16.39 17.12
C LYS A 236 47.50 16.49 18.27
N CYS A 237 47.36 15.40 19.00
CA CYS A 237 46.39 15.28 20.07
C CYS A 237 46.86 14.30 21.11
N HIS A 238 46.26 14.36 22.30
CA HIS A 238 46.61 13.40 23.33
C HIS A 238 45.39 13.01 24.15
N CYS A 239 45.40 11.75 24.60
CA CYS A 239 44.38 11.13 25.46
C CYS A 239 42.97 11.12 24.84
N PHE A 240 42.88 11.28 23.52
CA PHE A 240 41.58 11.23 22.82
C PHE A 240 41.16 9.80 22.50
N SER A 241 42.14 8.93 22.26
CA SER A 241 41.92 7.54 21.91
C SER A 241 43.00 6.69 22.56
N VAL A 242 43.13 6.84 23.87
CA VAL A 242 44.13 6.08 24.58
C VAL A 242 43.70 4.63 24.53
N ILE A 243 44.66 3.70 24.52
CA ILE A 243 44.32 2.27 24.50
C ILE A 243 43.38 1.97 23.33
N ASP A 244 43.71 2.58 22.18
CA ASP A 244 42.93 2.44 20.96
C ASP A 244 43.73 2.92 19.77
N THR A 245 44.32 4.10 19.92
CA THR A 245 45.06 4.77 18.86
C THR A 245 46.18 3.90 18.34
N LEU A 246 46.79 3.08 19.17
CA LEU A 246 47.88 2.25 18.69
C LEU A 246 47.46 1.35 17.53
N MET A 247 46.22 0.84 17.55
CA MET A 247 45.83 -0.02 16.45
C MET A 247 45.60 0.85 15.23
N LEU A 248 45.02 2.03 15.46
CA LEU A 248 44.77 2.94 14.36
C LEU A 248 46.07 3.41 13.73
N ILE A 249 47.08 3.65 14.57
CA ILE A 249 48.38 4.14 14.13
C ILE A 249 49.08 3.13 13.26
N LYS A 250 48.97 1.84 13.62
CA LYS A 250 49.60 0.82 12.81
C LYS A 250 48.97 0.76 11.43
N GLU A 251 47.64 0.91 11.38
CA GLU A 251 46.96 0.91 10.11
C GLU A 251 47.39 2.11 9.28
N ALA A 252 47.56 3.26 9.96
CA ALA A 252 47.99 4.47 9.29
C ALA A 252 49.39 4.29 8.71
N TRP A 253 50.27 3.60 9.44
CA TRP A 253 51.63 3.38 8.95
C TRP A 253 51.60 2.57 7.67
N SER A 254 50.71 1.57 7.63
CA SER A 254 50.61 0.77 6.43
C SER A 254 50.13 1.62 5.26
N TYR A 255 49.20 2.54 5.52
CA TYR A 255 48.72 3.42 4.47
C TYR A 255 49.81 4.42 4.06
N ASN A 256 50.60 4.88 5.03
CA ASN A 256 51.68 5.82 4.80
C ASN A 256 52.72 5.20 3.88
N LEU A 257 52.88 3.88 4.00
CA LEU A 257 53.83 3.08 3.23
C LEU A 257 53.60 3.16 1.73
N THR A 258 52.42 3.65 1.31
CA THR A 258 52.07 3.83 -0.08
C THR A 258 53.01 4.82 -0.78
N ILE A 259 53.65 5.68 0.02
CA ILE A 259 54.54 6.71 -0.47
C ILE A 259 55.65 6.09 -1.28
N GLY A 260 56.02 6.81 -2.32
CA GLY A 260 56.98 6.49 -3.35
C GLY A 260 56.20 6.54 -4.65
N CYS A 261 55.51 5.45 -4.97
CA CYS A 261 54.66 5.47 -6.15
C CYS A 261 53.51 6.45 -5.94
N THR A 262 52.98 6.48 -4.71
CA THR A 262 51.89 7.39 -4.39
C THR A 262 52.36 8.82 -4.48
N SER A 263 53.63 9.08 -4.11
CA SER A 263 54.14 10.42 -4.13
C SER A 263 54.24 10.95 -5.54
N ASN A 264 54.70 10.09 -6.45
CA ASN A 264 54.82 10.48 -7.83
C ASN A 264 53.46 10.78 -8.42
N GLU A 265 52.47 9.93 -8.07
CA GLU A 265 51.11 10.12 -8.55
C GLU A 265 50.52 11.41 -8.00
N LEU A 266 50.79 11.69 -6.73
CA LEU A 266 50.27 12.89 -6.12
C LEU A 266 50.85 14.11 -6.78
N VAL A 267 52.14 14.08 -7.12
CA VAL A 267 52.74 15.25 -7.76
C VAL A 267 52.08 15.52 -9.09
N GLN A 268 51.83 14.44 -9.85
CA GLN A 268 51.25 14.62 -11.15
C GLN A 268 49.83 15.13 -11.07
N ASP A 269 49.05 14.58 -10.16
CA ASP A 269 47.66 14.96 -10.05
C ASP A 269 47.53 16.38 -9.52
N GLN A 270 48.38 16.74 -8.57
CA GLN A 270 48.34 18.03 -7.92
C GLN A 270 48.61 19.15 -8.90
N LEU A 271 49.58 18.92 -9.78
CA LEU A 271 49.90 19.90 -10.77
C LEU A 271 48.87 19.92 -11.89
N SER A 272 48.33 18.75 -12.23
CA SER A 272 47.37 18.65 -13.32
C SER A 272 46.05 19.35 -13.06
N LEU A 273 45.54 19.24 -11.82
CA LEU A 273 44.26 19.85 -11.48
C LEU A 273 44.30 21.38 -11.38
N PHE A 274 45.41 21.93 -10.92
CA PHE A 274 45.58 23.36 -10.70
C PHE A 274 47.06 23.69 -10.80
N ASP A 275 47.70 23.90 -9.66
CA ASP A 275 49.13 24.12 -9.62
C ASP A 275 49.66 23.78 -8.24
N VAL A 276 49.24 22.65 -7.68
CA VAL A 276 49.71 22.26 -6.37
C VAL A 276 50.93 21.39 -6.55
N MET A 277 51.82 21.37 -5.57
CA MET A 277 52.98 20.50 -5.71
C MET A 277 52.76 19.08 -5.20
N SER A 278 52.15 18.92 -4.03
CA SER A 278 52.11 17.59 -3.44
C SER A 278 53.55 17.07 -3.47
N SER A 279 53.85 16.03 -4.25
CA SER A 279 55.21 15.46 -4.30
C SER A 279 55.73 15.09 -2.93
N GLU A 280 54.87 14.41 -2.19
CA GLU A 280 55.08 13.91 -0.84
C GLU A 280 55.13 15.00 0.21
N LEU A 281 54.91 16.26 -0.15
CA LEU A 281 54.86 17.34 0.83
C LEU A 281 53.42 17.60 1.26
N MET A 282 52.50 16.88 0.66
CA MET A 282 51.09 17.12 0.90
C MET A 282 50.73 16.97 2.37
N ASN A 283 51.35 16.03 3.04
CA ASN A 283 51.00 15.85 4.43
C ASN A 283 51.61 16.94 5.29
N HIS A 284 52.59 17.70 4.78
CA HIS A 284 53.18 18.76 5.58
C HIS A 284 52.09 19.80 5.76
N LYS A 285 51.29 19.99 4.69
CA LYS A 285 50.17 20.91 4.75
C LYS A 285 49.14 20.38 5.73
N LEU A 286 48.95 19.06 5.74
CA LEU A 286 48.01 18.45 6.67
C LEU A 286 48.47 18.66 8.12
N PRO A 287 49.79 18.56 8.36
CA PRO A 287 50.31 18.79 9.70
C PRO A 287 50.09 20.22 10.09
N TYR A 288 50.25 21.16 9.15
CA TYR A 288 50.03 22.55 9.46
C TYR A 288 48.57 22.80 9.86
N MET A 289 47.64 22.12 9.17
CA MET A 289 46.22 22.25 9.51
C MET A 289 45.96 21.70 10.91
N ILE A 290 46.60 20.58 11.24
CA ILE A 290 46.46 20.02 12.56
C ILE A 290 47.03 20.94 13.60
N GLY A 291 48.15 21.59 13.29
CA GLY A 291 48.78 22.49 14.22
C GLY A 291 47.87 23.66 14.52
N GLN A 292 47.18 24.18 13.50
CA GLN A 292 46.26 25.28 13.73
C GLN A 292 45.13 24.84 14.63
N GLU A 293 44.62 23.62 14.39
CA GLU A 293 43.56 23.09 15.19
C GLU A 293 44.00 22.88 16.63
N ASN A 294 45.25 22.42 16.81
CA ASN A 294 45.77 22.23 18.14
C ASN A 294 45.92 23.55 18.85
N TYR A 295 46.37 24.58 18.14
CA TYR A 295 46.56 25.90 18.72
C TYR A 295 45.24 26.46 19.23
N VAL A 296 44.18 26.16 18.51
CA VAL A 296 42.84 26.63 18.84
C VAL A 296 42.20 25.81 19.96
N GLU A 297 42.84 24.73 20.39
CA GLU A 297 42.28 23.86 21.41
C GLU A 297 42.60 24.39 22.80
N TYR A 308 54.98 12.85 35.44
CA TYR A 308 55.18 14.29 35.40
C TYR A 308 55.14 14.77 33.97
N ARG A 309 55.21 13.80 33.08
CA ARG A 309 55.19 14.04 31.64
C ARG A 309 53.91 14.76 31.28
N GLU A 310 52.83 14.42 31.99
CA GLU A 310 51.54 15.02 31.78
C GLU A 310 51.57 16.52 32.02
N TYR A 311 52.38 16.99 32.97
CA TYR A 311 52.39 18.41 33.25
C TYR A 311 53.03 19.12 32.08
N ILE A 312 54.10 18.51 31.56
CA ILE A 312 54.79 19.10 30.42
C ILE A 312 53.87 19.15 29.22
N LEU A 313 53.08 18.09 29.04
CA LEU A 313 52.15 18.04 27.94
C LEU A 313 51.06 19.08 28.09
N LEU A 314 50.55 19.29 29.32
CA LEU A 314 49.53 20.28 29.52
C LEU A 314 50.06 21.66 29.21
N ARG A 315 51.31 21.91 29.60
CA ARG A 315 51.88 23.20 29.34
C ARG A 315 52.02 23.41 27.84
N LEU A 316 52.42 22.35 27.13
CA LEU A 316 52.57 22.42 25.70
C LEU A 316 51.24 22.70 25.03
N SER A 317 50.17 22.12 25.56
CA SER A 317 48.86 22.33 24.97
C SER A 317 48.50 23.79 25.00
N ASN A 318 48.90 24.49 26.05
CA ASN A 318 48.62 25.91 26.13
C ASN A 318 49.61 26.73 25.28
N TYR A 319 50.87 26.31 25.27
CA TYR A 319 51.91 27.02 24.53
C TYR A 319 51.58 27.05 23.06
N LYS A 320 50.97 25.96 22.59
CA LYS A 320 50.58 25.72 21.22
C LYS A 320 49.71 26.80 20.68
N PRO A 321 49.01 27.52 21.55
CA PRO A 321 48.13 28.55 21.06
C PRO A 321 48.92 29.56 20.24
N GLN A 322 50.19 29.84 20.64
CA GLN A 322 51.03 30.79 19.91
C GLN A 322 52.46 30.29 19.73
N LEU A 323 52.72 29.05 20.08
CA LEU A 323 54.05 28.53 19.89
C LEU A 323 54.21 28.19 18.43
N PHE A 324 54.63 29.17 17.64
CA PHE A 324 54.72 29.06 16.20
C PHE A 324 55.95 28.29 15.79
N THR A 325 55.95 27.02 16.15
CA THR A 325 57.06 26.10 15.95
C THR A 325 57.03 25.59 14.54
N VAL A 326 57.66 26.39 13.67
CA VAL A 326 57.70 26.23 12.21
C VAL A 326 56.38 26.64 11.58
N ASN A 327 55.48 27.21 12.37
CA ASN A 327 54.25 27.72 11.82
C ASN A 327 54.54 28.95 11.00
N HIS A 328 55.54 29.73 11.42
CA HIS A 328 55.90 30.90 10.66
C HIS A 328 56.48 30.46 9.34
N VAL A 329 57.23 29.35 9.37
CA VAL A 329 57.84 28.82 8.17
C VAL A 329 56.74 28.39 7.23
N GLU A 330 55.68 27.79 7.80
CA GLU A 330 54.55 27.36 7.01
C GLU A 330 53.86 28.56 6.40
N PHE A 331 53.76 29.65 7.14
CA PHE A 331 53.12 30.85 6.64
C PHE A 331 53.83 31.37 5.39
N SER A 332 55.15 31.24 5.35
CA SER A 332 55.91 31.69 4.19
C SER A 332 55.85 30.67 3.05
N TYR A 333 55.91 29.38 3.41
CA TYR A 333 55.87 28.29 2.44
C TYR A 333 54.55 28.32 1.71
N ILE A 334 53.51 28.78 2.43
CA ILE A 334 52.13 28.88 2.00
C ILE A 334 51.96 29.73 0.76
N ARG A 335 52.94 30.55 0.40
CA ARG A 335 52.79 31.34 -0.81
C ARG A 335 52.53 30.39 -1.99
N GLY A 336 53.12 29.19 -1.94
CA GLY A 336 52.92 28.17 -2.96
C GLY A 336 51.47 27.71 -3.01
N SER A 337 50.79 27.69 -1.86
CA SER A 337 49.41 27.25 -1.77
C SER A 337 48.52 28.28 -2.39
N ARG A 338 48.90 29.55 -2.18
CA ARG A 338 48.14 30.64 -2.75
C ARG A 338 48.19 30.54 -4.26
N ASP A 339 49.37 30.18 -4.78
CA ASP A 339 49.54 30.01 -6.21
C ASP A 339 48.69 28.85 -6.73
N LYS A 340 48.65 27.75 -5.98
CA LYS A 340 47.84 26.61 -6.39
C LYS A 340 46.37 26.96 -6.40
N ASN A 341 45.93 27.73 -5.40
CA ASN A 341 44.54 28.13 -5.31
C ASN A 341 44.15 29.03 -6.48
N SER A 342 45.06 29.93 -6.84
CA SER A 342 44.79 30.82 -7.95
C SER A 342 44.67 30.03 -9.25
N TRP A 343 45.51 29.02 -9.40
CA TRP A 343 45.44 28.20 -10.58
C TRP A 343 44.12 27.45 -10.66
N PHE A 344 43.63 26.98 -9.50
CA PHE A 344 42.38 26.25 -9.43
C PHE A 344 41.20 27.11 -9.86
N ALA A 345 41.25 28.39 -9.48
CA ALA A 345 40.21 29.33 -9.80
C ALA A 345 39.86 29.26 -11.29
N TRP A 360 27.99 32.09 -12.14
CA TRP A 360 28.47 32.54 -10.83
C TRP A 360 29.91 32.95 -10.97
N LEU A 361 30.32 33.05 -12.22
CA LEU A 361 31.69 33.35 -12.59
C LEU A 361 32.20 34.63 -11.98
N LYS A 362 31.37 35.65 -11.85
CA LYS A 362 31.85 36.90 -11.27
C LYS A 362 32.32 36.73 -9.83
N ILE A 363 31.64 35.87 -9.07
CA ILE A 363 31.99 35.70 -7.68
C ILE A 363 33.26 34.89 -7.60
N LEU A 364 33.35 33.91 -8.51
CA LEU A 364 34.52 33.06 -8.59
C LEU A 364 35.74 33.84 -9.02
N GLY A 365 35.52 34.80 -9.93
CA GLY A 365 36.54 35.68 -10.47
C GLY A 365 37.12 36.57 -9.39
N ILE A 366 36.29 36.95 -8.43
CA ILE A 366 36.74 37.78 -7.35
C ILE A 366 37.82 37.07 -6.57
N THR A 367 38.81 37.84 -6.13
CA THR A 367 39.90 37.27 -5.36
C THR A 367 39.52 37.12 -3.90
N LYS A 368 38.32 37.57 -3.56
CA LYS A 368 37.85 37.59 -2.18
C LYS A 368 38.86 38.33 -1.35
N SER A 369 39.34 39.45 -1.89
CA SER A 369 40.37 40.28 -1.30
C SER A 369 41.60 39.46 -0.98
N LEU A 370 42.00 38.56 -1.90
CA LEU A 370 43.15 37.71 -1.67
C LEU A 370 42.95 37.04 -0.33
N LEU A 371 41.80 36.37 -0.19
CA LEU A 371 41.40 35.79 1.09
C LEU A 371 42.43 34.86 1.67
N THR A 372 43.16 34.11 0.86
CA THR A 372 44.15 33.22 1.46
C THR A 372 45.21 34.02 2.25
N TYR A 373 45.57 35.21 1.73
CA TYR A 373 46.58 36.02 2.37
C TYR A 373 45.98 36.72 3.54
N PHE A 374 44.73 37.11 3.38
CA PHE A 374 44.02 37.81 4.42
C PHE A 374 43.88 36.90 5.63
N ALA A 375 43.65 35.62 5.37
CA ALA A 375 43.50 34.63 6.43
C ALA A 375 44.77 34.47 7.23
N LEU A 376 45.90 34.44 6.52
CA LEU A 376 47.17 34.34 7.21
C LEU A 376 47.42 35.59 8.04
N ASN A 377 47.07 36.75 7.47
CA ASN A 377 47.25 37.99 8.18
C ASN A 377 46.37 38.02 9.41
N ARG A 378 45.15 37.50 9.26
CA ARG A 378 44.22 37.48 10.36
C ARG A 378 44.75 36.62 11.47
N LYS A 379 45.33 35.48 11.12
CA LYS A 379 45.88 34.61 12.14
C LYS A 379 47.05 35.27 12.83
N ASN A 380 47.89 35.95 12.07
CA ASN A 380 49.04 36.60 12.65
C ASN A 380 48.62 37.70 13.60
N GLU A 381 47.58 38.45 13.21
CA GLU A 381 47.07 39.53 14.02
C GLU A 381 46.44 38.99 15.30
N ASN A 382 45.72 37.87 15.17
CA ASN A 382 45.07 37.21 16.29
C ASN A 382 46.10 36.75 17.29
N TYR A 383 47.26 36.34 16.77
CA TYR A 383 48.42 35.89 17.53
C TYR A 383 48.25 34.51 18.14
N SER A 384 47.12 34.28 18.82
CA SER A 384 46.93 32.99 19.47
C SER A 384 45.52 32.42 19.34
N LEU A 385 45.48 31.09 19.19
CA LEU A 385 44.24 30.30 19.18
C LEU A 385 43.16 30.91 18.27
N LEU A 386 43.53 31.19 17.02
CA LEU A 386 42.65 31.86 16.07
C LEU A 386 41.75 30.90 15.30
N PHE A 387 42.19 30.44 14.12
CA PHE A 387 41.36 29.60 13.28
C PHE A 387 40.01 30.27 13.11
N LYS A 388 38.92 29.54 13.32
CA LYS A 388 37.60 30.11 13.20
C LYS A 388 37.43 30.89 11.90
N ARG A 389 36.99 32.15 11.99
CA ARG A 389 36.71 32.97 10.81
C ARG A 389 37.97 33.58 10.23
N ARG A 390 38.78 32.74 9.63
CA ARG A 390 40.07 33.16 9.11
C ARG A 390 39.92 33.81 7.74
N LYS A 391 39.35 35.01 7.74
CA LYS A 391 39.13 35.86 6.56
C LYS A 391 38.46 35.16 5.39
N CYS A 392 37.43 34.37 5.65
CA CYS A 392 36.77 33.65 4.58
C CYS A 392 35.78 34.54 3.85
N ASP A 393 36.31 35.54 3.16
CA ASP A 393 35.52 36.51 2.41
C ASP A 393 34.90 35.83 1.22
N SER A 394 33.67 36.19 0.89
CA SER A 394 33.03 35.65 -0.31
C SER A 394 33.20 34.13 -0.37
N ASP A 395 32.91 33.44 0.73
CA ASP A 395 33.14 32.00 0.79
C ASP A 395 32.04 31.17 0.15
N ILE A 396 31.98 31.29 -1.17
CA ILE A 396 31.03 30.65 -2.09
C ILE A 396 29.66 31.30 -2.04
N PRO A 397 29.02 31.35 -3.20
CA PRO A 397 27.66 31.85 -3.29
C PRO A 397 27.00 31.29 -4.52
N SER A 398 25.67 31.15 -4.47
CA SER A 398 24.93 30.76 -5.66
C SER A 398 24.64 32.03 -6.45
N ILE A 399 25.70 32.63 -6.94
CA ILE A 399 25.65 33.91 -7.63
C ILE A 399 25.01 33.77 -9.00
N LEU A 400 24.97 32.54 -9.50
CA LEU A 400 24.41 32.25 -10.80
C LEU A 400 24.60 33.40 -11.76
N THR A 408 28.31 25.08 -4.55
CA THR A 408 27.25 24.11 -4.31
C THR A 408 27.89 22.77 -3.98
N PHE A 409 28.07 21.90 -4.97
CA PHE A 409 28.71 20.63 -4.69
C PHE A 409 30.14 20.85 -4.23
N LEU A 410 30.79 21.83 -4.85
CA LEU A 410 32.15 22.16 -4.50
C LEU A 410 32.18 22.74 -3.10
N ILE A 411 31.17 23.54 -2.75
CA ILE A 411 31.12 24.14 -1.44
C ILE A 411 30.98 23.06 -0.38
N HIS A 412 30.17 22.03 -0.68
CA HIS A 412 30.00 20.93 0.26
C HIS A 412 31.32 20.19 0.43
N LEU A 413 32.05 20.00 -0.68
CA LEU A 413 33.33 19.34 -0.59
C LEU A 413 34.32 20.17 0.21
N LEU A 414 34.27 21.49 0.01
CA LEU A 414 35.16 22.38 0.73
C LEU A 414 34.89 22.32 2.22
N GLU A 415 33.61 22.25 2.58
CA GLU A 415 33.28 22.15 3.99
C GLU A 415 33.80 20.85 4.56
N GLU A 416 33.68 19.76 3.81
CA GLU A 416 34.16 18.45 4.26
C GLU A 416 35.67 18.47 4.49
N ASN A 417 36.36 19.22 3.64
CA ASN A 417 37.81 19.34 3.68
C ASN A 417 38.29 20.31 4.76
N SER A 418 37.37 21.01 5.41
CA SER A 418 37.73 22.00 6.39
C SER A 418 38.02 21.33 7.73
N SER A 442 39.64 13.43 -7.95
CA SER A 442 40.18 14.48 -7.10
C SER A 442 41.68 14.35 -6.95
N PHE A 443 42.41 15.41 -7.32
CA PHE A 443 43.87 15.37 -7.14
C PHE A 443 44.18 15.18 -5.68
N ALA A 444 43.33 15.71 -4.83
CA ALA A 444 43.49 15.57 -3.41
C ALA A 444 43.51 14.10 -3.01
N GLU A 445 42.76 13.24 -3.70
CA GLU A 445 42.77 11.84 -3.34
C GLU A 445 44.14 11.27 -3.59
N GLN A 446 44.78 11.72 -4.68
CA GLN A 446 46.12 11.21 -4.97
C GLN A 446 47.06 11.66 -3.86
N LEU A 447 46.87 12.90 -3.41
CA LEU A 447 47.68 13.44 -2.33
C LEU A 447 47.43 12.66 -1.06
N LYS A 448 46.17 12.27 -0.81
CA LYS A 448 45.80 11.51 0.36
C LYS A 448 46.47 10.15 0.37
N GLU A 449 46.59 9.53 -0.80
CA GLU A 449 47.24 8.25 -0.85
C GLU A 449 48.68 8.36 -0.39
N LEU A 450 49.36 9.43 -0.83
CA LEU A 450 50.74 9.66 -0.43
C LEU A 450 50.85 10.00 1.06
N LEU A 451 49.88 10.78 1.58
CA LEU A 451 49.84 11.18 2.98
C LEU A 451 49.62 10.00 3.92
N PHE A 452 48.80 9.05 3.44
CA PHE A 452 48.37 7.82 4.07
C PHE A 452 46.89 7.64 3.75
N ASN A 481 21.01 30.29 -22.11
CA ASN A 481 22.33 30.85 -21.85
C ASN A 481 23.33 29.74 -21.69
N GLY A 482 22.86 28.53 -21.94
CA GLY A 482 23.68 27.33 -21.82
C GLY A 482 24.91 27.43 -22.71
N ASP A 483 24.76 28.02 -23.88
CA ASP A 483 25.87 28.16 -24.79
C ASP A 483 26.96 29.03 -24.25
N MET A 484 26.61 30.07 -23.50
CA MET A 484 27.65 30.95 -22.99
C MET A 484 28.42 30.22 -21.94
N ALA A 485 27.68 29.44 -21.14
CA ALA A 485 28.29 28.69 -20.07
C ALA A 485 29.18 27.60 -20.62
N ARG A 486 28.74 26.94 -21.69
CA ARG A 486 29.51 25.88 -22.29
C ARG A 486 30.77 26.41 -22.92
N LEU A 487 30.68 27.56 -23.58
CA LEU A 487 31.83 28.13 -24.20
C LEU A 487 32.84 28.57 -23.18
N PHE A 488 32.37 29.19 -22.08
CA PHE A 488 33.29 29.64 -21.06
C PHE A 488 33.92 28.48 -20.32
N LYS A 489 33.11 27.45 -20.04
CA LYS A 489 33.60 26.29 -19.32
C LYS A 489 34.64 25.55 -20.13
N VAL A 490 34.41 25.41 -21.44
CA VAL A 490 35.35 24.73 -22.30
C VAL A 490 36.57 25.60 -22.56
N CYS A 491 36.40 26.90 -22.77
CA CYS A 491 37.51 27.79 -23.06
C CYS A 491 38.48 27.83 -21.89
N LEU A 492 37.93 27.75 -20.69
CA LEU A 492 38.70 27.79 -19.47
C LEU A 492 39.55 26.54 -19.27
N PRO A 493 39.24 25.47 -19.98
CA PRO A 493 39.97 24.24 -19.79
C PRO A 493 41.41 24.42 -20.24
N SER A 504 38.22 22.78 -15.64
CA SER A 504 37.18 22.28 -14.77
C SER A 504 35.83 22.43 -15.46
N CYS A 505 35.83 22.24 -16.77
CA CYS A 505 34.61 22.37 -17.56
C CYS A 505 33.55 21.43 -17.05
N LEU A 506 34.00 20.24 -16.64
CA LEU A 506 33.14 19.22 -16.11
C LEU A 506 32.50 19.65 -14.80
N LEU A 507 33.20 20.44 -13.98
CA LEU A 507 32.61 20.80 -12.71
C LEU A 507 31.45 21.74 -12.96
N LEU A 508 31.66 22.65 -13.91
CA LEU A 508 30.62 23.61 -14.24
C LEU A 508 29.42 22.89 -14.81
N ALA A 509 29.68 21.89 -15.66
CA ALA A 509 28.62 21.11 -16.27
C ALA A 509 27.93 20.22 -15.25
N ASN A 510 28.70 19.62 -14.34
CA ASN A 510 28.11 18.76 -13.35
C ASN A 510 27.12 19.50 -12.47
N SER A 511 27.47 20.73 -12.12
CA SER A 511 26.59 21.54 -11.30
C SER A 511 25.41 22.11 -12.09
N ILE A 512 25.66 22.52 -13.34
CA ILE A 512 24.63 23.14 -14.17
C ILE A 512 23.64 22.18 -14.84
N LYS A 513 24.08 20.98 -15.19
CA LYS A 513 23.24 20.05 -15.91
C LYS A 513 23.37 18.64 -15.34
N SER A 520 19.55 26.95 -26.43
CA SER A 520 20.97 27.27 -26.61
C SER A 520 21.77 25.99 -26.59
N ASP A 521 21.06 24.89 -26.49
CA ASP A 521 21.66 23.57 -26.42
C ASP A 521 22.50 23.23 -27.64
N GLU A 522 22.10 23.67 -28.83
CA GLU A 522 22.87 23.35 -30.02
C GLU A 522 24.21 24.02 -29.99
N LYS A 523 24.24 25.24 -29.49
CA LYS A 523 25.47 25.99 -29.43
C LYS A 523 26.30 25.49 -28.26
N THR A 524 25.64 25.08 -27.18
CA THR A 524 26.36 24.55 -26.04
C THR A 524 27.07 23.26 -26.44
N ILE A 525 26.37 22.42 -27.23
CA ILE A 525 26.94 21.19 -27.73
C ILE A 525 28.04 21.48 -28.70
N ASN A 526 27.91 22.52 -29.53
CA ASN A 526 28.99 22.86 -30.44
C ASN A 526 30.28 23.19 -29.67
N GLN A 527 30.17 23.88 -28.52
CA GLN A 527 31.37 24.14 -27.74
C GLN A 527 31.97 22.83 -27.22
N ILE A 528 31.08 21.91 -26.79
CA ILE A 528 31.52 20.59 -26.33
C ILE A 528 32.14 19.79 -27.46
N TYR A 529 31.60 19.95 -28.66
CA TYR A 529 32.08 19.27 -29.83
C TYR A 529 33.50 19.70 -30.13
N ASP A 530 33.76 21.01 -30.02
CA ASP A 530 35.09 21.51 -30.23
C ASP A 530 36.04 20.98 -29.18
N LEU A 531 35.56 20.90 -27.93
CA LEU A 531 36.38 20.39 -26.83
C LEU A 531 36.73 18.93 -27.08
N TYR A 532 35.79 18.16 -27.61
CA TYR A 532 36.08 16.77 -27.91
C TYR A 532 37.13 16.66 -28.99
N GLU A 533 37.02 17.51 -30.02
CA GLU A 533 37.95 17.49 -31.13
C GLU A 533 39.36 17.76 -30.66
N LEU A 534 39.47 18.63 -29.66
CA LEU A 534 40.73 19.04 -29.06
C LEU A 534 41.47 17.90 -28.34
N SER A 535 40.76 16.81 -28.01
CA SER A 535 41.35 15.69 -27.30
C SER A 535 42.79 15.47 -27.73
N ASN A 545 39.16 12.39 -18.61
CA ASN A 545 37.82 11.90 -18.88
C ASN A 545 36.84 12.99 -18.56
N GLU A 546 37.39 14.12 -18.19
CA GLU A 546 36.60 15.28 -17.83
C GLU A 546 35.70 15.68 -18.97
N SER A 547 36.17 15.52 -20.21
CA SER A 547 35.33 15.88 -21.33
C SER A 547 34.06 15.04 -21.35
N PHE A 548 34.15 13.75 -20.98
CA PHE A 548 32.99 12.90 -21.03
C PHE A 548 32.06 13.28 -19.92
N MET A 549 32.64 13.62 -18.78
CA MET A 549 31.85 14.00 -17.64
C MET A 549 31.06 15.27 -17.95
N LEU A 550 31.72 16.21 -18.63
CA LEU A 550 31.07 17.46 -18.96
C LEU A 550 29.92 17.20 -19.91
N TRP A 551 30.15 16.30 -20.87
CA TRP A 551 29.14 15.95 -21.83
C TRP A 551 28.00 15.19 -21.19
N GLY A 552 28.31 14.30 -20.26
CA GLY A 552 27.29 13.50 -19.59
C GLY A 552 26.35 14.36 -18.81
N TYR A 553 26.88 15.37 -18.13
CA TYR A 553 26.00 16.23 -17.42
C TYR A 553 25.17 17.04 -18.40
N LEU A 554 25.82 17.54 -19.45
CA LEU A 554 25.11 18.35 -20.45
C LEU A 554 24.01 17.56 -21.13
N GLN A 555 24.26 16.28 -21.35
CA GLN A 555 23.38 15.35 -22.02
C GLN A 555 22.27 14.83 -21.13
N TYR A 556 22.31 15.15 -19.85
CA TYR A 556 21.35 14.68 -18.86
C TYR A 556 20.18 13.96 -19.48
N ILE A 567 18.31 14.58 -29.77
CA ILE A 567 18.70 15.99 -29.71
C ILE A 567 19.68 16.31 -30.81
N SER A 568 19.33 17.27 -31.66
CA SER A 568 20.21 17.67 -32.76
C SER A 568 21.55 18.14 -32.22
N SER A 569 21.50 18.77 -31.06
CA SER A 569 22.69 19.26 -30.43
C SER A 569 23.67 18.14 -30.13
N ALA A 570 23.13 17.00 -29.69
CA ALA A 570 23.96 15.88 -29.35
C ALA A 570 24.48 15.23 -30.59
N ASP A 571 23.66 15.21 -31.64
CA ASP A 571 24.09 14.58 -32.87
C ASP A 571 25.31 15.28 -33.44
N ARG A 572 25.33 16.61 -33.35
CA ARG A 572 26.46 17.37 -33.85
C ARG A 572 27.72 17.06 -33.07
N ILE A 573 27.57 16.97 -31.76
CA ILE A 573 28.68 16.65 -30.93
C ILE A 573 29.14 15.24 -31.17
N PHE A 574 28.22 14.32 -31.43
CA PHE A 574 28.59 12.93 -31.64
C PHE A 574 29.51 12.79 -32.82
N GLU A 575 29.22 13.51 -33.89
CA GLU A 575 30.08 13.41 -35.06
C GLU A 575 31.47 13.93 -34.76
N TRP A 576 31.52 15.04 -34.02
CA TRP A 576 32.81 15.60 -33.65
C TRP A 576 33.56 14.66 -32.73
N LEU A 577 32.81 14.00 -31.84
CA LEU A 577 33.38 13.06 -30.91
C LEU A 577 33.97 11.90 -31.66
N LYS A 578 33.31 11.48 -32.74
CA LYS A 578 33.85 10.39 -33.52
C LYS A 578 35.16 10.79 -34.14
N SER A 579 35.22 12.03 -34.65
CA SER A 579 36.45 12.53 -35.25
C SER A 579 37.54 12.60 -34.20
N LYS A 580 37.17 12.97 -32.98
CA LYS A 580 38.11 13.06 -31.89
C LYS A 580 38.68 11.70 -31.53
N TRP A 581 37.81 10.67 -31.54
CA TRP A 581 38.23 9.31 -31.23
C TRP A 581 39.26 8.85 -32.24
N ASN A 582 39.03 9.26 -33.47
CA ASN A 582 39.87 8.97 -34.60
C ASN A 582 39.26 9.62 -35.82
N GLN A 593 40.99 10.04 -17.85
CA GLN A 593 41.29 9.94 -19.28
C GLN A 593 40.25 9.11 -20.00
N PHE A 594 40.13 9.37 -21.30
CA PHE A 594 39.19 8.67 -22.16
C PHE A 594 37.74 8.80 -21.68
N CYS A 595 37.07 7.66 -21.44
CA CYS A 595 35.65 7.57 -21.06
C CYS A 595 34.82 7.84 -22.30
N ASN A 596 34.99 9.01 -22.88
CA ASN A 596 34.45 9.35 -24.17
C ASN A 596 32.96 9.05 -24.28
N PHE A 597 32.64 7.95 -24.97
CA PHE A 597 31.30 7.47 -25.33
C PHE A 597 30.48 7.18 -24.08
N ILE A 598 31.18 7.08 -22.98
CA ILE A 598 30.59 6.87 -21.69
C ILE A 598 29.57 7.94 -21.46
N SER A 599 29.82 9.15 -21.97
CA SER A 599 28.92 10.26 -21.79
C SER A 599 27.55 9.98 -22.35
N TRP A 600 27.47 9.25 -23.47
CA TRP A 600 26.19 8.98 -24.10
C TRP A 600 25.35 8.14 -23.17
N LEU A 601 26.01 7.21 -22.48
CA LEU A 601 25.32 6.33 -21.55
C LEU A 601 25.05 7.02 -20.22
N GLY A 602 26.01 7.81 -19.77
CA GLY A 602 25.97 8.53 -18.51
C GLY A 602 24.89 9.60 -18.53
N ASN A 603 24.70 10.21 -19.70
CA ASN A 603 23.71 11.25 -19.93
C ASN A 603 22.61 11.23 -18.89
N TRP A 626 19.77 8.33 -34.12
CA TRP A 626 20.73 7.24 -34.25
C TRP A 626 22.08 7.81 -34.63
N ASP A 627 22.19 9.13 -34.52
CA ASP A 627 23.42 9.82 -34.87
C ASP A 627 24.57 9.35 -34.01
N GLU A 628 24.30 9.05 -32.74
CA GLU A 628 25.35 8.59 -31.86
C GLU A 628 25.91 7.26 -32.35
N SER A 629 25.04 6.41 -32.88
CA SER A 629 25.47 5.12 -33.36
C SER A 629 26.27 5.28 -34.64
N HIS A 630 25.83 6.19 -35.49
CA HIS A 630 26.53 6.44 -36.74
C HIS A 630 27.91 6.97 -36.43
N LYS A 631 27.98 7.82 -35.41
CA LYS A 631 29.22 8.38 -34.96
C LYS A 631 30.12 7.30 -34.44
N ILE A 632 29.54 6.34 -33.69
CA ILE A 632 30.33 5.25 -33.18
C ILE A 632 30.92 4.44 -34.31
N TRP A 633 30.14 4.24 -35.38
CA TRP A 633 30.66 3.48 -36.50
C TRP A 633 31.83 4.19 -37.13
N GLN A 634 31.71 5.51 -37.27
CA GLN A 634 32.79 6.27 -37.87
C GLN A 634 34.03 6.21 -37.01
N HIS A 635 33.85 6.31 -35.70
CA HIS A 635 34.98 6.29 -34.80
C HIS A 635 35.66 4.96 -34.80
N PHE A 636 34.87 3.89 -34.83
CA PHE A 636 35.45 2.57 -34.80
C PHE A 636 36.21 2.33 -36.04
N GLN A 637 35.66 2.73 -37.18
CA GLN A 637 36.37 2.48 -38.40
C GLN A 637 37.65 3.26 -38.47
N GLU A 638 37.60 4.51 -38.05
CA GLU A 638 38.78 5.34 -38.12
C GLU A 638 39.87 4.88 -37.16
N GLN A 639 39.48 4.42 -35.96
CA GLN A 639 40.48 3.96 -35.01
C GLN A 639 41.00 2.58 -35.37
N ARG A 640 40.09 1.72 -35.87
CA ARG A 640 40.41 0.36 -36.25
C ARG A 640 41.41 0.36 -37.39
N GLU A 641 41.25 1.31 -38.31
CA GLU A 641 42.15 1.44 -39.43
C GLU A 641 43.57 1.69 -38.93
N LEU A 667 51.22 2.33 -31.88
CA LEU A 667 50.45 1.23 -32.43
C LEU A 667 49.05 1.67 -32.82
N ASP A 668 48.66 1.41 -34.08
CA ASP A 668 47.30 1.73 -34.51
C ASP A 668 46.34 0.95 -33.64
N LEU A 669 46.80 -0.24 -33.22
CA LEU A 669 46.06 -1.11 -32.36
C LEU A 669 45.72 -0.41 -31.06
N THR A 670 46.57 0.50 -30.59
CA THR A 670 46.28 1.19 -29.35
C THR A 670 45.10 2.09 -29.53
N ARG A 671 45.04 2.73 -30.70
CA ARG A 671 43.93 3.63 -30.97
C ARG A 671 42.67 2.83 -31.05
N TYR A 672 42.80 1.67 -31.68
CA TYR A 672 41.68 0.78 -31.84
C TYR A 672 41.26 0.25 -30.47
N ASN A 673 42.24 -0.05 -29.61
CA ASN A 673 41.95 -0.56 -28.28
C ASN A 673 41.21 0.49 -27.47
N GLU A 674 41.61 1.75 -27.62
CA GLU A 674 40.94 2.83 -26.92
C GLU A 674 39.50 2.99 -27.41
N ILE A 675 39.28 2.87 -28.72
CA ILE A 675 37.94 2.98 -29.26
C ILE A 675 37.06 1.85 -28.77
N LEU A 676 37.62 0.64 -28.67
CA LEU A 676 36.86 -0.50 -28.19
C LEU A 676 36.47 -0.28 -26.73
N TYR A 677 37.38 0.30 -25.94
CA TYR A 677 37.06 0.57 -24.56
C TYR A 677 35.93 1.57 -24.48
N ARG A 678 35.92 2.57 -25.37
CA ARG A 678 34.85 3.56 -25.38
C ARG A 678 33.54 2.90 -25.73
N LEU A 679 33.57 1.95 -26.65
CA LEU A 679 32.34 1.27 -27.01
C LEU A 679 31.78 0.56 -25.79
N LEU A 680 32.67 -0.02 -24.99
CA LEU A 680 32.27 -0.67 -23.75
C LEU A 680 31.84 0.36 -22.72
N GLU A 681 32.51 1.51 -22.70
CA GLU A 681 32.24 2.58 -21.76
C GLU A 681 30.81 3.08 -21.87
N ASN A 682 30.30 3.10 -23.09
CA ASN A 682 28.95 3.53 -23.39
C ASN A 682 27.93 2.43 -23.17
N ILE A 683 28.36 1.24 -22.76
CA ILE A 683 27.45 0.13 -22.59
C ILE A 683 26.73 0.27 -21.26
N ASN A 707 21.75 1.05 -35.02
CA ASN A 707 22.24 -0.27 -35.43
C ASN A 707 23.64 -0.12 -35.94
N LEU A 708 24.01 1.12 -36.16
CA LEU A 708 25.36 1.47 -36.63
C LEU A 708 26.36 1.14 -35.52
N CYS A 709 25.84 0.95 -34.31
CA CYS A 709 26.65 0.55 -33.19
C CYS A 709 27.19 -0.87 -33.45
N GLY A 710 26.38 -1.73 -34.11
CA GLY A 710 26.82 -3.07 -34.43
C GLY A 710 27.92 -2.97 -35.45
N ASP A 711 27.76 -2.01 -36.37
CA ASP A 711 28.77 -1.76 -37.38
C ASP A 711 30.06 -1.30 -36.73
N SER A 712 29.94 -0.48 -35.67
CA SER A 712 31.11 -0.01 -34.97
C SER A 712 31.87 -1.16 -34.34
N THR A 713 31.11 -2.09 -33.76
CA THR A 713 31.70 -3.26 -33.15
C THR A 713 32.38 -4.12 -34.20
N PHE A 714 31.75 -4.29 -35.36
CA PHE A 714 32.33 -5.09 -36.39
C PHE A 714 33.64 -4.50 -36.89
N SER A 715 33.70 -3.17 -37.04
CA SER A 715 34.94 -2.53 -37.52
C SER A 715 36.07 -2.72 -36.54
N GLU A 716 35.77 -2.57 -35.24
CA GLU A 716 36.79 -2.74 -34.24
C GLU A 716 37.26 -4.18 -34.23
N PHE A 717 36.29 -5.11 -34.39
CA PHE A 717 36.58 -6.52 -34.40
C PHE A 717 37.42 -6.88 -35.61
N ILE A 718 37.16 -6.26 -36.76
CA ILE A 718 37.89 -6.54 -37.97
C ILE A 718 39.37 -6.22 -37.83
N ALA A 719 39.67 -5.11 -37.18
CA ALA A 719 41.07 -4.79 -36.94
C ALA A 719 41.67 -5.72 -35.92
N ALA A 720 40.89 -6.08 -34.89
CA ALA A 720 41.38 -6.97 -33.87
C ALA A 720 41.71 -8.31 -34.51
N TYR A 721 40.89 -8.71 -35.48
CA TYR A 721 40.97 -9.90 -36.32
C TYR A 721 40.75 -11.23 -35.59
N LYS A 722 41.42 -11.41 -34.45
CA LYS A 722 41.44 -12.61 -33.61
C LYS A 722 42.48 -13.54 -34.20
N ARG A 723 43.15 -14.33 -33.36
CA ARG A 723 44.28 -15.13 -33.84
C ARG A 723 45.23 -14.19 -34.55
N THR A 724 45.46 -13.04 -33.92
CA THR A 724 46.28 -11.95 -34.43
C THR A 724 46.82 -11.11 -33.28
N THR A 725 47.88 -10.37 -33.55
CA THR A 725 48.47 -9.48 -32.57
C THR A 725 49.09 -8.31 -33.31
N LEU A 726 49.25 -7.20 -32.61
CA LEU A 726 49.84 -6.02 -33.23
C LEU A 726 50.78 -5.33 -32.27
N ILE A 727 52.01 -5.82 -32.19
CA ILE A 727 52.96 -5.28 -31.23
C ILE A 727 53.21 -3.81 -31.46
N THR A 728 53.18 -3.39 -32.72
CA THR A 728 53.40 -2.01 -33.05
C THR A 728 52.24 -1.54 -33.89
N ILE A 750 61.46 -18.09 -19.78
CA ILE A 750 62.14 -17.72 -21.01
C ILE A 750 63.02 -16.51 -20.75
N ARG A 751 62.98 -16.04 -19.53
CA ARG A 751 63.73 -14.86 -19.09
C ARG A 751 63.41 -13.68 -19.97
N THR A 752 64.42 -12.97 -20.51
CA THR A 752 64.16 -11.78 -21.32
C THR A 752 63.84 -12.17 -22.76
N ILE A 753 62.78 -12.94 -22.88
CA ILE A 753 62.26 -13.47 -24.11
C ILE A 753 60.83 -13.77 -23.84
N ASN A 754 60.51 -13.82 -22.54
CA ASN A 754 59.17 -14.08 -22.07
C ASN A 754 58.24 -12.96 -22.50
N VAL A 755 58.83 -11.78 -22.62
CA VAL A 755 58.13 -10.56 -22.98
C VAL A 755 59.13 -9.47 -23.36
N ASP A 756 60.29 -9.43 -22.71
CA ASP A 756 61.21 -8.34 -23.00
C ASP A 756 61.67 -8.28 -24.46
N HIS A 757 61.90 -9.43 -25.09
CA HIS A 757 62.36 -9.44 -26.49
C HIS A 757 61.30 -8.87 -27.42
N LEU A 758 60.05 -9.18 -27.11
CA LEU A 758 58.90 -8.71 -27.84
C LEU A 758 57.71 -8.88 -26.91
N VAL A 759 56.67 -8.08 -27.11
CA VAL A 759 55.39 -8.10 -26.36
C VAL A 759 55.38 -7.23 -25.11
N LEU A 760 56.45 -7.19 -24.33
CA LEU A 760 56.36 -6.39 -23.13
C LEU A 760 56.02 -4.94 -23.45
N ASP A 761 56.57 -4.38 -24.53
CA ASP A 761 56.24 -2.99 -24.81
C ASP A 761 54.77 -2.86 -25.16
N LYS A 762 54.30 -3.81 -25.96
CA LYS A 762 52.94 -3.87 -26.47
C LYS A 762 51.95 -3.98 -25.35
N ILE A 763 52.36 -4.67 -24.28
CA ILE A 763 51.50 -4.89 -23.13
C ILE A 763 51.00 -3.57 -22.59
N ASN A 764 51.81 -2.52 -22.66
CA ASN A 764 51.35 -1.23 -22.20
C ASN A 764 50.91 -0.39 -23.39
N MET A 765 51.64 -0.50 -24.51
CA MET A 765 51.45 0.38 -25.65
C MET A 765 50.06 0.34 -26.22
N LYS A 766 49.44 -0.83 -26.20
CA LYS A 766 48.09 -0.92 -26.75
C LYS A 766 47.13 -1.38 -25.68
N GLU A 767 47.41 -1.01 -24.43
CA GLU A 767 46.53 -1.36 -23.34
C GLU A 767 45.29 -0.48 -23.36
N ILE A 768 44.16 -1.05 -22.96
CA ILE A 768 42.92 -0.33 -22.81
C ILE A 768 42.04 -1.13 -21.88
N VAL A 769 41.07 -0.49 -21.25
CA VAL A 769 40.14 -1.21 -20.40
C VAL A 769 40.93 -2.04 -19.37
N ASN A 770 40.68 -3.35 -19.30
CA ASN A 770 41.38 -4.18 -18.32
C ASN A 770 41.50 -5.62 -18.79
N ASP A 771 42.53 -6.30 -18.30
CA ASP A 771 42.76 -7.70 -18.64
C ASP A 771 43.64 -8.39 -17.61
N PHE A 772 43.62 -9.73 -17.62
CA PHE A 772 44.45 -10.61 -16.78
C PHE A 772 45.93 -10.44 -17.13
N ILE A 773 46.19 -9.80 -18.25
CA ILE A 773 47.52 -9.47 -18.71
C ILE A 773 48.21 -8.61 -17.66
N ARG A 774 47.43 -7.86 -16.87
CA ARG A 774 48.02 -7.04 -15.83
C ARG A 774 48.72 -7.91 -14.80
N MET A 775 48.17 -9.11 -14.53
CA MET A 775 48.74 -10.01 -13.56
C MET A 775 50.01 -10.58 -14.14
N GLN A 776 49.98 -10.81 -15.44
CA GLN A 776 51.14 -11.34 -16.12
C GLN A 776 52.30 -10.39 -16.01
N LYS A 777 52.00 -9.11 -16.18
CA LYS A 777 53.03 -8.10 -16.08
C LYS A 777 53.59 -8.03 -14.68
N ASN A 778 52.72 -8.14 -13.66
CA ASN A 778 53.19 -8.11 -12.30
C ASN A 778 54.08 -9.31 -12.00
N LYS A 779 53.71 -10.48 -12.53
CA LYS A 779 54.51 -11.67 -12.30
C LYS A 779 55.88 -11.51 -12.92
N SER A 780 55.92 -10.94 -14.13
CA SER A 780 57.19 -10.73 -14.80
C SER A 780 58.07 -9.76 -14.04
N GLN A 781 57.46 -8.72 -13.49
CA GLN A 781 58.19 -7.74 -12.72
C GLN A 781 58.75 -8.35 -11.44
N THR A 782 57.96 -9.22 -10.80
CA THR A 782 58.35 -9.86 -9.55
C THR A 782 59.60 -10.70 -9.74
N GLY A 783 59.70 -11.35 -10.90
CA GLY A 783 60.83 -12.19 -11.22
C GLY A 783 62.12 -11.63 -10.64
N SER A 816 48.19 -12.66 -20.17
CA SER A 816 47.62 -13.36 -19.03
C SER A 816 48.51 -14.54 -18.70
N THR A 817 49.81 -14.32 -18.85
CA THR A 817 50.81 -15.34 -18.57
C THR A 817 50.71 -15.81 -17.14
N ILE A 818 50.33 -14.95 -16.21
CA ILE A 818 50.20 -15.42 -14.84
C ILE A 818 49.14 -16.52 -14.77
N ASP A 819 48.07 -16.39 -15.57
CA ASP A 819 47.02 -17.38 -15.57
C ASP A 819 47.50 -18.61 -16.29
N LYS A 820 48.29 -18.40 -17.33
CA LYS A 820 48.84 -19.50 -18.09
C LYS A 820 49.79 -20.32 -17.23
N ALA A 821 50.56 -19.64 -16.37
CA ALA A 821 51.48 -20.34 -15.49
C ALA A 821 50.69 -21.23 -14.55
N VAL A 822 49.56 -20.71 -14.05
CA VAL A 822 48.73 -21.52 -13.19
C VAL A 822 48.17 -22.70 -13.98
N ARG A 823 47.79 -22.42 -15.24
CA ARG A 823 47.25 -23.42 -16.12
C ARG A 823 48.27 -24.48 -16.42
N ALA A 824 49.55 -24.09 -16.50
CA ALA A 824 50.61 -25.03 -16.76
C ALA A 824 50.67 -26.05 -15.64
N TYR A 825 50.42 -25.61 -14.41
CA TYR A 825 50.40 -26.57 -13.34
C TYR A 825 49.10 -27.38 -13.40
N LEU A 826 47.97 -26.71 -13.65
CA LEU A 826 46.64 -27.33 -13.68
C LEU A 826 46.71 -28.85 -13.63
N LEU A 864 44.36 -33.45 -8.33
CA LEU A 864 45.48 -32.98 -7.51
C LEU A 864 46.70 -32.82 -8.38
N LYS A 865 46.51 -32.95 -9.68
CA LYS A 865 47.61 -32.81 -10.63
C LYS A 865 48.23 -31.44 -10.54
N GLN A 866 47.39 -30.43 -10.33
CA GLN A 866 47.89 -29.07 -10.23
C GLN A 866 48.78 -28.93 -9.02
N ALA A 867 48.37 -29.61 -7.93
CA ALA A 867 49.11 -29.53 -6.69
C ALA A 867 50.45 -30.20 -6.86
N ILE A 868 50.49 -31.32 -7.58
CA ILE A 868 51.73 -32.03 -7.79
C ILE A 868 52.69 -31.23 -8.67
N GLY A 869 52.14 -30.62 -9.73
CA GLY A 869 52.95 -29.83 -10.62
C GLY A 869 53.46 -28.60 -9.92
N GLU A 870 52.59 -27.97 -9.13
CA GLU A 870 52.97 -26.82 -8.38
C GLU A 870 53.97 -27.22 -7.32
N LYS A 871 53.80 -28.40 -6.72
CA LYS A 871 54.71 -28.88 -5.69
C LYS A 871 56.08 -29.04 -6.25
N SER A 872 56.19 -29.54 -7.48
CA SER A 872 57.49 -29.68 -8.07
C SER A 872 58.15 -28.31 -8.24
N SER A 873 57.37 -27.33 -8.68
CA SER A 873 57.92 -25.99 -8.87
C SER A 873 58.33 -25.38 -7.53
N TYR A 874 57.50 -25.63 -6.52
CA TYR A 874 57.76 -25.15 -5.19
C TYR A 874 59.00 -25.80 -4.63
N ASN A 875 59.21 -27.08 -4.93
CA ASN A 875 60.37 -27.78 -4.41
C ASN A 875 61.63 -27.15 -4.95
N LYS A 876 61.60 -26.77 -6.23
CA LYS A 876 62.77 -26.13 -6.81
C LYS A 876 63.01 -24.78 -6.13
N ILE A 877 61.93 -24.05 -5.89
CA ILE A 877 62.04 -22.75 -5.24
C ILE A 877 62.53 -22.90 -3.81
N LEU A 878 62.05 -23.94 -3.14
CA LEU A 878 62.42 -24.21 -1.76
C LEU A 878 63.89 -24.51 -1.65
N GLU A 879 64.42 -25.27 -2.61
CA GLU A 879 65.83 -25.57 -2.58
C GLU A 879 66.67 -24.31 -2.73
N GLU A 880 66.24 -23.39 -3.61
CA GLU A 880 67.00 -22.16 -3.78
C GLU A 880 66.94 -21.32 -2.52
N PHE A 881 65.78 -21.29 -1.89
CA PHE A 881 65.63 -20.55 -0.67
C PHE A 881 66.49 -21.13 0.43
N THR A 882 66.59 -22.47 0.47
CA THR A 882 67.41 -23.15 1.45
C THR A 882 68.87 -22.84 1.23
N GLU A 883 69.27 -22.76 -0.04
CA GLU A 883 70.63 -22.42 -0.40
C GLU A 883 70.96 -20.98 0.01
N VAL A 884 69.97 -20.11 -0.08
CA VAL A 884 70.12 -18.69 0.22
C VAL A 884 70.07 -18.39 1.71
N LEU A 885 71.08 -18.88 2.43
CA LEU A 885 71.18 -18.68 3.87
C LEU A 885 71.49 -17.24 4.21
N GLY A 886 70.85 -16.74 5.27
CA GLY A 886 71.11 -15.39 5.79
C GLY A 886 71.10 -14.38 4.65
N GLU A 887 70.11 -14.46 3.77
CA GLU A 887 70.10 -13.61 2.60
C GLU A 887 69.55 -12.20 2.82
N LYS A 888 70.23 -11.44 3.65
CA LYS A 888 69.82 -10.06 3.90
C LYS A 888 70.95 -9.24 4.47
N LEU A 889 71.21 -8.06 3.89
CA LEU A 889 72.22 -7.13 4.41
C LEU A 889 73.44 -7.88 4.92
N LEU A 890 73.70 -7.69 6.22
CA LEU A 890 74.75 -8.37 6.96
C LEU A 890 74.06 -8.94 8.19
N CYS A 891 72.86 -9.48 7.94
CA CYS A 891 71.98 -10.03 8.96
C CYS A 891 71.33 -11.32 8.49
N ASN A 892 70.00 -11.37 8.39
CA ASN A 892 69.36 -12.58 7.91
C ASN A 892 67.95 -12.32 7.37
N HIS A 893 67.55 -13.14 6.43
CA HIS A 893 66.24 -13.07 5.83
C HIS A 893 65.18 -13.73 6.68
N TYR A 894 64.81 -13.07 7.76
CA TYR A 894 63.87 -13.61 8.76
C TYR A 894 62.54 -14.01 8.14
N SER A 895 62.14 -13.29 7.09
CA SER A 895 60.89 -13.48 6.37
C SER A 895 60.79 -14.87 5.78
N SER A 896 61.91 -15.56 5.62
CA SER A 896 61.90 -16.89 5.07
C SER A 896 61.02 -17.80 5.91
N SER A 897 60.98 -17.58 7.23
CA SER A 897 60.14 -18.41 8.06
C SER A 897 58.68 -18.24 7.69
N ASN A 898 58.31 -17.00 7.37
CA ASN A 898 56.96 -16.67 7.02
C ASN A 898 56.63 -17.24 5.66
N GLN A 899 57.60 -17.21 4.76
CA GLN A 899 57.40 -17.74 3.43
C GLN A 899 57.15 -19.25 3.49
N ALA A 900 57.89 -19.93 4.36
CA ALA A 900 57.74 -21.36 4.52
C ALA A 900 56.36 -21.66 5.09
N MET A 901 55.90 -20.83 6.03
CA MET A 901 54.58 -21.00 6.57
C MET A 901 53.50 -20.76 5.50
N LEU A 902 53.72 -19.78 4.63
CA LEU A 902 52.74 -19.49 3.59
C LEU A 902 52.60 -20.68 2.66
N LEU A 903 53.73 -21.31 2.32
CA LEU A 903 53.71 -22.47 1.46
C LEU A 903 52.98 -23.61 2.14
N LEU A 904 53.21 -23.77 3.44
CA LEU A 904 52.56 -24.82 4.17
C LEU A 904 51.06 -24.64 4.17
N THR A 905 50.62 -23.39 4.32
CA THR A 905 49.20 -23.13 4.38
C THR A 905 48.51 -23.51 3.09
N SER A 906 49.12 -23.20 1.94
CA SER A 906 48.47 -23.54 0.69
C SER A 906 48.35 -25.05 0.53
N TYR A 907 49.41 -25.76 0.91
CA TYR A 907 49.37 -27.20 0.79
C TYR A 907 48.35 -27.80 1.74
N ILE A 908 48.28 -27.28 2.94
CA ILE A 908 47.32 -27.80 3.89
C ILE A 908 45.90 -27.51 3.43
N GLU A 909 45.68 -26.34 2.81
CA GLU A 909 44.38 -25.93 2.34
C GLU A 909 43.84 -26.91 1.31
N ALA A 910 44.74 -27.44 0.49
CA ALA A 910 44.39 -28.40 -0.53
C ALA A 910 43.08 -29.12 -0.23
N SER A 925 43.76 -35.07 0.08
CA SER A 925 44.46 -33.82 0.32
C SER A 925 45.43 -33.98 1.47
N ASP A 926 45.35 -35.11 2.15
CA ASP A 926 46.20 -35.39 3.29
C ASP A 926 47.67 -35.35 2.90
N CYS A 927 47.98 -35.79 1.68
CA CYS A 927 49.35 -35.75 1.20
C CYS A 927 49.88 -34.34 1.11
N ASN A 928 49.01 -33.38 0.75
CA ASN A 928 49.46 -32.02 0.63
C ASN A 928 49.69 -31.49 2.02
N ASP A 929 48.83 -31.89 2.95
CA ASP A 929 49.05 -31.49 4.32
C ASP A 929 50.38 -32.08 4.81
N ILE A 930 50.72 -33.30 4.37
CA ILE A 930 52.00 -33.85 4.78
C ILE A 930 53.12 -32.95 4.23
N LEU A 931 52.96 -32.48 3.00
CA LEU A 931 53.94 -31.56 2.42
C LEU A 931 53.98 -30.28 3.24
N ASP A 932 52.81 -29.84 3.70
CA ASP A 932 52.70 -28.63 4.48
C ASP A 932 53.49 -28.73 5.74
N TRP A 933 53.50 -29.91 6.34
CA TRP A 933 54.21 -30.11 7.58
C TRP A 933 55.68 -29.87 7.39
N ILE A 934 56.21 -30.28 6.25
CA ILE A 934 57.63 -30.06 6.02
C ILE A 934 57.94 -28.58 5.87
N ILE A 935 57.07 -27.87 5.13
CA ILE A 935 57.30 -26.45 4.95
C ILE A 935 57.16 -25.73 6.29
N SER A 936 56.17 -26.16 7.07
CA SER A 936 55.92 -25.60 8.37
C SER A 936 57.08 -25.89 9.30
N ARG A 937 57.68 -27.07 9.20
CA ARG A 937 58.80 -27.41 10.04
C ARG A 937 59.93 -26.43 9.82
N PHE A 938 60.12 -25.96 8.59
CA PHE A 938 61.17 -24.98 8.39
C PHE A 938 60.80 -23.68 9.10
N GLU A 939 59.53 -23.28 8.99
CA GLU A 939 59.06 -22.05 9.64
C GLU A 939 59.20 -22.12 11.15
N ASP A 940 58.98 -23.34 11.68
CA ASP A 940 58.99 -23.70 13.08
C ASP A 940 60.32 -23.46 13.74
N ASN A 941 61.37 -23.36 12.95
CA ASN A 941 62.67 -23.12 13.52
C ASN A 941 62.65 -21.80 14.29
N SER A 942 61.82 -20.85 13.84
CA SER A 942 61.76 -19.55 14.47
C SER A 942 63.16 -19.03 14.58
N PHE A 943 63.58 -18.62 15.79
CA PHE A 943 64.94 -18.09 15.96
C PHE A 943 65.18 -17.04 14.89
N THR A 944 64.23 -16.15 14.75
CA THR A 944 64.20 -15.15 13.72
C THR A 944 63.48 -13.96 14.25
N GLY A 945 63.62 -12.82 13.58
CA GLY A 945 62.93 -11.66 14.05
C GLY A 945 61.48 -12.02 14.23
N VAL A 946 60.93 -11.59 15.36
CA VAL A 946 59.58 -11.92 15.78
C VAL A 946 58.54 -11.56 14.77
N ALA A 947 58.71 -10.49 14.03
CA ALA A 947 57.64 -10.19 13.10
C ALA A 947 57.41 -11.35 12.15
N PRO A 948 58.48 -12.05 11.75
CA PRO A 948 58.32 -13.15 10.82
C PRO A 948 57.94 -14.41 11.56
N THR A 949 58.60 -14.65 12.69
CA THR A 949 58.38 -15.88 13.44
C THR A 949 56.96 -15.94 14.03
N VAL A 950 56.47 -14.79 14.49
CA VAL A 950 55.17 -14.69 15.09
C VAL A 950 54.11 -14.73 14.03
N ASN A 951 54.32 -14.05 12.89
CA ASN A 951 53.32 -14.11 11.86
C ASN A 951 53.20 -15.54 11.36
N LEU A 952 54.33 -16.24 11.27
CA LEU A 952 54.31 -17.62 10.83
C LEU A 952 53.54 -18.48 11.81
N SER A 953 53.75 -18.25 13.12
CA SER A 953 53.04 -19.02 14.13
C SER A 953 51.55 -18.74 14.08
N MET A 954 51.19 -17.47 13.83
CA MET A 954 49.80 -17.10 13.75
C MET A 954 49.13 -17.75 12.56
N LEU A 955 49.84 -17.82 11.43
CA LEU A 955 49.30 -18.47 10.26
C LEU A 955 49.07 -19.94 10.52
N LEU A 956 50.02 -20.55 11.25
CA LEU A 956 49.89 -21.95 11.60
C LEU A 956 48.69 -22.16 12.48
N LEU A 957 48.49 -21.24 13.42
CA LEU A 957 47.35 -21.31 14.29
C LEU A 957 46.06 -21.11 13.51
N SER A 958 46.06 -20.25 12.49
CA SER A 958 44.86 -20.08 11.70
C SER A 958 44.48 -21.40 11.04
N LEU A 959 45.49 -22.14 10.55
CA LEU A 959 45.21 -23.44 9.97
C LEU A 959 44.69 -24.38 11.04
N LEU A 960 45.25 -24.29 12.25
CA LEU A 960 44.84 -25.11 13.37
C LEU A 960 43.40 -24.86 13.74
N GLN A 961 42.99 -23.59 13.63
CA GLN A 961 41.64 -23.20 13.95
C GLN A 961 40.67 -23.87 13.01
N ASN A 962 41.03 -23.93 11.72
CA ASN A 962 40.22 -24.64 10.75
C ASN A 962 40.19 -26.13 11.10
N HIS A 963 41.34 -26.60 11.60
CA HIS A 963 41.62 -27.95 12.04
C HIS A 963 41.51 -28.97 10.92
N ASP A 964 41.72 -30.24 11.26
CA ASP A 964 41.65 -31.33 10.31
C ASP A 964 41.30 -32.65 11.00
N LEU A 965 42.26 -33.56 11.02
CA LEU A 965 42.12 -34.85 11.66
C LEU A 965 43.44 -35.25 12.30
N SER A 966 43.99 -34.37 13.12
CA SER A 966 45.26 -34.58 13.77
C SER A 966 45.39 -33.69 15.02
N HIS A 967 46.25 -34.08 15.95
CA HIS A 967 46.52 -33.28 17.16
C HIS A 967 47.52 -32.17 16.90
N GLY A 968 48.09 -32.16 15.70
CA GLY A 968 49.12 -31.19 15.31
C GLY A 968 48.60 -29.76 15.43
N SER A 969 47.31 -29.57 15.21
CA SER A 969 46.69 -28.27 15.30
C SER A 969 46.95 -27.66 16.68
N ILE A 970 46.99 -28.50 17.72
CA ILE A 970 47.21 -28.01 19.06
C ILE A 970 48.59 -27.38 19.20
N ARG A 971 49.58 -27.95 18.51
CA ARG A 971 50.93 -27.46 18.61
C ARG A 971 51.05 -26.11 17.93
N GLY A 972 50.36 -25.98 16.81
CA GLY A 972 50.39 -24.74 16.05
C GLY A 972 49.79 -23.60 16.85
N GLY A 973 48.71 -23.90 17.55
CA GLY A 973 48.08 -22.91 18.39
C GLY A 973 49.00 -22.53 19.54
N LYS A 974 49.69 -23.53 20.11
CA LYS A 974 50.59 -23.27 21.21
C LYS A 974 51.70 -22.37 20.77
N GLN A 975 52.19 -22.57 19.54
CA GLN A 975 53.26 -21.75 19.03
C GLN A 975 52.83 -20.30 18.90
N ARG A 976 51.60 -20.08 18.41
CA ARG A 976 51.10 -18.72 18.28
C ARG A 976 50.94 -18.08 19.64
N VAL A 977 50.52 -18.88 20.62
CA VAL A 977 50.36 -18.37 21.96
C VAL A 977 51.70 -17.99 22.57
N PHE A 978 52.70 -18.82 22.31
CA PHE A 978 54.05 -18.58 22.79
C PHE A 978 54.63 -17.33 22.15
N ALA A 979 54.28 -17.11 20.88
CA ALA A 979 54.78 -15.99 20.12
C ALA A 979 54.04 -14.71 20.45
N THR A 980 54.27 -14.23 21.66
CA THR A 980 53.65 -13.05 22.22
C THR A 980 54.20 -11.77 21.61
N PHE A 981 53.34 -10.76 21.51
CA PHE A 981 53.71 -9.43 21.05
C PHE A 981 52.69 -8.43 21.53
N ILE A 982 53.04 -7.14 21.63
CA ILE A 982 52.02 -6.15 22.00
C ILE A 982 50.94 -6.17 20.94
N LYS A 983 51.38 -6.33 19.70
CA LYS A 983 50.56 -6.52 18.51
C LYS A 983 49.65 -5.33 18.12
N CYS A 984 48.82 -4.83 19.04
CA CYS A 984 47.90 -3.70 18.76
C CYS A 984 46.97 -4.08 17.63
N LEU A 985 47.12 -3.50 16.44
CA LEU A 985 46.22 -3.84 15.35
C LEU A 985 46.28 -5.32 15.08
N GLN A 986 47.47 -5.89 15.24
CA GLN A 986 47.59 -7.30 15.04
C GLN A 986 46.86 -8.06 16.14
N LYS A 987 46.77 -7.50 17.35
CA LYS A 987 46.09 -8.21 18.41
C LYS A 987 44.65 -8.32 18.05
N LEU A 988 44.13 -7.25 17.46
CA LEU A 988 42.76 -7.22 17.06
C LEU A 988 42.50 -8.23 15.97
N ASP A 989 43.46 -8.35 15.04
CA ASP A 989 43.32 -9.33 13.99
C ASP A 989 43.35 -10.73 14.57
N SER A 990 44.22 -10.93 15.56
CA SER A 990 44.32 -12.22 16.20
C SER A 990 43.03 -12.54 16.92
N SER A 991 42.43 -11.54 17.57
CA SER A 991 41.19 -11.73 18.27
C SER A 991 40.09 -12.07 17.31
N ASN A 992 40.08 -11.42 16.14
CA ASN A 992 39.07 -11.68 15.14
C ASN A 992 39.14 -13.13 14.68
N ILE A 993 40.37 -13.62 14.54
CA ILE A 993 40.55 -15.01 14.15
C ILE A 993 40.21 -15.95 15.30
N ILE A 994 40.58 -15.58 16.51
CA ILE A 994 40.33 -16.43 17.67
C ILE A 994 38.86 -16.62 17.89
N ASN A 995 38.11 -15.57 17.63
CA ASN A 995 36.67 -15.53 17.79
C ASN A 995 35.97 -16.43 16.81
N ILE A 996 36.66 -16.82 15.75
CA ILE A 996 36.10 -17.64 14.71
C ILE A 996 36.21 -19.12 15.06
N MET A 997 36.88 -19.44 16.17
CA MET A 997 37.04 -20.85 16.48
C MET A 997 36.80 -21.15 17.96
N ASN A 998 37.75 -21.85 18.59
CA ASN A 998 37.63 -22.41 19.94
C ASN A 998 36.47 -23.39 20.03
N SER A 999 36.13 -24.00 18.90
CA SER A 999 35.09 -25.00 18.78
C SER A 999 33.95 -24.68 19.74
N ILE A 1000 33.67 -25.61 20.67
CA ILE A 1000 32.62 -25.33 21.62
C ILE A 1000 32.75 -26.13 22.93
N SER A 1001 31.83 -27.10 23.08
CA SER A 1001 31.66 -27.92 24.27
C SER A 1001 31.75 -26.95 25.43
N SER A 1002 32.53 -27.31 26.43
CA SER A 1002 32.94 -26.42 27.48
C SER A 1002 34.37 -26.82 27.70
N TYR A 1003 35.07 -26.91 26.58
CA TYR A 1003 36.42 -27.39 26.57
C TYR A 1003 37.25 -26.48 25.74
N MET A 1004 37.08 -26.54 24.42
CA MET A 1004 37.85 -25.66 23.58
C MET A 1004 37.49 -24.21 23.90
N ALA A 1005 36.19 -23.96 24.15
CA ALA A 1005 35.78 -22.62 24.48
C ALA A 1005 36.42 -22.17 25.78
N GLN A 1006 36.51 -23.11 26.72
CA GLN A 1006 37.05 -22.85 28.04
C GLN A 1006 38.54 -22.62 28.01
N VAL A 1007 39.23 -23.43 27.20
CA VAL A 1007 40.65 -23.33 27.08
C VAL A 1007 41.04 -22.02 26.47
N SER A 1008 40.28 -21.59 25.46
CA SER A 1008 40.60 -20.34 24.81
C SER A 1008 40.47 -19.20 25.77
N TYR A 1009 39.42 -19.23 26.59
CA TYR A 1009 39.23 -18.18 27.55
C TYR A 1009 40.35 -18.16 28.56
N LYS A 1010 40.77 -19.34 29.02
CA LYS A 1010 41.84 -19.41 30.00
C LYS A 1010 43.14 -18.89 29.42
N ASN A 1011 43.40 -19.24 28.16
CA ASN A 1011 44.63 -18.83 27.54
C ASN A 1011 44.70 -17.33 27.40
N GLN A 1012 43.57 -16.71 27.04
CA GLN A 1012 43.56 -15.28 26.92
C GLN A 1012 43.70 -14.61 28.27
N SER A 1013 43.03 -15.17 29.27
CA SER A 1013 42.99 -14.62 30.61
C SER A 1013 44.37 -14.57 31.23
N ILE A 1014 45.16 -15.57 30.92
CA ILE A 1014 46.50 -15.71 31.46
C ILE A 1014 47.55 -14.91 30.71
N ILE A 1015 47.17 -14.17 29.67
CA ILE A 1015 48.14 -13.50 28.85
C ILE A 1015 48.57 -12.12 29.36
N PHE A 1016 47.93 -11.05 28.91
CA PHE A 1016 48.40 -9.73 29.31
C PHE A 1016 47.77 -9.23 30.59
N TYR A 1017 48.61 -8.73 31.49
CA TYR A 1017 48.18 -8.16 32.78
C TYR A 1017 47.60 -6.76 32.64
N GLU A 1018 47.90 -6.10 31.55
CA GLU A 1018 47.54 -4.70 31.43
C GLU A 1018 48.17 -3.99 32.62
N ILE A 1019 47.36 -3.39 33.48
CA ILE A 1019 47.87 -2.67 34.62
C ILE A 1019 48.98 -1.76 34.14
N LYS A 1020 50.09 -1.69 34.89
CA LYS A 1020 51.23 -0.88 34.48
C LYS A 1020 50.73 0.41 33.85
N SER A 1021 51.17 0.63 32.62
CA SER A 1021 50.67 1.69 31.77
C SER A 1021 50.48 1.00 30.45
N LEU A 1022 49.82 -0.14 30.56
CA LEU A 1022 49.57 -1.08 29.48
C LEU A 1022 48.09 -1.29 29.25
N PHE A 1023 47.36 -0.19 29.34
CA PHE A 1023 45.91 -0.15 29.21
C PHE A 1023 45.42 -0.72 27.90
N GLY A 1024 46.22 -0.65 26.84
CA GLY A 1024 45.79 -1.20 25.56
C GLY A 1024 45.45 -2.68 25.71
N PRO A 1025 46.15 -3.38 26.62
CA PRO A 1025 45.88 -4.77 26.85
C PRO A 1025 44.49 -4.95 27.42
N PRO A 1026 44.04 -4.00 28.24
CA PRO A 1026 42.72 -4.08 28.81
C PRO A 1026 41.70 -3.89 27.69
N GLN A 1027 42.02 -3.00 26.75
CA GLN A 1027 41.13 -2.78 25.64
C GLN A 1027 41.02 -4.04 24.83
N GLN A 1028 42.14 -4.73 24.66
CA GLN A 1028 42.14 -5.98 23.94
C GLN A 1028 41.31 -7.02 24.69
N SER A 1029 41.41 -7.01 26.02
CA SER A 1029 40.64 -7.94 26.81
C SER A 1029 39.17 -7.69 26.64
N ILE A 1030 38.78 -6.42 26.56
CA ILE A 1030 37.39 -6.09 26.36
C ILE A 1030 36.89 -6.59 25.01
N GLU A 1031 37.73 -6.44 23.98
CA GLU A 1031 37.31 -6.93 22.69
C GLU A 1031 37.10 -8.42 22.76
N LYS A 1032 37.99 -9.11 23.50
CA LYS A 1032 37.84 -10.54 23.68
C LYS A 1032 36.57 -10.87 24.47
N SER A 1033 36.26 -10.06 25.48
CA SER A 1033 35.08 -10.25 26.32
C SER A 1033 33.80 -10.14 25.50
N ALA A 1034 33.84 -9.33 24.45
CA ALA A 1034 32.72 -9.13 23.57
C ALA A 1034 32.51 -10.32 22.60
N PHE A 1035 33.47 -11.23 22.51
CA PHE A 1035 33.41 -12.33 21.56
C PHE A 1035 32.55 -13.49 22.05
N TYR A 1036 31.24 -13.24 22.12
CA TYR A 1036 30.19 -14.12 22.63
C TYR A 1036 30.05 -13.97 24.13
N SER A 1037 28.86 -14.28 24.64
CA SER A 1037 28.55 -14.12 26.05
C SER A 1037 27.40 -15.03 26.44
N LEU A 1038 27.20 -15.21 27.76
CA LEU A 1038 26.11 -16.01 28.32
C LEU A 1038 26.17 -17.43 27.85
N ALA A 1039 27.41 -17.90 27.76
CA ALA A 1039 27.82 -19.23 27.42
C ALA A 1039 29.30 -19.10 27.47
N MET A 1040 29.76 -18.19 26.65
CA MET A 1040 31.11 -17.76 26.75
C MET A 1040 31.14 -17.03 28.06
N SER A 1041 32.22 -17.14 28.81
CA SER A 1041 32.28 -16.50 30.10
C SER A 1041 32.67 -15.05 30.01
N MET A 1042 31.85 -14.29 29.30
CA MET A 1042 32.09 -12.87 29.13
C MET A 1042 32.06 -12.24 30.49
N LEU A 1043 31.22 -12.80 31.35
CA LEU A 1043 31.07 -12.38 32.71
C LEU A 1043 32.36 -12.56 33.50
N SER A 1044 33.15 -13.60 33.20
CA SER A 1044 34.38 -13.78 33.94
C SER A 1044 35.32 -12.71 33.53
N LEU A 1045 35.29 -12.42 32.24
CA LEU A 1045 36.13 -11.38 31.71
C LEU A 1045 35.70 -10.05 32.30
N VAL A 1046 34.38 -9.86 32.43
CA VAL A 1046 33.85 -8.66 33.01
C VAL A 1046 34.22 -8.56 34.47
N SER A 1047 34.21 -9.69 35.20
CA SER A 1047 34.57 -9.69 36.60
C SER A 1047 36.03 -9.27 36.75
N TYR A 1048 36.89 -9.74 35.85
CA TYR A 1048 38.28 -9.37 35.89
C TYR A 1048 38.44 -7.89 35.64
N PRO A 1049 37.65 -7.37 34.69
CA PRO A 1049 37.67 -5.96 34.39
C PRO A 1049 37.20 -5.16 35.58
N SER A 1050 36.21 -5.67 36.29
CA SER A 1050 35.71 -4.98 37.46
C SER A 1050 36.78 -4.95 38.54
N LEU A 1051 37.49 -6.08 38.70
CA LEU A 1051 38.53 -6.17 39.70
C LEU A 1051 39.64 -5.16 39.44
N VAL A 1052 39.97 -4.97 38.18
CA VAL A 1052 41.01 -4.03 37.79
C VAL A 1052 40.42 -2.64 37.61
N PHE A 1053 40.55 -1.78 38.61
CA PHE A 1053 39.90 -0.48 38.55
C PHE A 1053 40.68 0.50 37.70
N SER A 1054 40.68 0.25 36.39
CA SER A 1054 41.40 1.04 35.42
C SER A 1054 40.62 2.27 35.08
N LEU A 1055 40.49 3.15 36.07
CA LEU A 1055 39.72 4.36 35.96
C LEU A 1055 38.41 4.01 35.29
N GLU A 1056 38.10 4.73 34.20
CA GLU A 1056 36.92 4.45 33.42
C GLU A 1056 37.37 4.03 32.03
N ASP A 1057 38.63 3.62 31.93
CA ASP A 1057 39.16 3.18 30.65
C ASP A 1057 38.53 1.88 30.32
N MET A 1058 38.40 1.05 31.36
CA MET A 1058 37.77 -0.23 31.19
C MET A 1058 36.31 -0.03 30.83
N MET A 1059 35.71 0.97 31.46
CA MET A 1059 34.33 1.29 31.23
C MET A 1059 34.12 1.77 29.81
N THR A 1060 35.04 2.57 29.29
CA THR A 1060 34.89 3.05 27.93
C THR A 1060 34.95 1.88 26.96
N TYR A 1061 35.85 0.93 27.23
CA TYR A 1061 35.96 -0.23 26.37
C TYR A 1061 34.68 -1.06 26.43
N SER A 1062 34.13 -1.16 27.65
CA SER A 1062 32.90 -1.88 27.86
C SER A 1062 31.78 -1.19 27.13
N GLY A 1063 31.81 0.14 27.10
CA GLY A 1063 30.78 0.89 26.43
C GLY A 1063 30.77 0.57 24.96
N PHE A 1064 31.95 0.38 24.37
CA PHE A 1064 32.00 0.04 22.96
C PHE A 1064 31.37 -1.32 22.72
N ASN A 1065 31.66 -2.27 23.62
CA ASN A 1065 31.07 -3.59 23.50
C ASN A 1065 29.56 -3.49 23.67
N HIS A 1066 29.15 -2.63 24.60
CA HIS A 1066 27.74 -2.43 24.84
C HIS A 1066 27.10 -1.87 23.60
N THR A 1067 27.78 -0.94 22.93
CA THR A 1067 27.20 -0.36 21.74
C THR A 1067 26.96 -1.42 20.68
N ARG A 1068 27.90 -2.35 20.55
CA ARG A 1068 27.77 -3.41 19.57
C ARG A 1068 26.52 -4.24 19.81
N ALA A 1069 26.17 -4.39 21.08
CA ALA A 1069 25.01 -5.15 21.53
C ALA A 1069 23.71 -4.35 21.52
N PHE A 1070 23.74 -3.07 21.12
CA PHE A 1070 22.59 -2.17 21.17
C PHE A 1070 22.20 -1.90 22.61
N ILE A 1071 21.10 -2.44 23.10
CA ILE A 1071 20.79 -2.16 24.49
C ILE A 1071 21.63 -3.08 25.33
N GLN A 1072 22.51 -2.49 26.12
CA GLN A 1072 23.44 -3.24 26.95
C GLN A 1072 23.96 -2.37 28.08
N GLN A 1073 24.57 -3.03 29.08
CA GLN A 1073 25.15 -2.39 30.26
C GLN A 1073 24.03 -1.69 31.00
N ALA A 1074 24.13 -0.39 31.29
CA ALA A 1074 23.03 0.19 32.03
C ALA A 1074 21.72 0.05 31.27
N LEU A 1075 21.78 0.07 29.94
CA LEU A 1075 20.57 -0.04 29.13
C LEU A 1075 19.99 -1.45 29.13
N ASN A 1076 20.78 -2.46 29.50
CA ASN A 1076 20.38 -3.85 29.55
C ASN A 1076 21.53 -4.67 30.05
N LYS A 1077 21.79 -4.62 31.34
CA LYS A 1077 22.93 -5.39 31.84
C LYS A 1077 22.77 -6.88 31.51
N ILE A 1078 21.54 -7.40 31.59
CA ILE A 1078 21.15 -8.79 31.23
C ILE A 1078 21.82 -9.90 32.04
N THR A 1079 23.14 -9.97 31.91
CA THR A 1079 24.01 -10.97 32.50
C THR A 1079 24.24 -10.67 33.95
N VAL A 1080 23.62 -9.59 34.39
CA VAL A 1080 23.62 -9.14 35.75
C VAL A 1080 23.13 -10.26 36.62
N ALA A 1081 22.27 -11.11 36.08
CA ALA A 1081 21.76 -12.21 36.85
C ALA A 1081 22.90 -13.08 37.38
N PHE A 1082 23.96 -13.24 36.59
CA PHE A 1082 25.11 -14.03 37.00
C PHE A 1082 26.14 -13.16 37.73
N ARG A 1083 26.27 -11.90 37.30
CA ARG A 1083 27.26 -10.99 37.87
C ARG A 1083 26.98 -10.83 39.34
N TYR A 1084 25.70 -10.87 39.67
CA TYR A 1084 25.26 -10.77 41.02
C TYR A 1084 25.86 -11.87 41.87
N GLN A 1085 26.06 -13.07 41.32
CA GLN A 1085 26.61 -14.15 42.10
C GLN A 1085 28.06 -13.85 42.40
N ASN A 1086 28.75 -13.31 41.41
CA ASN A 1086 30.16 -12.99 41.59
C ASN A 1086 30.33 -11.92 42.65
N LEU A 1087 29.42 -10.95 42.67
CA LEU A 1087 29.48 -9.91 43.67
C LEU A 1087 29.03 -10.45 45.01
N THR A 1088 28.05 -11.35 45.00
CA THR A 1088 27.59 -11.92 46.24
C THR A 1088 28.71 -12.67 46.91
N GLU A 1089 29.53 -13.35 46.11
CA GLU A 1089 30.64 -14.11 46.62
C GLU A 1089 31.87 -13.23 46.85
N LEU A 1090 31.69 -12.19 47.66
CA LEU A 1090 32.74 -11.23 47.96
C LEU A 1090 32.42 -10.48 49.25
N PHE A 1091 33.43 -9.94 49.93
CA PHE A 1091 33.16 -9.19 51.16
C PHE A 1091 34.08 -7.98 51.33
N GLU A 1092 34.11 -7.10 50.34
CA GLU A 1092 34.94 -5.91 50.38
C GLU A 1092 34.21 -4.78 49.67
N TYR A 1093 33.09 -4.34 50.22
CA TYR A 1093 32.25 -3.38 49.51
C TYR A 1093 31.95 -3.92 48.13
N CYS A 1094 31.51 -5.18 48.07
CA CYS A 1094 31.25 -5.90 46.82
C CYS A 1094 30.25 -5.17 45.94
N LYS A 1095 29.31 -4.50 46.59
CA LYS A 1095 28.25 -3.74 45.98
C LYS A 1095 28.79 -2.62 45.12
N PHE A 1096 30.03 -2.21 45.36
CA PHE A 1096 30.66 -1.13 44.63
C PHE A 1096 30.76 -1.47 43.15
N ASP A 1097 30.67 -2.75 42.81
CA ASP A 1097 30.72 -3.19 41.43
C ASP A 1097 29.58 -2.54 40.64
N LEU A 1098 28.48 -2.24 41.34
CA LEU A 1098 27.28 -1.66 40.78
C LEU A 1098 27.56 -0.30 40.20
N ILE A 1099 28.60 0.35 40.68
CA ILE A 1099 28.90 1.66 40.17
C ILE A 1099 29.14 1.59 38.67
N MET A 1100 29.74 0.49 38.21
CA MET A 1100 29.98 0.36 36.79
C MET A 1100 28.78 -0.23 36.12
N TYR A 1101 28.13 -1.18 36.79
CA TYR A 1101 26.98 -1.85 36.18
C TYR A 1101 25.85 -0.85 35.88
N TRP A 1102 25.73 0.15 36.76
CA TRP A 1102 24.74 1.22 36.69
C TRP A 1102 25.01 2.11 35.50
N PHE A 1103 26.21 1.98 34.94
CA PHE A 1103 26.69 2.69 33.79
C PHE A 1103 26.91 1.64 32.70
N HIS A 1128 22.97 4.43 42.42
CA HIS A 1128 23.50 4.39 43.78
C HIS A 1128 22.94 3.18 44.47
N GLU A 1129 22.27 3.38 45.61
CA GLU A 1129 21.60 2.27 46.30
C GLU A 1129 20.56 1.69 45.34
N PHE A 1130 20.07 2.58 44.49
CA PHE A 1130 19.08 2.31 43.47
C PHE A 1130 19.52 1.21 42.54
N LEU A 1131 20.83 1.08 42.30
CA LEU A 1131 21.30 0.06 41.39
C LEU A 1131 20.92 -1.32 41.91
N GLY A 1132 20.89 -1.49 43.24
CA GLY A 1132 20.52 -2.76 43.82
C GLY A 1132 19.01 -2.86 43.86
N ARG A 1133 18.36 -1.72 44.10
CA ARG A 1133 16.91 -1.67 44.20
C ARG A 1133 16.30 -2.15 42.89
N TYR A 1134 16.99 -1.84 41.81
CA TYR A 1134 16.60 -2.17 40.45
C TYR A 1134 16.34 -3.65 40.27
N PHE A 1135 16.99 -4.50 41.06
CA PHE A 1135 16.77 -5.91 40.95
C PHE A 1135 16.72 -6.46 42.36
N VAL A 1136 16.00 -5.77 43.23
CA VAL A 1136 15.92 -6.17 44.61
C VAL A 1136 15.35 -7.56 44.80
N GLU A 1137 14.38 -7.94 43.98
CA GLU A 1137 13.79 -9.26 44.16
C GLU A 1137 14.81 -10.33 43.90
N ILE A 1138 15.66 -10.09 42.91
CA ILE A 1138 16.66 -11.07 42.57
C ILE A 1138 17.63 -11.18 43.73
N SER A 1139 17.96 -10.04 44.32
CA SER A 1139 18.89 -10.03 45.42
C SER A 1139 18.33 -10.78 46.62
N ALA A 1140 17.04 -10.63 46.88
CA ALA A 1140 16.44 -11.32 48.00
C ALA A 1140 16.49 -12.81 47.79
N ILE A 1141 16.19 -13.21 46.56
CA ILE A 1141 16.23 -14.61 46.23
C ILE A 1141 17.64 -15.11 46.33
N TYR A 1142 18.59 -14.28 45.91
CA TYR A 1142 19.97 -14.65 45.96
C TYR A 1142 20.43 -14.86 47.38
N PHE A 1143 19.98 -14.03 48.31
CA PHE A 1143 20.39 -14.22 49.70
C PHE A 1143 19.87 -15.54 50.22
N SER A 1144 18.63 -15.86 49.87
CA SER A 1144 18.08 -17.11 50.33
C SER A 1144 18.85 -18.28 49.74
N GLN A 1145 19.21 -18.15 48.46
CA GLN A 1145 19.96 -19.16 47.73
C GLN A 1145 21.38 -19.26 48.24
N GLY A 1146 21.94 -18.13 48.66
CA GLY A 1146 23.28 -18.09 49.14
C GLY A 1146 23.37 -19.04 50.28
N PHE A 1147 22.34 -19.02 51.13
CA PHE A 1147 22.26 -19.96 52.20
C PHE A 1147 23.55 -19.90 52.98
N ASN A 1148 24.45 -20.83 52.71
CA ASN A 1148 25.72 -20.92 53.41
C ASN A 1148 26.52 -19.63 53.23
N GLN A 1149 26.37 -19.01 52.06
CA GLN A 1149 27.08 -17.79 51.73
C GLN A 1149 26.32 -16.54 52.21
N LYS A 1150 25.18 -16.69 52.87
CA LYS A 1150 24.44 -15.54 53.33
C LYS A 1150 25.30 -14.84 54.38
N TRP A 1151 25.25 -13.52 54.44
CA TRP A 1151 26.11 -12.77 55.34
C TRP A 1151 25.51 -11.43 55.72
N ILE A 1152 26.25 -10.69 56.56
CA ILE A 1152 25.82 -9.38 57.03
C ILE A 1152 25.51 -8.44 55.87
N LEU A 1153 26.19 -8.57 54.75
CA LEU A 1153 25.86 -7.70 53.64
C LEU A 1153 24.39 -7.92 53.22
N ASP A 1154 23.91 -9.18 53.30
CA ASP A 1154 22.53 -9.49 52.95
C ASP A 1154 21.62 -8.91 53.99
N MET A 1155 22.09 -8.94 55.25
CA MET A 1155 21.33 -8.36 56.34
C MET A 1155 21.17 -6.87 56.13
N LEU A 1156 22.20 -6.21 55.61
CA LEU A 1156 22.10 -4.79 55.34
C LEU A 1156 20.98 -4.54 54.34
N HIS A 1157 20.86 -5.39 53.34
CA HIS A 1157 19.77 -5.23 52.41
C HIS A 1157 18.44 -5.44 53.13
N ALA A 1158 18.40 -6.42 54.04
CA ALA A 1158 17.19 -6.69 54.80
C ALA A 1158 16.82 -5.48 55.63
N ILE A 1159 17.83 -4.78 56.13
CA ILE A 1159 17.59 -3.58 56.89
C ILE A 1159 16.97 -2.49 56.02
N THR A 1160 17.39 -2.43 54.75
CA THR A 1160 16.85 -1.47 53.79
C THR A 1160 15.39 -1.77 53.51
N GLY A 1161 15.08 -3.05 53.51
CA GLY A 1161 13.76 -3.59 53.27
C GLY A 1161 12.81 -3.32 54.44
N ASN A 1162 11.51 -3.33 54.15
CA ASN A 1162 10.52 -3.14 55.20
C ASN A 1162 9.85 -4.48 55.51
N GLY A 1163 8.56 -4.63 55.20
CA GLY A 1163 7.87 -5.90 55.46
C GLY A 1163 8.58 -7.00 54.71
N ASP A 1164 9.10 -6.58 53.56
CA ASP A 1164 9.83 -7.31 52.55
C ASP A 1164 11.04 -8.00 53.14
N ALA A 1165 11.55 -7.50 54.25
CA ALA A 1165 12.71 -8.12 54.86
C ALA A 1165 12.38 -9.58 55.13
N TYR A 1166 11.13 -9.87 55.48
CA TYR A 1166 10.69 -11.25 55.68
C TYR A 1166 9.78 -11.66 54.53
N LEU A 1167 8.89 -10.75 54.15
CA LEU A 1167 7.89 -11.00 53.13
C LEU A 1167 8.47 -11.26 51.75
N VAL A 1168 9.60 -10.67 51.38
CA VAL A 1168 10.06 -10.93 50.05
C VAL A 1168 10.55 -12.34 49.98
N ASP A 1169 11.27 -12.77 50.99
CA ASP A 1169 11.78 -14.12 50.99
C ASP A 1169 10.63 -15.11 51.02
N ASN A 1170 9.58 -14.72 51.72
CA ASN A 1170 8.39 -15.51 51.91
C ASN A 1170 7.43 -15.45 50.73
N SER A 1171 7.72 -14.61 49.73
CA SER A 1171 6.79 -14.45 48.64
C SER A 1171 7.47 -14.28 47.29
N TYR A 1172 8.40 -13.33 47.19
CA TYR A 1172 9.04 -13.03 45.92
C TYR A 1172 10.05 -14.10 45.58
N TYR A 1173 10.78 -14.59 46.58
CA TYR A 1173 11.79 -15.59 46.29
C TYR A 1173 11.14 -16.84 45.76
N LEU A 1174 9.94 -17.14 46.26
CA LEU A 1174 9.19 -18.33 45.91
C LEU A 1174 8.88 -18.38 44.43
N CYS A 1175 8.90 -17.23 43.76
CA CYS A 1175 8.64 -17.18 42.34
C CYS A 1175 9.67 -18.02 41.59
N ILE A 1176 10.89 -18.08 42.11
CA ILE A 1176 11.91 -18.85 41.47
C ILE A 1176 12.91 -19.42 42.49
N PRO A 1177 12.57 -19.53 43.76
CA PRO A 1177 13.56 -20.01 44.74
C PRO A 1177 14.11 -21.39 44.38
N LEU A 1178 13.26 -22.25 43.87
CA LEU A 1178 13.67 -23.60 43.52
C LEU A 1178 14.62 -23.61 42.35
N ALA A 1179 14.57 -22.56 41.55
CA ALA A 1179 15.36 -22.45 40.34
C ALA A 1179 16.81 -22.25 40.69
N PHE A 1180 17.06 -21.82 41.94
CA PHE A 1180 18.39 -21.57 42.38
C PHE A 1180 19.06 -22.85 42.84
N ILE A 1181 18.30 -23.95 42.94
CA ILE A 1181 18.86 -25.16 43.49
C ILE A 1181 19.39 -24.86 44.89
N SER A 1182 20.67 -24.56 44.99
CA SER A 1182 21.38 -24.27 46.24
C SER A 1182 21.33 -25.44 47.23
N GLY A 1183 21.23 -26.65 46.68
CA GLY A 1183 21.15 -27.94 47.36
C GLY A 1183 19.73 -28.30 47.78
N GLY A 1184 19.47 -29.61 47.88
CA GLY A 1184 18.16 -30.06 48.32
C GLY A 1184 17.86 -29.52 49.70
N VAL A 1185 18.89 -29.35 50.52
CA VAL A 1185 18.73 -28.82 51.86
C VAL A 1185 18.17 -27.40 51.82
N ASN A 1186 18.54 -26.62 50.81
CA ASN A 1186 18.06 -25.26 50.73
C ASN A 1186 16.62 -25.29 50.31
N GLU A 1187 16.30 -26.24 49.43
CA GLU A 1187 14.94 -26.38 49.00
C GLU A 1187 14.08 -26.79 50.19
N LEU A 1188 14.65 -27.64 51.05
CA LEU A 1188 13.96 -28.08 52.24
C LEU A 1188 13.72 -26.91 53.19
N ILE A 1189 14.71 -26.02 53.34
CA ILE A 1189 14.50 -24.88 54.21
C ILE A 1189 13.40 -23.99 53.64
N PHE A 1190 13.37 -23.85 52.32
CA PHE A 1190 12.33 -23.04 51.72
C PHE A 1190 10.98 -23.69 51.98
N ASP A 1191 10.94 -25.03 51.89
CA ASP A 1191 9.75 -25.84 52.14
C ASP A 1191 9.31 -25.70 53.57
N ILE A 1192 10.29 -25.55 54.49
CA ILE A 1192 10.04 -25.36 55.90
C ILE A 1192 9.21 -24.12 56.05
N LEU A 1193 9.46 -23.15 55.16
CA LEU A 1193 8.65 -21.96 55.12
C LEU A 1193 8.62 -21.27 56.46
N PRO A 1194 9.78 -20.92 56.98
CA PRO A 1194 9.85 -20.31 58.30
C PRO A 1194 8.96 -19.06 58.39
N GLN A 1195 8.83 -18.32 57.30
CA GLN A 1195 8.01 -17.12 57.30
C GLN A 1195 6.86 -17.21 56.28
N ILE A 1196 6.36 -18.42 55.98
CA ILE A 1196 5.33 -18.55 54.94
C ILE A 1196 4.35 -19.70 55.18
N SER A 1197 3.24 -19.71 54.44
CA SER A 1197 2.22 -20.75 54.59
C SER A 1197 2.56 -22.10 53.92
N GLY A 1198 3.55 -22.74 54.51
CA GLY A 1198 4.05 -24.07 54.16
C GLY A 1198 4.29 -24.26 52.66
N LYS A 1199 3.79 -25.40 52.15
CA LYS A 1199 3.96 -25.73 50.75
C LYS A 1199 3.03 -24.98 49.85
N THR A 1200 1.83 -24.65 50.33
CA THR A 1200 0.88 -24.01 49.45
C THR A 1200 1.46 -22.72 48.94
N THR A 1201 2.18 -22.04 49.84
CA THR A 1201 2.81 -20.76 49.62
C THR A 1201 3.79 -20.75 48.49
N VAL A 1202 4.38 -21.88 48.15
CA VAL A 1202 5.35 -21.90 47.08
C VAL A 1202 4.99 -22.97 46.07
N LYS A 1203 3.72 -23.34 46.03
CA LYS A 1203 3.25 -24.34 45.10
C LYS A 1203 1.99 -23.85 44.46
N TYR A 1204 0.90 -23.82 45.22
CA TYR A 1204 -0.37 -23.41 44.67
C TYR A 1204 -0.27 -21.99 44.20
N HIS A 1205 0.49 -21.23 44.96
CA HIS A 1205 0.71 -19.83 44.70
C HIS A 1205 1.81 -19.59 43.68
N LYS A 1206 2.49 -20.63 43.19
CA LYS A 1206 3.60 -20.40 42.30
C LYS A 1206 3.80 -21.50 41.28
N LYS A 1207 2.74 -21.94 40.59
CA LYS A 1207 2.92 -22.99 39.59
C LYS A 1207 3.87 -22.52 38.49
N TYR A 1208 3.82 -21.22 38.21
CA TYR A 1208 4.61 -20.55 37.18
C TYR A 1208 6.10 -20.60 37.49
N ARG A 1209 6.45 -20.88 38.73
CA ARG A 1209 7.84 -20.97 39.14
C ARG A 1209 8.49 -22.09 38.35
N LEU A 1210 7.68 -23.03 37.86
CA LEU A 1210 8.18 -24.12 37.09
C LEU A 1210 8.86 -23.61 35.84
N LEU A 1211 8.35 -22.52 35.27
CA LEU A 1211 8.96 -21.98 34.07
C LEU A 1211 10.28 -21.37 34.41
N MET A 1212 10.34 -20.69 35.55
CA MET A 1212 11.59 -20.07 35.93
C MET A 1212 12.63 -21.13 36.16
N LEU A 1213 12.21 -22.23 36.79
CA LEU A 1213 13.10 -23.33 37.03
C LEU A 1213 13.47 -24.01 35.75
N LYS A 1214 12.53 -24.15 34.82
CA LYS A 1214 12.84 -24.80 33.57
C LYS A 1214 13.91 -24.06 32.82
N TRP A 1215 13.86 -22.73 32.87
CA TRP A 1215 14.88 -21.96 32.20
C TRP A 1215 16.22 -22.15 32.89
N ILE A 1216 16.22 -22.13 34.22
CA ILE A 1216 17.45 -22.28 34.99
C ILE A 1216 18.07 -23.63 34.77
N ILE A 1217 17.21 -24.61 34.61
CA ILE A 1217 17.49 -26.01 34.42
C ILE A 1217 17.78 -26.36 32.98
N ARG A 1218 17.77 -25.40 32.08
CA ARG A 1218 17.88 -25.71 30.68
C ARG A 1218 19.26 -26.18 30.30
N PHE A 1219 19.53 -27.46 30.56
CA PHE A 1219 20.81 -28.09 30.31
C PHE A 1219 21.20 -28.00 28.84
N THR A 1220 20.21 -28.06 27.94
CA THR A 1220 20.47 -27.98 26.50
C THR A 1220 21.54 -28.99 26.15
N ASP A 1221 21.35 -30.21 26.63
CA ASP A 1221 22.27 -31.29 26.43
C ASP A 1221 22.37 -31.66 24.99
N LEU A 1222 23.53 -32.13 24.60
CA LEU A 1222 23.70 -32.60 23.24
C LEU A 1222 22.69 -33.68 23.05
N GLY A 1223 22.11 -33.76 21.85
CA GLY A 1223 21.06 -34.73 21.60
C GLY A 1223 21.48 -36.14 21.96
N SER A 1224 22.75 -36.49 21.78
CA SER A 1224 23.12 -37.84 22.15
C SER A 1224 22.84 -38.09 23.63
N LEU A 1225 23.05 -37.07 24.46
CA LEU A 1225 22.84 -37.17 25.88
C LEU A 1225 21.39 -36.92 26.22
N THR A 1226 20.78 -35.98 25.49
CA THR A 1226 19.42 -35.59 25.75
C THR A 1226 18.52 -36.77 25.51
N GLU A 1227 18.86 -37.56 24.51
CA GLU A 1227 18.11 -38.74 24.17
C GLU A 1227 18.11 -39.72 25.33
N LEU A 1228 19.24 -39.81 26.03
CA LEU A 1228 19.34 -40.73 27.15
C LEU A 1228 18.51 -40.20 28.30
N ARG A 1229 18.56 -38.89 28.49
CA ARG A 1229 17.80 -38.31 29.57
C ARG A 1229 16.33 -38.56 29.32
N SER A 1230 15.94 -38.42 28.05
CA SER A 1230 14.58 -38.63 27.60
C SER A 1230 14.21 -40.08 27.75
N THR A 1231 15.14 -40.99 27.51
CA THR A 1231 14.81 -42.39 27.64
C THR A 1231 14.29 -42.67 29.03
N VAL A 1232 14.84 -41.99 30.03
CA VAL A 1232 14.36 -42.18 31.38
C VAL A 1232 13.17 -41.27 31.70
N GLU A 1233 13.27 -40.00 31.29
CA GLU A 1233 12.31 -38.96 31.61
C GLU A 1233 10.98 -39.03 30.85
N LYS A 1234 11.02 -39.60 29.68
CA LYS A 1234 9.89 -39.74 28.78
C LYS A 1234 9.91 -41.17 28.30
N LEU A 1235 9.92 -42.03 29.29
CA LEU A 1235 10.08 -43.44 29.09
C LEU A 1235 8.96 -43.98 28.24
N PHE A 1236 9.32 -44.99 27.46
CA PHE A 1236 8.48 -45.75 26.54
C PHE A 1236 8.18 -45.05 25.22
N PRO A 1237 8.65 -43.82 24.98
CA PRO A 1237 8.48 -43.24 23.65
C PRO A 1237 7.05 -43.38 23.16
N THR A 1238 6.11 -42.92 23.94
CA THR A 1238 4.73 -43.11 23.59
C THR A 1238 4.24 -42.35 22.36
N SER A 1239 4.36 -43.00 21.20
CA SER A 1239 3.86 -42.48 19.93
C SER A 1239 4.41 -41.12 19.62
N TYR A 1240 3.68 -40.07 19.98
CA TYR A 1240 4.13 -38.74 19.67
C TYR A 1240 5.48 -38.53 20.30
N LEU A 1241 5.70 -39.13 21.47
CA LEU A 1241 6.98 -39.02 22.12
C LEU A 1241 8.03 -39.71 21.26
N SER A 1242 7.66 -40.79 20.56
CA SER A 1242 8.65 -41.46 19.73
C SER A 1242 9.01 -40.59 18.58
N PRO A 1243 8.01 -39.89 18.04
CA PRO A 1243 8.24 -38.99 16.92
C PRO A 1243 9.15 -37.86 17.34
N TYR A 1244 8.94 -37.36 18.55
CA TYR A 1244 9.77 -36.30 19.07
C TYR A 1244 11.17 -36.80 19.32
N LEU A 1245 11.27 -38.03 19.81
CA LEU A 1245 12.56 -38.63 20.05
C LEU A 1245 13.27 -38.81 18.73
N PHE A 1246 12.52 -39.19 17.70
CA PHE A 1246 13.08 -39.39 16.38
C PHE A 1246 13.61 -38.07 15.87
N GLU A 1247 12.89 -36.99 16.17
CA GLU A 1247 13.38 -35.68 15.77
C GLU A 1247 14.69 -35.37 16.48
N ASN A 1248 14.78 -35.68 17.78
CA ASN A 1248 15.99 -35.44 18.54
C ASN A 1248 17.15 -36.27 18.00
N SER A 1249 16.82 -37.47 17.57
CA SER A 1249 17.77 -38.42 17.04
C SER A 1249 18.32 -38.01 15.68
N SER A 1250 17.66 -37.06 15.03
CA SER A 1250 18.07 -36.65 13.70
C SER A 1250 19.15 -35.60 13.79
N VAL A 1251 19.39 -35.12 15.00
CA VAL A 1251 20.33 -34.07 15.26
C VAL A 1251 21.78 -34.50 15.15
N SER A 1252 22.64 -33.53 14.85
CA SER A 1252 24.09 -33.71 14.83
C SER A 1252 24.65 -33.61 16.24
N MET A 1253 23.76 -33.31 17.18
CA MET A 1253 24.01 -33.12 18.59
C MET A 1253 25.04 -32.05 18.85
N ARG A 1254 24.98 -30.97 18.07
CA ARG A 1254 25.91 -29.87 18.19
C ARG A 1254 25.50 -28.88 19.27
N TYR A 1255 25.47 -29.33 20.50
CA TYR A 1255 25.13 -28.46 21.62
C TYR A 1255 26.39 -28.04 22.33
N GLN A 1256 26.42 -26.81 22.83
CA GLN A 1256 27.56 -26.41 23.60
C GLN A 1256 27.29 -26.64 25.06
N TYR A 1257 28.17 -27.37 25.71
CA TYR A 1257 28.04 -27.60 27.14
C TYR A 1257 28.09 -26.25 27.85
N PRO A 1258 28.88 -25.34 27.26
CA PRO A 1258 29.10 -23.98 27.73
C PRO A 1258 27.82 -23.19 27.76
N LEU A 1259 26.79 -23.63 27.04
CA LEU A 1259 25.51 -22.93 26.96
C LEU A 1259 24.90 -22.80 28.33
N HIS A 1260 25.34 -23.68 29.25
CA HIS A 1260 24.89 -23.69 30.60
C HIS A 1260 25.20 -22.32 31.26
N ILE A 1261 26.29 -21.65 30.84
CA ILE A 1261 26.70 -20.35 31.40
C ILE A 1261 26.92 -20.47 32.90
N PRO A 1262 26.02 -19.90 33.72
CA PRO A 1262 26.13 -19.94 35.19
C PRO A 1262 26.02 -21.40 35.64
N LEU A 1263 25.43 -22.16 34.74
CA LEU A 1263 25.22 -23.58 34.73
C LEU A 1263 24.47 -24.26 35.83
N ALA A 1264 23.43 -23.65 36.38
CA ALA A 1264 22.58 -24.39 37.30
C ALA A 1264 22.02 -25.54 36.48
N LEU A 1265 21.83 -25.24 35.21
CA LEU A 1265 21.36 -26.12 34.18
C LEU A 1265 22.21 -27.34 34.01
N GLY A 1266 23.54 -27.20 34.13
CA GLY A 1266 24.37 -28.36 33.95
C GLY A 1266 24.12 -29.29 35.11
N ALA A 1267 23.98 -28.70 36.30
CA ALA A 1267 23.70 -29.48 37.50
C ALA A 1267 22.33 -30.12 37.38
N THR A 1268 21.39 -29.39 36.81
CA THR A 1268 20.06 -29.90 36.67
C THR A 1268 20.09 -31.17 35.84
N LEU A 1269 20.89 -31.17 34.79
CA LEU A 1269 21.07 -32.35 33.99
C LEU A 1269 19.75 -33.07 33.78
N VAL A 1270 19.75 -34.39 34.01
CA VAL A 1270 18.53 -35.19 34.03
C VAL A 1270 17.99 -35.29 35.46
N GLN A 1271 18.70 -34.68 36.42
CA GLN A 1271 18.34 -34.69 37.83
C GLN A 1271 17.02 -33.98 37.96
N THR A 1272 16.86 -33.04 37.06
CA THR A 1272 15.73 -32.19 36.88
C THR A 1272 14.47 -33.01 36.70
N GLN A 1273 14.58 -34.23 36.19
CA GLN A 1273 13.40 -35.03 36.01
C GLN A 1273 12.74 -35.29 37.36
N PHE A 1274 13.55 -35.48 38.41
CA PHE A 1274 13.02 -35.73 39.73
C PHE A 1274 12.36 -34.48 40.24
N ALA A 1275 12.96 -33.35 39.91
CA ALA A 1275 12.37 -32.10 40.32
C ALA A 1275 11.04 -31.91 39.62
N HIS A 1276 10.99 -32.28 38.35
CA HIS A 1276 9.79 -32.16 37.55
C HIS A 1276 8.69 -33.01 38.13
N GLU A 1277 9.09 -34.16 38.68
CA GLU A 1277 8.22 -35.15 39.27
C GLU A 1277 7.51 -34.61 40.49
N LYS A 1278 7.97 -33.49 41.05
CA LYS A 1278 7.34 -32.89 42.20
C LYS A 1278 5.98 -32.31 41.81
N ASN A 1279 5.80 -32.06 40.51
CA ASN A 1279 4.59 -31.49 39.95
C ASN A 1279 3.50 -32.55 39.87
N ASN A 1280 2.26 -32.12 39.79
CA ASN A 1280 1.14 -33.05 39.69
C ASN A 1280 -0.02 -32.42 38.95
N THR A 1281 -0.94 -33.27 38.48
CA THR A 1281 -2.16 -32.83 37.82
C THR A 1281 -1.90 -31.94 36.60
N HIS A 1282 -1.07 -32.43 35.68
CA HIS A 1282 -0.78 -31.69 34.46
C HIS A 1282 -2.07 -31.49 33.70
N GLU A 1283 -2.21 -30.31 33.09
CA GLU A 1283 -3.40 -29.91 32.36
C GLU A 1283 -3.05 -29.08 31.13
N PHE A 1284 -3.96 -29.08 30.18
CA PHE A 1284 -3.84 -28.32 28.94
C PHE A 1284 -3.50 -26.88 29.16
N LYS A 1285 -4.17 -26.27 30.10
CA LYS A 1285 -3.98 -24.87 30.36
C LYS A 1285 -2.54 -24.56 30.73
N LEU A 1286 -1.88 -25.47 31.44
CA LEU A 1286 -0.54 -25.20 31.86
C LEU A 1286 0.36 -25.27 30.66
N LEU A 1287 0.09 -26.24 29.80
CA LEU A 1287 0.90 -26.38 28.60
C LEU A 1287 0.74 -25.19 27.73
N PHE A 1288 -0.50 -24.80 27.56
CA PHE A 1288 -0.87 -23.73 26.70
C PHE A 1288 -0.13 -22.47 27.09
N LEU A 1289 -0.18 -22.12 28.37
CA LEU A 1289 0.46 -20.92 28.83
C LEU A 1289 1.97 -21.02 28.76
N SER A 1290 2.53 -22.18 29.07
CA SER A 1290 3.97 -22.31 29.04
C SER A 1290 4.50 -22.17 27.65
N VAL A 1291 3.82 -22.74 26.67
CA VAL A 1291 4.34 -22.66 25.34
C VAL A 1291 4.36 -21.25 24.85
N ILE A 1292 3.30 -20.51 25.08
CA ILE A 1292 3.33 -19.15 24.59
C ILE A 1292 4.31 -18.27 25.36
N THR A 1293 4.50 -18.56 26.64
CA THR A 1293 5.44 -17.78 27.39
C THR A 1293 6.82 -17.94 26.84
N ASP A 1294 7.20 -19.18 26.61
CA ASP A 1294 8.53 -19.41 26.16
C ASP A 1294 8.69 -19.05 24.71
N LEU A 1295 7.67 -19.32 23.91
CA LEU A 1295 7.75 -19.04 22.50
C LEU A 1295 8.06 -17.60 22.27
N GLU A 1296 7.40 -16.71 23.01
CA GLU A 1296 7.67 -15.31 22.79
C GLU A 1296 9.04 -14.91 23.30
N LYS A 1297 9.48 -15.45 24.42
CA LYS A 1297 10.79 -15.07 24.89
C LYS A 1297 11.85 -15.51 23.89
N THR A 1298 11.62 -16.64 23.27
CA THR A 1298 12.55 -17.23 22.35
C THR A 1298 12.41 -16.69 20.95
N SER A 1299 11.49 -15.74 20.78
CA SER A 1299 11.29 -15.11 19.49
C SER A 1299 12.19 -13.93 19.36
N THR A 1300 12.93 -13.59 20.42
CA THR A 1300 13.79 -12.42 20.32
C THR A 1300 15.24 -12.69 20.68
N TYR A 1301 16.01 -11.61 20.59
CA TYR A 1301 17.44 -11.54 20.86
C TYR A 1301 18.23 -12.37 19.83
N ILE A 1302 19.47 -12.73 20.17
CA ILE A 1302 20.36 -13.43 19.25
C ILE A 1302 19.94 -14.86 19.01
N GLY A 1303 20.27 -15.37 17.83
CA GLY A 1303 19.99 -16.76 17.47
C GLY A 1303 21.03 -17.70 18.06
N LYS A 1304 22.03 -17.13 18.70
CA LYS A 1304 23.12 -17.86 19.26
C LYS A 1304 22.66 -18.93 20.23
N LEU A 1305 21.59 -18.68 20.98
CA LEU A 1305 21.10 -19.65 21.93
C LEU A 1305 19.75 -20.19 21.50
N ARG A 1306 19.45 -20.11 20.22
CA ARG A 1306 18.15 -20.59 19.73
C ARG A 1306 17.97 -22.06 20.03
N CYS A 1307 19.05 -22.82 20.02
CA CYS A 1307 18.98 -24.24 20.29
C CYS A 1307 18.36 -24.51 21.65
N ALA A 1308 18.58 -23.61 22.61
CA ALA A 1308 18.03 -23.81 23.94
C ALA A 1308 16.52 -23.80 23.87
N ARG A 1309 15.98 -22.98 22.99
CA ARG A 1309 14.55 -22.86 22.88
C ARG A 1309 13.99 -24.12 22.33
N GLU A 1310 14.70 -24.67 21.35
CA GLU A 1310 14.24 -25.87 20.72
C GLU A 1310 14.19 -27.00 21.71
N LEU A 1311 15.22 -27.08 22.54
CA LEU A 1311 15.25 -28.12 23.52
C LEU A 1311 14.14 -27.94 24.53
N LYS A 1312 13.89 -26.69 24.92
CA LYS A 1312 12.86 -26.44 25.88
C LYS A 1312 11.50 -26.84 25.35
N TYR A 1313 11.26 -26.53 24.07
CA TYR A 1313 9.99 -26.86 23.49
C TYR A 1313 9.79 -28.36 23.46
N LEU A 1314 10.86 -29.09 23.14
CA LEU A 1314 10.75 -30.52 23.08
C LEU A 1314 10.43 -31.07 24.45
N PHE A 1315 11.06 -30.52 25.47
CA PHE A 1315 10.79 -30.99 26.81
C PHE A 1315 9.36 -30.71 27.19
N VAL A 1316 8.86 -29.54 26.80
CA VAL A 1316 7.49 -29.19 27.13
C VAL A 1316 6.54 -30.15 26.51
N LEU A 1317 6.84 -30.55 25.28
CA LEU A 1317 6.00 -31.50 24.62
C LEU A 1317 6.12 -32.86 25.24
N TYR A 1318 7.33 -33.27 25.61
CA TYR A 1318 7.56 -34.60 26.15
C TYR A 1318 6.80 -34.79 27.44
N GLU A 1319 6.72 -33.73 28.20
CA GLU A 1319 6.07 -33.73 29.48
C GLU A 1319 4.55 -33.73 29.42
N ASN A 1320 3.96 -33.45 28.26
CA ASN A 1320 2.52 -33.29 28.24
C ASN A 1320 1.79 -34.37 27.46
N VAL A 1321 0.83 -34.99 28.11
CA VAL A 1321 -0.01 -36.02 27.49
C VAL A 1321 -1.23 -35.38 26.83
N LEU A 1322 -1.32 -34.06 26.94
CA LEU A 1322 -2.47 -33.33 26.44
C LEU A 1322 -2.38 -33.11 24.95
N VAL A 1323 -3.19 -33.86 24.22
CA VAL A 1323 -3.18 -33.82 22.78
C VAL A 1323 -4.60 -33.93 22.23
N LYS A 1324 -5.46 -32.98 22.57
CA LYS A 1324 -6.89 -33.08 22.26
C LYS A 1324 -7.29 -32.72 20.84
N SER A 1325 -6.80 -33.51 19.89
CA SER A 1325 -7.14 -33.41 18.47
C SER A 1325 -7.03 -32.01 17.87
N SER A 1326 -8.17 -31.47 17.45
CA SER A 1326 -8.29 -30.19 16.77
C SER A 1326 -7.89 -29.01 17.64
N THR A 1327 -7.82 -29.26 18.92
CA THR A 1327 -7.45 -28.30 19.94
C THR A 1327 -6.07 -27.78 19.68
N LEU A 1328 -5.26 -28.57 19.01
CA LEU A 1328 -3.86 -28.30 18.82
C LEU A 1328 -3.55 -27.45 17.60
N ASN A 1329 -4.57 -27.03 16.86
CA ASN A 1329 -4.31 -26.21 15.68
C ASN A 1329 -3.51 -24.96 16.00
N PHE A 1330 -3.74 -24.37 17.16
CA PHE A 1330 -3.02 -23.17 17.54
C PHE A 1330 -1.53 -23.41 17.68
N ILE A 1331 -1.13 -24.63 17.95
CA ILE A 1331 0.27 -24.87 18.15
C ILE A 1331 0.92 -24.78 16.83
N ILE A 1332 0.30 -25.42 15.88
CA ILE A 1332 0.90 -25.50 14.58
C ILE A 1332 1.10 -24.13 13.99
N ILE A 1333 0.07 -23.29 14.06
CA ILE A 1333 0.22 -21.99 13.46
C ILE A 1333 1.05 -21.00 14.27
N ARG A 1334 1.01 -21.05 15.60
CA ARG A 1334 1.77 -20.07 16.37
C ARG A 1334 3.25 -20.30 16.25
N LEU A 1335 3.64 -21.54 16.01
CA LEU A 1335 5.05 -21.89 15.92
C LEU A 1335 5.61 -21.72 14.54
N SER A 1336 4.84 -21.16 13.62
CA SER A 1336 5.33 -21.03 12.27
C SER A 1336 6.31 -19.85 12.15
N LYS A 1337 7.53 -20.11 12.59
CA LYS A 1337 8.61 -19.13 12.63
C LYS A 1337 9.58 -19.28 11.47
N PHE A 1338 10.54 -20.21 11.59
CA PHE A 1338 11.54 -20.49 10.56
C PHE A 1338 12.23 -19.21 10.12
N LEU A 1339 12.57 -18.38 11.11
CA LEU A 1339 13.20 -17.07 10.93
C LEU A 1339 14.64 -17.12 10.41
N ILE A 1340 15.27 -18.26 10.56
CA ILE A 1340 16.64 -18.46 10.17
C ILE A 1340 16.79 -19.88 9.75
N ASP A 1341 17.73 -20.18 8.88
CA ASP A 1341 17.88 -21.57 8.49
C ASP A 1341 18.18 -22.48 9.69
N THR A 1342 18.93 -21.98 10.67
CA THR A 1342 19.22 -22.85 11.78
C THR A 1342 17.95 -23.15 12.57
N GLN A 1343 17.16 -22.10 12.76
CA GLN A 1343 15.93 -22.23 13.48
C GLN A 1343 14.99 -23.14 12.73
N ILE A 1344 15.02 -23.00 11.41
CA ILE A 1344 14.19 -23.74 10.50
C ILE A 1344 14.50 -25.21 10.57
N HIS A 1345 15.76 -25.56 10.73
CA HIS A 1345 16.08 -26.96 10.78
C HIS A 1345 15.47 -27.57 12.03
N ASP A 1346 15.58 -26.85 13.14
CA ASP A 1346 15.01 -27.35 14.38
C ASP A 1346 13.50 -27.40 14.29
N GLU A 1347 12.93 -26.37 13.69
CA GLU A 1347 11.52 -26.28 13.57
C GLU A 1347 11.00 -27.37 12.66
N VAL A 1348 11.73 -27.65 11.60
CA VAL A 1348 11.30 -28.68 10.68
C VAL A 1348 11.31 -30.02 11.37
N ILE A 1349 12.31 -30.26 12.21
CA ILE A 1349 12.36 -31.54 12.88
C ILE A 1349 11.17 -31.68 13.82
N THR A 1350 10.85 -30.60 14.52
CA THR A 1350 9.73 -30.62 15.43
C THR A 1350 8.43 -30.74 14.69
N ILE A 1351 8.33 -30.04 13.57
CA ILE A 1351 7.15 -30.03 12.77
C ILE A 1351 6.92 -31.39 12.16
N PHE A 1352 8.01 -32.05 11.77
CA PHE A 1352 7.87 -33.37 11.20
C PHE A 1352 7.31 -34.28 12.25
N SER A 1353 7.81 -34.13 13.49
CA SER A 1353 7.31 -34.95 14.56
C SER A 1353 5.86 -34.64 14.83
N SER A 1354 5.48 -33.36 14.76
CA SER A 1354 4.10 -32.99 15.01
C SER A 1354 3.17 -33.56 13.96
N LEU A 1355 3.58 -33.54 12.70
CA LEU A 1355 2.74 -34.09 11.65
C LEU A 1355 2.62 -35.58 11.86
N LEU A 1356 3.74 -36.20 12.23
CA LEU A 1356 3.76 -37.60 12.47
C LEU A 1356 2.86 -37.93 13.63
N ASN A 1357 2.85 -37.07 14.65
CA ASN A 1357 2.02 -37.28 15.81
C ASN A 1357 0.55 -37.22 15.46
N LEU A 1358 0.16 -36.29 14.59
CA LEU A 1358 -1.24 -36.23 14.20
C LEU A 1358 -1.60 -37.53 13.54
N ALA A 1359 -0.67 -38.05 12.74
CA ALA A 1359 -0.89 -39.31 12.10
C ALA A 1359 -0.89 -40.45 13.12
N ASP A 1360 0.01 -40.40 14.10
CA ASP A 1360 0.15 -41.46 15.11
C ASP A 1360 -1.13 -41.60 15.91
N LYS A 1361 -1.76 -40.46 16.16
CA LYS A 1361 -3.00 -40.38 16.90
C LYS A 1361 -4.18 -40.75 16.03
N ASN A 1362 -3.94 -40.86 14.72
CA ASN A 1362 -4.95 -41.08 13.72
C ASN A 1362 -6.06 -40.08 13.91
N THR A 1363 -5.70 -38.84 14.17
CA THR A 1363 -6.73 -37.86 14.45
C THR A 1363 -6.21 -36.48 14.19
N PHE A 1364 -6.53 -35.53 15.07
CA PHE A 1364 -6.06 -34.17 14.87
C PHE A 1364 -6.37 -33.77 13.46
N GLU A 1365 -7.63 -33.93 13.09
CA GLU A 1365 -8.09 -33.69 11.75
C GLU A 1365 -8.21 -32.22 11.51
N ILE A 1366 -7.07 -31.58 11.38
CA ILE A 1366 -7.01 -30.17 11.23
C ILE A 1366 -6.67 -29.70 9.84
N GLU A 1367 -7.65 -29.11 9.18
CA GLU A 1367 -7.39 -28.55 7.88
C GLU A 1367 -6.80 -27.14 7.99
N PRO A 1368 -7.35 -26.19 8.80
CA PRO A 1368 -6.96 -24.79 8.82
C PRO A 1368 -5.70 -24.52 9.60
N SER A 1369 -4.66 -25.20 9.17
CA SER A 1369 -3.34 -25.13 9.70
C SER A 1369 -2.51 -25.07 8.48
N LEU A 1370 -3.04 -25.71 7.45
CA LEU A 1370 -2.31 -25.91 6.25
C LEU A 1370 -1.88 -24.64 5.55
N PRO A 1371 -2.66 -23.57 5.46
CA PRO A 1371 -2.19 -22.40 4.77
C PRO A 1371 -1.07 -21.75 5.54
N ASN A 1372 -0.89 -22.09 6.82
CA ASN A 1372 0.12 -21.45 7.59
C ASN A 1372 1.32 -22.35 7.71
N LEU A 1373 1.24 -23.46 6.99
CA LEU A 1373 2.29 -24.41 6.85
C LEU A 1373 2.90 -24.14 5.54
N PHE A 1374 2.05 -24.14 4.53
CA PHE A 1374 2.54 -23.98 3.22
C PHE A 1374 3.01 -22.57 2.95
N CYS A 1375 2.41 -21.53 3.52
CA CYS A 1375 3.00 -20.24 3.20
C CYS A 1375 4.42 -20.23 3.68
N LYS A 1376 4.65 -20.76 4.87
CA LYS A 1376 5.97 -20.70 5.40
C LYS A 1376 6.91 -21.63 4.68
N ILE A 1377 6.45 -22.82 4.28
CA ILE A 1377 7.35 -23.73 3.61
C ILE A 1377 7.75 -23.14 2.31
N PHE A 1378 6.79 -22.62 1.58
CA PHE A 1378 7.12 -22.12 0.31
C PHE A 1378 7.94 -20.87 0.36
N ILE A 1379 7.75 -20.05 1.37
CA ILE A 1379 8.61 -18.91 1.50
C ILE A 1379 10.00 -19.39 1.81
N TYR A 1380 10.11 -20.35 2.72
CA TYR A 1380 11.40 -20.88 3.10
C TYR A 1380 12.17 -21.38 1.89
N LEU A 1381 11.49 -22.06 0.99
CA LEU A 1381 12.12 -22.60 -0.19
C LEU A 1381 12.55 -21.55 -1.20
N ARG A 1382 12.16 -20.30 -1.02
CA ARG A 1382 12.63 -19.31 -1.95
C ARG A 1382 14.07 -19.14 -1.56
N GLU A 1383 14.96 -19.27 -2.52
CA GLU A 1383 16.41 -19.21 -2.32
C GLU A 1383 16.91 -20.45 -1.59
N ASN A 1384 16.40 -20.72 -0.39
CA ASN A 1384 16.87 -21.89 0.33
C ASN A 1384 16.09 -23.10 -0.13
N LYS A 1385 16.46 -23.57 -1.30
CA LYS A 1385 15.76 -24.65 -1.94
C LYS A 1385 16.22 -26.02 -1.46
N GLN A 1386 15.96 -26.29 -0.20
CA GLN A 1386 16.30 -27.55 0.44
C GLN A 1386 15.26 -27.90 1.50
N LEU A 1387 15.01 -29.19 1.69
CA LEU A 1387 14.05 -29.57 2.69
C LEU A 1387 14.34 -30.98 3.26
N SER A 1388 14.28 -31.11 4.58
CA SER A 1388 14.49 -32.39 5.25
C SER A 1388 13.63 -33.53 4.74
N PRO A 1389 14.20 -34.69 4.37
CA PRO A 1389 13.48 -35.85 3.87
C PRO A 1389 12.53 -36.46 4.90
N SER A 1390 12.79 -36.25 6.20
CA SER A 1390 11.88 -36.80 7.19
C SER A 1390 10.66 -35.92 7.28
N PHE A 1391 10.88 -34.64 7.02
CA PHE A 1391 9.82 -33.67 6.98
C PHE A 1391 9.01 -33.95 5.74
N GLN A 1392 9.70 -34.19 4.64
CA GLN A 1392 9.02 -34.41 3.40
C GLN A 1392 8.10 -35.60 3.53
N GLN A 1393 8.54 -36.65 4.20
CA GLN A 1393 7.61 -37.74 4.36
C GLN A 1393 6.55 -37.40 5.38
N ALA A 1394 6.91 -36.70 6.44
CA ALA A 1394 5.93 -36.38 7.45
C ALA A 1394 4.75 -35.61 6.84
N ILE A 1395 5.03 -34.77 5.84
CA ILE A 1395 3.98 -34.01 5.21
C ILE A 1395 3.37 -34.73 3.99
N LYS A 1396 4.17 -35.37 3.16
CA LYS A 1396 3.69 -36.06 1.96
C LYS A 1396 2.71 -37.17 2.32
N LEU A 1397 2.93 -37.81 3.44
CA LEU A 1397 2.09 -38.88 3.87
C LEU A 1397 0.69 -38.40 4.25
N LEU A 1398 0.54 -37.09 4.50
CA LEU A 1398 -0.72 -36.53 4.94
C LEU A 1398 -1.66 -36.43 3.76
N GLU A 1399 -1.12 -36.61 2.57
CA GLU A 1399 -1.86 -36.50 1.34
C GLU A 1399 -3.02 -37.45 1.33
N HIS A 1400 -2.87 -38.62 1.97
CA HIS A 1400 -3.94 -39.60 1.90
C HIS A 1400 -4.79 -39.62 3.14
N ARG A 1401 -4.71 -38.57 3.96
CA ARG A 1401 -5.56 -38.56 5.13
C ARG A 1401 -6.99 -38.24 4.68
N ASP A 1402 -7.12 -37.47 3.59
CA ASP A 1402 -8.41 -37.09 3.02
C ASP A 1402 -9.37 -36.43 4.01
N LEU A 1403 -8.84 -35.56 4.84
CA LEU A 1403 -9.61 -34.84 5.86
C LEU A 1403 -9.78 -33.39 5.46
N ILE A 1404 -9.39 -33.10 4.23
CA ILE A 1404 -9.27 -31.79 3.65
C ILE A 1404 -9.99 -31.66 2.30
N LYS A 1405 -10.11 -30.43 1.76
CA LYS A 1405 -10.71 -30.21 0.42
C LYS A 1405 -9.87 -30.84 -0.71
N ILE A 1406 -8.64 -31.12 -0.37
CA ILE A 1406 -7.60 -31.77 -1.16
C ILE A 1406 -7.07 -31.05 -2.34
N LYS A 1407 -7.93 -30.73 -3.31
CA LYS A 1407 -7.43 -30.25 -4.59
C LYS A 1407 -6.39 -29.14 -4.49
N THR A 1408 -6.63 -28.15 -3.67
CA THR A 1408 -5.66 -27.08 -3.57
C THR A 1408 -4.37 -27.58 -2.91
N TRP A 1409 -4.50 -28.55 -2.02
CA TRP A 1409 -3.37 -29.01 -1.28
C TRP A 1409 -2.57 -29.96 -2.13
N LYS A 1410 -3.25 -30.63 -3.05
CA LYS A 1410 -2.60 -31.55 -3.93
C LYS A 1410 -1.65 -30.78 -4.78
N TYR A 1411 -2.08 -29.63 -5.23
CA TYR A 1411 -1.20 -28.85 -6.05
C TYR A 1411 -0.02 -28.36 -5.25
N CYS A 1412 -0.24 -28.03 -3.98
CA CYS A 1412 0.87 -27.56 -3.17
C CYS A 1412 1.92 -28.65 -3.04
N LEU A 1413 1.48 -29.87 -2.79
CA LEU A 1413 2.45 -30.92 -2.63
C LEU A 1413 3.20 -31.22 -3.90
N ASP A 1414 2.53 -31.21 -5.04
CA ASP A 1414 3.26 -31.49 -6.25
C ASP A 1414 4.24 -30.37 -6.51
N ALA A 1415 3.85 -29.13 -6.18
CA ALA A 1415 4.74 -28.01 -6.40
C ALA A 1415 6.05 -28.18 -5.62
N ILE A 1416 5.94 -28.70 -4.41
CA ILE A 1416 7.12 -28.91 -3.59
C ILE A 1416 8.02 -29.98 -4.14
N PHE A 1417 7.43 -31.11 -4.52
CA PHE A 1417 8.27 -32.21 -4.94
C PHE A 1417 8.66 -32.37 -6.39
N GLY A 1418 7.71 -32.33 -7.31
CA GLY A 1418 8.08 -32.59 -8.71
C GLY A 1418 6.94 -32.28 -9.63
N ASN A 1419 7.25 -32.00 -10.89
CA ASN A 1419 6.20 -31.91 -11.88
C ASN A 1419 5.08 -31.00 -11.40
N ILE A 1420 5.42 -29.76 -11.05
CA ILE A 1420 4.39 -28.90 -10.51
C ILE A 1420 3.21 -28.85 -11.45
N VAL A 1421 3.50 -28.80 -12.75
CA VAL A 1421 2.50 -28.85 -13.80
C VAL A 1421 1.25 -28.04 -13.50
N GLN A 1422 0.08 -28.71 -13.61
CA GLN A 1422 -1.26 -28.19 -13.34
C GLN A 1422 -1.58 -26.91 -14.10
N ASP A 1423 -1.15 -26.86 -15.36
CA ASP A 1423 -1.40 -25.71 -16.22
C ASP A 1423 -2.88 -25.52 -16.42
N ASP A 1424 -3.59 -26.63 -16.42
CA ASP A 1424 -5.02 -26.70 -16.61
C ASP A 1424 -5.79 -25.93 -15.56
N ILE A 1425 -5.26 -25.79 -14.36
CA ILE A 1425 -6.03 -25.09 -13.36
C ILE A 1425 -5.20 -24.34 -12.37
N TYR A 1426 -4.18 -24.96 -11.81
CA TYR A 1426 -3.50 -24.28 -10.73
C TYR A 1426 -2.92 -22.99 -11.24
N GLU A 1427 -2.53 -23.01 -12.51
CA GLU A 1427 -1.94 -21.88 -13.17
C GLU A 1427 -2.87 -20.69 -13.32
N ASN A 1428 -4.17 -20.88 -13.19
CA ASN A 1428 -5.06 -19.74 -13.35
C ASN A 1428 -6.52 -20.02 -13.01
N THR A 1429 -7.07 -21.09 -13.59
CA THR A 1429 -8.50 -21.40 -13.47
C THR A 1429 -8.93 -22.10 -12.18
N GLU A 1430 -7.99 -22.50 -11.36
CA GLU A 1430 -8.31 -23.18 -10.12
C GLU A 1430 -9.07 -22.24 -9.23
N LEU A 1431 -9.96 -22.80 -8.44
CA LEU A 1431 -10.74 -22.00 -7.53
C LEU A 1431 -9.85 -21.30 -6.56
N LEU A 1432 -10.25 -20.09 -6.20
CA LEU A 1432 -9.49 -19.37 -5.23
C LEU A 1432 -9.79 -19.97 -3.89
N ASP A 1433 -8.90 -20.84 -3.47
CA ASP A 1433 -9.03 -21.55 -2.20
C ASP A 1433 -9.08 -20.55 -1.06
N ALA A 1434 -8.46 -19.42 -1.29
CA ALA A 1434 -8.34 -18.33 -0.35
C ALA A 1434 -9.62 -17.46 -0.34
N SER A 1435 -10.61 -17.78 -1.15
CA SER A 1435 -11.85 -17.00 -1.23
C SER A 1435 -12.81 -17.37 -0.11
N ASP A 1436 -12.32 -17.22 1.09
CA ASP A 1436 -13.02 -17.45 2.32
C ASP A 1436 -12.51 -16.44 3.33
N CYS A 1437 -11.43 -16.82 3.99
CA CYS A 1437 -10.82 -16.02 5.03
C CYS A 1437 -9.38 -16.46 5.18
N GLY A 1438 -8.63 -15.78 6.03
CA GLY A 1438 -7.23 -16.13 6.26
C GLY A 1438 -6.29 -14.96 6.05
N VAL A 1439 -6.76 -14.01 5.26
CA VAL A 1439 -6.09 -12.73 4.96
C VAL A 1439 -4.79 -12.85 4.20
N ASP A 1440 -3.82 -13.49 4.83
CA ASP A 1440 -2.50 -13.62 4.29
C ASP A 1440 -2.27 -14.98 3.66
N ASP A 1441 -3.31 -15.79 3.52
CA ASP A 1441 -3.11 -17.08 2.91
C ASP A 1441 -3.03 -16.91 1.40
N VAL A 1442 -3.35 -15.71 0.99
CA VAL A 1442 -3.30 -15.29 -0.38
C VAL A 1442 -1.86 -15.23 -0.80
N VAL A 1443 -0.96 -15.17 0.17
CA VAL A 1443 0.45 -15.15 -0.07
C VAL A 1443 0.82 -16.47 -0.71
N LEU A 1444 0.22 -17.55 -0.24
CA LEU A 1444 0.52 -18.85 -0.79
C LEU A 1444 0.03 -18.89 -2.18
N VAL A 1445 -1.13 -18.34 -2.40
CA VAL A 1445 -1.65 -18.38 -3.73
C VAL A 1445 -0.75 -17.61 -4.65
N SER A 1446 -0.36 -16.41 -4.25
CA SER A 1446 0.48 -15.63 -5.12
C SER A 1446 1.82 -16.29 -5.36
N LEU A 1447 2.36 -16.91 -4.34
CA LEU A 1447 3.63 -17.55 -4.50
C LEU A 1447 3.50 -18.71 -5.46
N LEU A 1448 2.46 -19.53 -5.30
CA LEU A 1448 2.29 -20.68 -6.14
C LEU A 1448 2.14 -20.27 -7.56
N PHE A 1449 1.51 -19.13 -7.81
CA PHE A 1449 1.40 -18.69 -9.19
C PHE A 1449 2.76 -18.33 -9.77
N SER A 1450 3.61 -17.71 -8.97
CA SER A 1450 4.94 -17.33 -9.43
C SER A 1450 5.83 -18.55 -9.60
N TYR A 1451 5.62 -19.53 -8.76
CA TYR A 1451 6.44 -20.71 -8.87
C TYR A 1451 6.05 -21.60 -10.02
N ALA A 1452 7.04 -21.94 -10.85
CA ALA A 1452 6.80 -22.82 -11.97
C ALA A 1452 5.57 -22.34 -12.72
N ARG A 1453 4.61 -23.22 -12.88
CA ARG A 1453 3.38 -22.91 -13.56
C ARG A 1453 3.63 -22.29 -14.92
N ARG A 1454 2.80 -21.33 -15.32
CA ARG A 1454 2.87 -20.79 -16.66
C ARG A 1454 2.46 -19.33 -16.72
N PRO A 1455 2.85 -18.62 -17.78
CA PRO A 1455 2.39 -17.29 -18.03
C PRO A 1455 0.89 -17.37 -18.16
N VAL A 1456 0.23 -16.36 -17.72
CA VAL A 1456 -1.19 -16.30 -17.80
C VAL A 1456 -1.55 -15.95 -19.23
N ALA A 1457 -2.44 -16.74 -19.83
CA ALA A 1457 -2.79 -16.52 -21.23
C ALA A 1457 -4.16 -17.04 -21.59
N SER A 1458 -4.67 -16.57 -22.71
CA SER A 1458 -5.93 -17.04 -23.28
C SER A 1458 -7.16 -16.91 -22.39
N LYS A 1459 -7.37 -15.71 -21.85
CA LYS A 1459 -8.55 -15.31 -21.06
C LYS A 1459 -8.69 -15.90 -19.68
N ILE A 1460 -8.51 -17.20 -19.58
CA ILE A 1460 -8.66 -18.02 -18.38
C ILE A 1460 -10.12 -18.25 -18.04
N GLY A 1461 -10.84 -17.17 -17.84
CA GLY A 1461 -12.23 -17.25 -17.44
C GLY A 1461 -12.32 -17.13 -15.94
N CYS A 1462 -12.51 -18.26 -15.26
CA CYS A 1462 -12.56 -18.29 -13.80
C CYS A 1462 -13.51 -17.25 -13.22
N SER A 1463 -14.79 -17.39 -13.54
CA SER A 1463 -15.78 -16.40 -13.14
C SER A 1463 -16.17 -16.43 -11.67
N LEU A 1464 -15.22 -16.02 -10.85
CA LEU A 1464 -15.39 -15.98 -9.41
C LEU A 1464 -15.02 -14.65 -8.81
N SER A 1465 -15.95 -14.09 -8.08
CA SER A 1465 -15.80 -12.84 -7.39
C SER A 1465 -16.16 -13.05 -5.93
N LYS A 1466 -17.29 -12.50 -5.49
CA LYS A 1466 -17.77 -12.70 -4.13
C LYS A 1466 -16.65 -12.50 -3.12
N ALA A 1467 -16.41 -13.53 -2.30
CA ALA A 1467 -15.37 -13.48 -1.29
C ALA A 1467 -14.01 -13.29 -1.88
N ALA A 1468 -13.75 -13.85 -3.06
CA ALA A 1468 -12.42 -13.71 -3.60
C ALA A 1468 -12.15 -12.26 -3.82
N ALA A 1469 -13.15 -11.60 -4.40
CA ALA A 1469 -13.01 -10.20 -4.72
C ALA A 1469 -12.84 -9.38 -3.47
N ILE A 1470 -13.57 -9.74 -2.44
CA ILE A 1470 -13.48 -9.02 -1.21
C ILE A 1470 -12.12 -9.17 -0.59
N ASN A 1471 -11.63 -10.40 -0.52
CA ASN A 1471 -10.35 -10.62 0.11
C ASN A 1471 -9.21 -10.02 -0.67
N ILE A 1472 -9.30 -10.01 -1.98
CA ILE A 1472 -8.23 -9.43 -2.77
C ILE A 1472 -8.07 -7.97 -2.43
N LEU A 1473 -9.17 -7.28 -2.28
CA LEU A 1473 -9.12 -5.88 -1.95
C LEU A 1473 -9.33 -5.58 -0.47
N LYS A 1474 -9.32 -6.58 0.42
CA LYS A 1474 -9.60 -6.31 1.82
C LYS A 1474 -8.38 -5.83 2.56
N HIS A 1475 -7.51 -6.72 3.03
CA HIS A 1475 -6.31 -6.25 3.69
C HIS A 1475 -5.40 -5.63 2.67
N HIS A 1476 -5.58 -6.14 1.46
CA HIS A 1476 -4.94 -5.73 0.28
C HIS A 1476 -3.42 -5.70 0.46
N VAL A 1477 -2.72 -5.34 -0.62
CA VAL A 1477 -1.24 -5.25 -0.71
C VAL A 1477 -0.32 -6.14 0.16
N PRO A 1478 -0.49 -7.46 0.28
CA PRO A 1478 0.41 -8.32 1.01
C PRO A 1478 1.67 -8.66 0.20
N LYS A 1479 1.65 -8.32 -1.08
CA LYS A 1479 2.70 -8.75 -1.97
C LYS A 1479 3.90 -7.87 -1.93
N GLU A 1480 4.63 -7.99 -0.87
CA GLU A 1480 5.81 -7.19 -0.68
C GLU A 1480 6.95 -7.74 -1.54
N TYR A 1481 6.88 -9.02 -1.85
CA TYR A 1481 7.92 -9.70 -2.61
C TYR A 1481 7.42 -10.67 -3.69
N LEU A 1482 6.11 -10.73 -3.96
CA LEU A 1482 5.59 -11.66 -4.96
C LEU A 1482 5.16 -10.94 -6.23
N SER A 1483 5.30 -11.59 -7.40
CA SER A 1483 5.01 -10.91 -8.66
C SER A 1483 4.62 -11.71 -9.89
N LYS A 1484 5.61 -12.33 -10.49
CA LYS A 1484 5.49 -12.95 -11.80
C LYS A 1484 4.33 -13.90 -11.84
N ASN A 1485 3.57 -13.84 -12.94
CA ASN A 1485 2.38 -14.65 -13.21
C ASN A 1485 1.19 -14.17 -12.43
N PHE A 1486 1.35 -14.03 -11.13
CA PHE A 1486 0.26 -13.62 -10.30
C PHE A 1486 -0.25 -12.24 -10.69
N LYS A 1487 0.65 -11.29 -10.94
CA LYS A 1487 0.19 -9.96 -11.32
C LYS A 1487 -0.65 -10.04 -12.58
N LEU A 1488 -0.31 -10.93 -13.49
CA LEU A 1488 -1.04 -11.04 -14.74
C LEU A 1488 -2.40 -11.64 -14.49
N TRP A 1489 -2.45 -12.63 -13.61
CA TRP A 1489 -3.69 -13.31 -13.26
C TRP A 1489 -4.64 -12.33 -12.63
N PHE A 1490 -4.11 -11.58 -11.69
CA PHE A 1490 -4.90 -10.60 -11.02
C PHE A 1490 -5.42 -9.58 -11.95
N ALA A 1491 -4.56 -9.03 -12.77
CA ALA A 1491 -5.03 -7.99 -13.64
C ALA A 1491 -6.09 -8.53 -14.60
N ALA A 1492 -5.93 -9.76 -15.06
CA ALA A 1492 -6.89 -10.36 -15.98
C ALA A 1492 -8.28 -10.43 -15.39
N LEU A 1493 -8.35 -10.62 -14.10
CA LEU A 1493 -9.63 -10.75 -13.44
C LEU A 1493 -10.12 -9.44 -12.86
N SER A 1494 -9.43 -8.34 -13.16
CA SER A 1494 -9.78 -7.05 -12.61
C SER A 1494 -11.19 -6.64 -12.97
N ARG A 1495 -11.58 -6.87 -14.21
CA ARG A 1495 -12.91 -6.48 -14.63
C ARG A 1495 -13.95 -7.15 -13.76
N ARG A 1496 -13.76 -8.43 -13.51
CA ARG A 1496 -14.71 -9.20 -12.77
C ARG A 1496 -14.81 -8.67 -11.36
N ILE A 1497 -13.69 -8.22 -10.80
CA ILE A 1497 -13.72 -7.67 -9.46
C ILE A 1497 -14.51 -6.40 -9.45
N LEU A 1498 -14.28 -5.54 -10.42
CA LEU A 1498 -15.00 -4.27 -10.45
C LEU A 1498 -16.49 -4.46 -10.58
N GLN A 1499 -16.89 -5.49 -11.31
CA GLN A 1499 -18.29 -5.81 -11.53
C GLN A 1499 -19.01 -6.22 -10.25
N GLN A 1500 -18.27 -6.61 -9.23
CA GLN A 1500 -18.85 -7.04 -7.98
C GLN A 1500 -19.54 -5.91 -7.25
N GLU A 1501 -19.04 -4.68 -7.37
CA GLU A 1501 -19.63 -3.60 -6.62
C GLU A 1501 -21.09 -3.43 -7.01
N HIS A 1515 -20.82 1.65 14.72
CA HIS A 1515 -19.88 1.92 15.80
C HIS A 1515 -20.60 2.66 16.90
N LEU A 1516 -21.49 3.55 16.49
CA LEU A 1516 -22.27 4.33 17.43
C LEU A 1516 -23.10 3.44 18.30
N LYS A 1517 -23.53 2.30 17.80
CA LYS A 1517 -24.34 1.48 18.67
C LYS A 1517 -23.59 1.11 19.94
N ASN A 1518 -22.27 0.89 19.83
CA ASN A 1518 -21.52 0.53 21.01
C ASN A 1518 -21.34 1.75 21.87
N PHE A 1519 -21.11 2.90 21.23
CA PHE A 1519 -20.91 4.12 21.98
C PHE A 1519 -22.16 4.48 22.75
N GLU A 1520 -23.31 4.26 22.11
CA GLU A 1520 -24.57 4.57 22.72
C GLU A 1520 -24.79 3.68 23.89
N MET A 1521 -24.42 2.41 23.77
CA MET A 1521 -24.55 1.57 24.92
C MET A 1521 -23.62 2.04 26.01
N VAL A 1522 -22.40 2.37 25.66
CA VAL A 1522 -21.46 2.76 26.71
C VAL A 1522 -21.91 3.98 27.46
N PHE A 1523 -22.49 4.92 26.75
CA PHE A 1523 -22.93 6.15 27.34
C PHE A 1523 -24.26 5.95 28.04
N ARG A 1524 -24.84 4.78 27.89
CA ARG A 1524 -26.11 4.45 28.50
C ARG A 1524 -25.84 3.79 29.82
N HIS A 1525 -24.58 3.61 30.15
CA HIS A 1525 -24.25 2.93 31.35
C HIS A 1525 -23.62 3.82 32.41
N PRO A 1526 -23.70 3.42 33.68
CA PRO A 1526 -23.05 4.00 34.82
C PRO A 1526 -21.65 3.43 34.85
N GLU A 1527 -21.03 3.33 36.01
CA GLU A 1527 -19.66 2.86 36.01
C GLU A 1527 -19.62 1.37 35.79
N GLN A 1528 -19.61 1.04 34.51
CA GLN A 1528 -19.66 -0.32 33.99
C GLN A 1528 -18.50 -0.61 33.08
N PRO A 1529 -17.26 -0.61 33.59
CA PRO A 1529 -16.03 -0.70 32.85
C PRO A 1529 -15.87 -2.04 32.21
N HIS A 1530 -16.72 -2.99 32.58
CA HIS A 1530 -16.69 -4.33 32.05
C HIS A 1530 -16.74 -4.41 30.56
N MET A 1531 -17.22 -3.35 29.95
CA MET A 1531 -17.29 -3.30 28.51
C MET A 1531 -15.90 -3.48 27.92
N ILE A 1532 -14.87 -3.11 28.68
CA ILE A 1532 -13.52 -3.24 28.25
C ILE A 1532 -13.16 -4.70 28.12
N TYR A 1533 -13.73 -5.56 28.94
CA TYR A 1533 -13.33 -6.93 28.89
C TYR A 1533 -13.89 -7.53 27.65
N GLN A 1534 -15.05 -7.05 27.25
CA GLN A 1534 -15.60 -7.60 26.04
C GLN A 1534 -14.69 -7.22 24.88
N ARG A 1535 -14.16 -6.00 24.94
CA ARG A 1535 -13.25 -5.52 23.92
C ARG A 1535 -11.96 -6.33 23.93
N ILE A 1536 -11.47 -6.62 25.12
CA ILE A 1536 -10.27 -7.40 25.26
C ILE A 1536 -10.43 -8.78 24.73
N SER A 1537 -11.55 -9.42 25.04
CA SER A 1537 -11.77 -10.76 24.59
C SER A 1537 -11.79 -10.83 23.08
N THR A 1538 -12.50 -9.94 22.41
CA THR A 1538 -12.49 -10.07 20.97
C THR A 1538 -11.11 -9.81 20.41
N PHE A 1539 -10.40 -8.91 21.04
CA PHE A 1539 -9.08 -8.56 20.60
C PHE A 1539 -8.13 -9.72 20.67
N ASN A 1540 -8.07 -10.42 21.79
CA ASN A 1540 -7.07 -11.46 21.78
C ASN A 1540 -7.55 -12.68 21.05
N LYS A 1541 -8.86 -12.85 20.96
CA LYS A 1541 -9.37 -14.01 20.27
C LYS A 1541 -9.03 -13.96 18.80
N GLU A 1542 -9.23 -12.80 18.19
CA GLU A 1542 -8.95 -12.63 16.78
C GLU A 1542 -7.93 -11.54 16.55
N ALA A 1543 -8.42 -10.35 16.21
CA ALA A 1543 -7.51 -9.29 15.83
C ALA A 1543 -6.64 -9.81 14.69
N GLU A 1544 -5.34 -9.91 14.90
CA GLU A 1544 -4.41 -10.35 13.86
C GLU A 1544 -4.49 -11.82 13.53
N LEU A 1545 -5.12 -12.60 14.40
CA LEU A 1545 -5.16 -14.05 14.26
C LEU A 1545 -3.75 -14.60 14.17
N TYR A 1546 -2.93 -14.08 15.06
CA TYR A 1546 -1.54 -14.38 15.29
C TYR A 1546 -0.61 -13.75 14.28
N ASP A 1547 0.02 -12.65 14.70
CA ASP A 1547 0.99 -11.92 13.91
C ASP A 1547 2.38 -12.27 14.37
N SER A 1548 2.46 -13.36 15.12
CA SER A 1548 3.68 -13.90 15.68
C SER A 1548 4.35 -12.90 16.62
N THR A 1549 3.55 -12.33 17.53
CA THR A 1549 4.06 -11.38 18.51
C THR A 1549 3.59 -11.64 19.92
N GLU A 1550 4.24 -10.95 20.85
CA GLU A 1550 4.02 -11.02 22.28
C GLU A 1550 2.72 -10.43 22.69
N VAL A 1551 2.08 -9.75 21.78
CA VAL A 1551 0.84 -9.12 22.10
C VAL A 1551 -0.15 -10.18 22.44
N PHE A 1552 -0.14 -11.30 21.72
CA PHE A 1552 -1.10 -12.32 22.04
C PHE A 1552 -0.90 -12.76 23.45
N PHE A 1553 0.33 -13.03 23.78
CA PHE A 1553 0.71 -13.49 25.07
C PHE A 1553 0.30 -12.55 26.17
N ILE A 1554 0.58 -11.27 25.99
CA ILE A 1554 0.27 -10.32 27.02
C ILE A 1554 -1.21 -10.30 27.25
N SER A 1555 -1.98 -10.27 26.17
CA SER A 1555 -3.42 -10.22 26.32
C SER A 1555 -3.97 -11.47 26.97
N GLU A 1556 -3.42 -12.63 26.63
CA GLU A 1556 -3.91 -13.86 27.20
C GLU A 1556 -3.64 -13.87 28.68
N CYS A 1557 -2.48 -13.37 29.07
CA CYS A 1557 -2.14 -13.35 30.47
C CYS A 1557 -3.09 -12.45 31.24
N ILE A 1558 -3.41 -11.31 30.66
CA ILE A 1558 -4.34 -10.39 31.31
C ILE A 1558 -5.68 -11.02 31.47
N LEU A 1559 -6.14 -11.64 30.40
CA LEU A 1559 -7.44 -12.25 30.42
C LEU A 1559 -7.48 -13.35 31.46
N THR A 1560 -6.41 -14.11 31.57
CA THR A 1560 -6.36 -15.19 32.50
C THR A 1560 -6.51 -14.69 33.91
N TYR A 1561 -5.77 -13.63 34.25
CA TYR A 1561 -5.84 -13.05 35.58
C TYR A 1561 -7.22 -12.56 35.87
N LEU A 1562 -7.79 -11.86 34.91
CA LEU A 1562 -9.07 -11.24 35.10
C LEU A 1562 -10.14 -12.27 35.32
N VAL A 1563 -10.18 -13.30 34.50
CA VAL A 1563 -11.24 -14.23 34.67
C VAL A 1563 -11.04 -14.94 35.99
N GLY A 1564 -9.80 -15.33 36.33
CA GLY A 1564 -9.62 -16.02 37.58
C GLY A 1564 -10.18 -15.16 38.71
N TYR A 1565 -9.97 -13.86 38.65
CA TYR A 1565 -10.57 -13.01 39.65
C TYR A 1565 -12.10 -13.02 39.59
N SER A 1566 -12.66 -12.83 38.40
CA SER A 1566 -14.11 -12.65 38.22
C SER A 1566 -14.99 -13.80 38.66
N ILE A 1567 -14.49 -15.01 38.56
CA ILE A 1567 -15.25 -16.18 38.98
C ILE A 1567 -14.56 -16.91 40.11
N GLY A 1568 -13.60 -16.23 40.72
CA GLY A 1568 -12.82 -16.77 41.81
C GLY A 1568 -13.20 -15.98 43.03
N ASN A 1569 -12.39 -14.97 43.33
CA ASN A 1569 -12.70 -14.15 44.49
C ASN A 1569 -14.05 -13.53 44.29
N SER A 1570 -14.33 -13.11 43.05
CA SER A 1570 -15.61 -12.57 42.71
C SER A 1570 -16.15 -11.68 43.83
N GLU A 1571 -17.31 -12.06 44.36
CA GLU A 1571 -18.02 -11.41 45.47
C GLU A 1571 -18.58 -10.07 45.05
N SER A 1572 -17.70 -9.11 44.84
CA SER A 1572 -18.14 -7.83 44.32
C SER A 1572 -18.24 -8.04 42.86
N GLU A 1573 -19.19 -7.42 42.16
CA GLU A 1573 -19.09 -7.68 40.75
C GLU A 1573 -17.76 -7.13 40.25
N PHE A 1574 -17.43 -5.93 40.76
CA PHE A 1574 -16.20 -5.21 40.44
C PHE A 1574 -15.99 -5.10 38.94
N CYS A 1575 -17.07 -5.20 38.20
CA CYS A 1575 -17.13 -5.23 36.74
C CYS A 1575 -16.47 -6.49 36.17
N PHE A 1576 -15.94 -7.35 37.02
CA PHE A 1576 -15.23 -8.50 36.52
C PHE A 1576 -16.18 -9.64 36.28
N ARG A 1577 -17.13 -9.76 37.21
CA ARG A 1577 -18.13 -10.82 37.23
C ARG A 1577 -19.04 -10.71 36.04
N ASP A 1578 -19.07 -9.52 35.46
CA ASP A 1578 -19.85 -9.23 34.30
C ASP A 1578 -19.45 -10.16 33.18
N ASN A 1579 -18.17 -10.58 33.12
CA ASN A 1579 -17.76 -11.47 32.06
C ASN A 1579 -18.55 -12.75 32.15
N ILE A 1580 -18.85 -13.21 33.36
CA ILE A 1580 -19.59 -14.43 33.51
C ILE A 1580 -21.04 -14.15 33.19
N MET A 1581 -21.53 -12.98 33.58
CA MET A 1581 -22.92 -12.63 33.33
C MET A 1581 -23.20 -12.60 31.84
N ASN A 1582 -22.21 -12.14 31.10
CA ASN A 1582 -22.24 -12.01 29.66
C ASN A 1582 -21.89 -13.32 28.98
N GLU A 1583 -21.52 -14.31 29.78
CA GLU A 1583 -21.02 -15.60 29.38
C GLU A 1583 -19.73 -15.46 28.60
N ASN A 1584 -19.09 -14.30 28.68
CA ASN A 1584 -17.85 -14.08 27.99
C ASN A 1584 -16.84 -15.01 28.58
N LYS A 1585 -16.98 -15.19 29.89
CA LYS A 1585 -16.14 -16.04 30.69
C LYS A 1585 -16.20 -17.46 30.21
N ASP A 1586 -17.32 -17.89 29.65
CA ASP A 1586 -17.40 -19.26 29.22
C ASP A 1586 -16.34 -19.56 28.20
N LYS A 1587 -16.04 -18.59 27.34
CA LYS A 1587 -15.04 -18.82 26.33
C LYS A 1587 -13.70 -18.45 26.89
N VAL A 1588 -13.64 -17.35 27.61
CA VAL A 1588 -12.37 -16.86 28.10
C VAL A 1588 -11.69 -17.84 29.05
N ALA A 1589 -12.48 -18.53 29.85
CA ALA A 1589 -11.98 -19.47 30.83
C ALA A 1589 -11.62 -20.80 30.21
N PRO A 1590 -11.95 -21.01 28.94
CA PRO A 1590 -11.76 -22.31 28.33
C PRO A 1590 -10.33 -22.77 28.39
N LEU A 1591 -9.37 -21.86 28.28
CA LEU A 1591 -7.97 -22.21 28.35
C LEU A 1591 -7.32 -21.36 29.43
N ASP A 1592 -8.12 -20.91 30.37
CA ASP A 1592 -7.60 -20.00 31.36
C ASP A 1592 -8.32 -20.10 32.69
N LYS A 1593 -8.15 -19.05 33.50
CA LYS A 1593 -8.69 -18.96 34.84
C LYS A 1593 -8.27 -20.14 35.69
N ASP A 1594 -7.00 -20.51 35.57
CA ASP A 1594 -6.45 -21.60 36.32
C ASP A 1594 -4.97 -21.37 36.52
N VAL A 1595 -4.44 -21.83 37.66
CA VAL A 1595 -3.01 -21.77 37.98
C VAL A 1595 -2.49 -20.36 37.78
N LEU A 1596 -3.29 -19.38 38.18
CA LEU A 1596 -2.93 -17.99 38.00
C LEU A 1596 -3.40 -17.15 39.14
N ASN A 1597 -4.26 -16.19 38.84
CA ASN A 1597 -4.64 -15.21 39.83
C ASN A 1597 -3.30 -14.69 40.27
N ALA A 1598 -3.01 -14.65 41.55
CA ALA A 1598 -1.69 -14.21 41.96
C ALA A 1598 -1.25 -12.93 41.30
N ILE A 1599 -1.72 -11.79 41.79
CA ILE A 1599 -1.27 -10.54 41.17
C ILE A 1599 0.24 -10.48 41.22
N TYR A 1600 0.82 -11.05 42.27
CA TYR A 1600 2.26 -11.08 42.38
C TYR A 1600 2.88 -11.82 41.20
N PRO A 1601 2.22 -12.85 40.68
CA PRO A 1601 2.78 -13.55 39.55
C PRO A 1601 2.64 -12.65 38.34
N LEU A 1602 1.53 -11.94 38.26
CA LEU A 1602 1.30 -11.05 37.13
C LEU A 1602 2.40 -10.01 37.09
N ALA A 1603 2.85 -9.60 38.27
CA ALA A 1603 3.92 -8.63 38.46
C ALA A 1603 5.28 -9.16 38.00
N ASN A 1604 5.39 -10.48 37.88
CA ASN A 1604 6.62 -11.09 37.44
C ASN A 1604 6.58 -11.13 35.93
N ASN A 1605 5.38 -11.42 35.39
CA ASN A 1605 5.18 -11.47 33.96
C ASN A 1605 5.45 -10.10 33.37
N PHE A 1606 5.10 -9.08 34.13
CA PHE A 1606 5.35 -7.72 33.75
C PHE A 1606 5.61 -6.91 34.98
N GLY A 1607 6.50 -5.94 34.86
CA GLY A 1607 6.84 -5.04 35.96
C GLY A 1607 5.80 -3.96 36.12
N MET A 1608 4.84 -4.01 35.23
CA MET A 1608 3.74 -3.10 35.16
C MET A 1608 2.81 -3.38 36.31
N GLU A 1609 1.70 -2.66 36.34
CA GLU A 1609 0.75 -2.74 37.43
C GLU A 1609 1.45 -2.34 38.71
N SER A 1610 2.33 -1.34 38.58
CA SER A 1610 3.07 -0.82 39.69
C SER A 1610 3.48 0.65 39.46
N PHE A 1611 4.79 0.88 39.49
CA PHE A 1611 5.38 2.20 39.39
C PHE A 1611 5.02 2.91 38.12
N ILE A 1612 4.83 2.19 37.04
CA ILE A 1612 4.51 2.86 35.80
C ILE A 1612 3.28 3.73 35.95
N CYS A 1613 2.30 3.28 36.74
CA CYS A 1613 1.11 4.07 36.89
C CYS A 1613 1.43 5.26 37.78
N ASP A 1614 2.22 5.01 38.81
CA ASP A 1614 2.55 6.10 39.71
C ASP A 1614 3.30 7.20 38.96
N THR A 1615 4.15 6.80 38.04
CA THR A 1615 4.93 7.72 37.25
C THR A 1615 4.08 8.41 36.19
N TYR A 1616 3.19 7.66 35.55
CA TYR A 1616 2.35 8.22 34.51
C TYR A 1616 1.45 9.33 35.05
N LEU A 1617 0.97 9.14 36.27
CA LEU A 1617 0.16 10.12 36.97
C LEU A 1617 -0.96 10.75 36.14
N SER A 1618 -1.04 12.08 36.14
CA SER A 1618 -2.06 12.77 35.36
C SER A 1618 -1.53 14.13 34.94
N VAL A 1619 -1.06 14.91 35.92
CA VAL A 1619 -0.48 16.21 35.63
C VAL A 1619 0.71 16.02 34.72
N ASN A 1620 1.38 14.89 34.90
CA ASN A 1620 2.50 14.52 34.08
C ASN A 1620 2.12 14.46 32.62
N GLU A 1621 0.90 14.03 32.28
CA GLU A 1621 0.59 14.00 30.88
C GLU A 1621 0.50 15.42 30.40
N PRO A 1622 -0.11 16.28 31.22
CA PRO A 1622 -0.25 17.67 30.81
C PRO A 1622 1.11 18.30 30.57
N TYR A 1623 2.06 17.86 31.38
CA TYR A 1623 3.44 18.31 31.34
C TYR A 1623 4.33 17.57 30.33
N ASN A 1624 3.82 16.55 29.65
CA ASN A 1624 4.64 15.78 28.73
C ASN A 1624 3.83 15.15 27.60
N CYS A 1625 3.14 14.04 27.88
CA CYS A 1625 2.44 13.25 26.85
C CYS A 1625 1.39 14.06 26.10
N TRP A 1626 0.81 15.01 26.81
CA TRP A 1626 -0.23 15.90 26.34
C TRP A 1626 0.27 17.34 26.40
N LEU A 1627 1.57 17.50 26.37
CA LEU A 1627 2.21 18.80 26.33
C LEU A 1627 2.55 19.06 24.90
N SER A 1628 2.94 20.29 24.55
CA SER A 1628 3.35 20.43 23.16
C SER A 1628 4.48 19.44 22.92
N LYS A 1629 5.40 19.35 23.89
CA LYS A 1629 6.42 18.34 23.88
C LYS A 1629 7.10 18.15 22.55
N PHE A 1630 7.85 19.13 22.07
CA PHE A 1630 8.49 18.95 20.77
C PHE A 1630 9.34 17.70 20.75
N ALA A 1631 9.94 17.39 21.88
CA ALA A 1631 10.78 16.23 22.05
C ALA A 1631 10.02 14.94 21.78
N ARG A 1632 8.72 14.95 22.00
CA ARG A 1632 7.86 13.79 21.84
C ARG A 1632 7.39 13.67 20.42
N SER A 1633 7.82 14.57 19.54
CA SER A 1633 7.37 14.52 18.16
C SER A 1633 7.68 13.18 17.53
N LEU A 1634 8.80 12.56 17.91
CA LEU A 1634 9.18 11.27 17.37
C LEU A 1634 8.51 10.11 18.13
N ILE A 1635 7.84 10.44 19.21
CA ILE A 1635 7.17 9.46 20.04
C ILE A 1635 5.82 9.27 19.42
N HIS A 1636 5.14 10.38 19.32
CA HIS A 1636 3.85 10.52 18.70
C HIS A 1636 2.89 9.40 19.01
N GLN A 1637 2.27 8.86 17.97
CA GLN A 1637 1.34 7.77 18.14
C GLN A 1637 2.05 6.51 18.54
N ILE A 1638 3.36 6.46 18.35
CA ILE A 1638 4.09 5.27 18.66
C ILE A 1638 4.46 5.24 20.13
N SER A 1639 4.20 6.32 20.85
CA SER A 1639 4.61 6.34 22.24
C SER A 1639 4.00 7.48 23.05
N PHE A 1640 3.85 8.68 22.50
CA PHE A 1640 3.32 9.76 23.31
C PHE A 1640 1.89 9.42 23.70
N ASN A 1641 1.20 8.82 22.76
CA ASN A 1641 -0.16 8.40 22.97
C ASN A 1641 -0.25 7.36 24.07
N ILE A 1642 0.73 6.45 24.12
CA ILE A 1642 0.73 5.41 25.11
C ILE A 1642 0.95 6.01 26.47
N PRO A 1643 1.83 7.00 26.54
CA PRO A 1643 2.10 7.64 27.80
C PRO A 1643 0.86 8.32 28.32
N PRO A 1644 0.11 8.94 27.42
CA PRO A 1644 -1.12 9.59 27.85
C PRO A 1644 -2.12 8.56 28.35
N ILE A 1645 -2.19 7.41 27.66
CA ILE A 1645 -3.10 6.38 28.09
C ILE A 1645 -2.73 5.84 29.45
N VAL A 1646 -1.43 5.70 29.68
CA VAL A 1646 -0.97 5.20 30.95
C VAL A 1646 -1.38 6.14 32.04
N CYS A 1647 -1.28 7.44 31.77
CA CYS A 1647 -1.66 8.41 32.78
C CYS A 1647 -3.13 8.30 33.05
N LEU A 1648 -3.91 8.10 32.01
CA LEU A 1648 -5.32 7.98 32.28
C LEU A 1648 -5.57 6.79 33.19
N TYR A 1649 -4.88 5.68 32.93
CA TYR A 1649 -5.05 4.51 33.75
C TYR A 1649 -4.63 4.76 35.17
N PRO A 1650 -3.54 5.50 35.34
CA PRO A 1650 -3.00 5.82 36.65
C PRO A 1650 -3.95 6.59 37.49
N LEU A 1651 -4.67 7.49 36.86
CA LEU A 1651 -5.60 8.29 37.59
C LEU A 1651 -6.83 7.46 37.92
N CYS A 1652 -7.26 6.64 36.96
CA CYS A 1652 -8.44 5.81 37.14
C CYS A 1652 -8.22 4.85 38.28
N LYS A 1653 -6.98 4.40 38.39
CA LYS A 1653 -6.51 3.43 39.35
C LYS A 1653 -6.84 3.82 40.77
N GLY A 1654 -6.94 5.11 41.04
CA GLY A 1654 -7.16 5.59 42.39
C GLY A 1654 -8.40 4.95 43.02
N SER A 1655 -9.43 4.68 42.23
CA SER A 1655 -10.63 4.07 42.77
C SER A 1655 -11.07 2.98 41.84
N THR A 1656 -10.10 2.37 41.18
CA THR A 1656 -10.37 1.33 40.20
C THR A 1656 -10.63 0.01 40.83
N ALA A 1657 -11.27 -0.81 40.04
CA ALA A 1657 -11.54 -2.17 40.37
C ALA A 1657 -10.26 -2.98 40.40
N PHE A 1658 -10.34 -4.05 41.16
CA PHE A 1658 -9.29 -5.02 41.25
C PHE A 1658 -9.10 -5.57 39.88
N CYS A 1659 -7.88 -5.94 39.54
CA CYS A 1659 -7.51 -6.52 38.25
C CYS A 1659 -7.45 -5.47 37.14
N GLU A 1660 -8.49 -4.66 37.04
CA GLU A 1660 -8.58 -3.67 35.99
C GLU A 1660 -7.44 -2.69 36.03
N LEU A 1661 -7.05 -2.25 37.23
CA LEU A 1661 -5.95 -1.30 37.27
C LEU A 1661 -4.67 -1.92 36.72
N VAL A 1662 -4.48 -3.18 37.06
CA VAL A 1662 -3.29 -3.88 36.67
C VAL A 1662 -3.27 -4.16 35.20
N LEU A 1663 -4.42 -4.55 34.66
CA LEU A 1663 -4.51 -4.89 33.27
C LEU A 1663 -4.17 -3.73 32.39
N THR A 1664 -4.66 -2.56 32.79
CA THR A 1664 -4.41 -1.39 31.99
C THR A 1664 -2.94 -1.07 31.96
N ASP A 1665 -2.26 -1.20 33.10
CA ASP A 1665 -0.85 -0.90 33.10
C ASP A 1665 -0.07 -1.89 32.28
N LEU A 1666 -0.45 -3.16 32.36
CA LEU A 1666 0.27 -4.21 31.68
C LEU A 1666 0.28 -4.03 30.19
N PHE A 1667 -0.82 -3.56 29.65
CA PHE A 1667 -0.93 -3.37 28.23
C PHE A 1667 -0.37 -2.03 27.78
N PHE A 1668 0.10 -1.21 28.69
CA PHE A 1668 0.52 0.12 28.30
C PHE A 1668 1.61 0.11 27.25
N LEU A 1669 2.49 -0.87 27.33
CA LEU A 1669 3.62 -0.99 26.42
C LEU A 1669 3.26 -1.75 25.14
N SER A 1670 2.02 -2.19 25.04
CA SER A 1670 1.53 -2.95 23.92
C SER A 1670 1.34 -1.99 22.77
N THR A 1671 1.16 -2.51 21.57
CA THR A 1671 0.95 -1.62 20.47
C THR A 1671 -0.50 -1.55 20.05
N THR A 1672 -0.83 -0.47 19.36
CA THR A 1672 -2.13 -0.26 18.76
C THR A 1672 -3.29 -0.80 19.56
N TYR A 1673 -3.42 -0.39 20.80
CA TYR A 1673 -4.53 -0.82 21.63
C TYR A 1673 -5.44 0.35 21.86
N ASP A 1674 -5.29 1.33 21.01
CA ASP A 1674 -5.93 2.61 21.04
C ASP A 1674 -7.37 2.70 21.56
N PRO A 1675 -8.37 1.88 21.13
CA PRO A 1675 -9.78 2.03 21.51
C PRO A 1675 -10.00 1.96 23.00
N LYS A 1676 -9.07 1.34 23.69
CA LYS A 1676 -9.19 1.19 25.11
C LYS A 1676 -9.24 2.54 25.78
N SER A 1677 -8.55 3.51 25.20
CA SER A 1677 -8.49 4.85 25.75
C SER A 1677 -9.78 5.60 25.67
N CYS A 1678 -10.65 5.24 24.73
CA CYS A 1678 -11.87 5.98 24.67
C CYS A 1678 -12.67 5.61 25.86
N LEU A 1679 -12.70 4.31 26.13
CA LEU A 1679 -13.46 3.79 27.23
C LEU A 1679 -12.86 4.27 28.53
N ASN A 1680 -11.55 4.16 28.66
CA ASN A 1680 -10.92 4.51 29.91
C ASN A 1680 -11.11 5.96 30.23
N TRP A 1681 -11.04 6.80 29.23
CA TRP A 1681 -11.21 8.19 29.47
C TRP A 1681 -12.61 8.44 29.98
N SER A 1682 -13.59 7.85 29.30
CA SER A 1682 -14.95 8.08 29.69
C SER A 1682 -15.16 7.67 31.13
N ASN A 1683 -14.60 6.55 31.54
CA ASN A 1683 -14.81 6.17 32.91
C ASN A 1683 -14.06 7.03 33.90
N ARG A 1684 -12.84 7.47 33.59
CA ARG A 1684 -12.16 8.26 34.61
C ARG A 1684 -12.85 9.59 34.81
N ILE A 1685 -13.58 10.05 33.81
CA ILE A 1685 -14.22 11.33 33.97
C ILE A 1685 -15.52 11.23 34.74
N PHE A 1686 -15.77 10.09 35.38
CA PHE A 1686 -16.89 10.02 36.30
C PHE A 1686 -16.65 11.05 37.41
N THR A 1687 -15.38 11.41 37.65
CA THR A 1687 -14.97 12.33 38.68
C THR A 1687 -15.44 13.75 38.44
N GLN A 1688 -15.67 14.44 39.53
CA GLN A 1688 -16.10 15.83 39.54
C GLN A 1688 -14.98 16.80 39.22
N ILE A 1689 -13.76 16.32 39.15
CA ILE A 1689 -12.63 17.19 38.94
C ILE A 1689 -12.58 17.85 37.58
N ALA A 1690 -12.86 17.10 36.50
CA ALA A 1690 -12.83 17.72 35.17
C ALA A 1690 -11.54 18.49 34.89
N MET A 1691 -10.39 17.84 35.03
CA MET A 1691 -9.14 18.57 34.83
C MET A 1691 -9.13 19.19 33.44
N LEU A 1692 -9.50 18.38 32.46
CA LEU A 1692 -9.60 18.73 31.04
C LEU A 1692 -8.26 19.13 30.43
N LEU A 1693 -7.77 20.27 30.86
CA LEU A 1693 -6.47 20.87 30.54
C LEU A 1693 -6.12 20.96 29.08
N HIS A 1694 -5.92 19.82 28.44
CA HIS A 1694 -5.47 19.77 27.05
C HIS A 1694 -6.60 20.28 26.21
N VAL A 1695 -7.77 20.02 26.70
CA VAL A 1695 -9.00 20.42 26.07
C VAL A 1695 -9.04 21.92 25.91
N LYS A 1696 -8.50 22.63 26.88
CA LYS A 1696 -8.58 24.07 26.95
C LYS A 1696 -7.52 24.75 26.10
N ASP A 1697 -6.58 23.99 25.56
CA ASP A 1697 -5.49 24.53 24.77
C ASP A 1697 -5.02 23.44 23.81
N SER A 1698 -5.94 22.80 23.11
CA SER A 1698 -5.62 21.67 22.24
C SER A 1698 -5.06 22.05 20.89
N GLU A 1699 -5.06 23.34 20.59
CA GLU A 1699 -4.64 23.87 19.32
C GLU A 1699 -3.16 23.90 18.96
N ILE A 1700 -2.26 23.79 19.91
CA ILE A 1700 -0.89 23.93 19.49
C ILE A 1700 -0.34 22.62 19.07
N LYS A 1701 -0.44 22.39 17.78
CA LYS A 1701 -0.07 21.12 17.21
C LYS A 1701 0.83 21.25 16.01
N LEU A 1702 2.07 21.62 16.28
CA LEU A 1702 3.05 21.81 15.24
C LEU A 1702 4.19 20.81 15.34
N LYS A 1703 4.01 19.74 16.10
CA LYS A 1703 5.12 18.83 16.32
C LYS A 1703 4.97 17.47 15.61
N MET A 1704 3.75 16.93 15.60
CA MET A 1704 3.46 15.64 14.98
C MET A 1704 1.98 15.60 14.63
N LEU A 1705 1.60 14.75 13.71
CA LEU A 1705 0.20 14.61 13.32
C LEU A 1705 -0.74 13.76 14.14
N PHE A 1706 -0.33 12.58 14.51
CA PHE A 1706 -1.36 11.71 15.03
C PHE A 1706 -1.94 12.01 16.36
N ASN A 1707 -1.24 12.74 17.20
CA ASN A 1707 -1.87 13.05 18.46
C ASN A 1707 -3.06 14.00 18.19
N VAL A 1708 -3.06 14.65 17.02
CA VAL A 1708 -4.12 15.57 16.65
C VAL A 1708 -5.32 14.77 16.32
N ILE A 1709 -5.10 13.75 15.54
CA ILE A 1709 -6.18 12.95 15.07
C ILE A 1709 -6.82 12.24 16.25
N LYS A 1710 -6.00 11.75 17.16
CA LYS A 1710 -6.52 11.06 18.32
C LYS A 1710 -7.36 11.97 19.19
N MET A 1711 -6.93 13.22 19.36
CA MET A 1711 -7.73 14.13 20.15
C MET A 1711 -9.07 14.40 19.47
N ILE A 1712 -9.07 14.47 18.14
CA ILE A 1712 -10.31 14.70 17.44
C ILE A 1712 -11.27 13.56 17.66
N ARG A 1713 -10.78 12.32 17.57
CA ARG A 1713 -11.69 11.23 17.79
C ARG A 1713 -12.34 11.34 19.15
N MET A 1714 -11.58 11.73 20.16
CA MET A 1714 -12.21 11.86 21.45
C MET A 1714 -13.22 12.97 21.44
N GLY A 1715 -12.91 14.06 20.76
CA GLY A 1715 -13.81 15.19 20.72
C GLY A 1715 -15.16 14.77 20.19
N SER A 1716 -15.17 13.83 19.25
CA SER A 1716 -16.43 13.36 18.71
C SER A 1716 -17.24 12.57 19.72
N ARG A 1717 -16.62 11.61 20.38
CA ARG A 1717 -17.42 10.80 21.31
C ARG A 1717 -17.84 11.63 22.52
N CYS A 1718 -17.04 12.65 22.85
CA CYS A 1718 -17.34 13.53 23.93
C CYS A 1718 -18.56 14.38 23.63
N LYS A 1719 -18.93 14.46 22.35
CA LYS A 1719 -20.07 15.22 21.93
C LYS A 1719 -21.29 14.33 21.92
N GLU A 1720 -21.10 13.09 21.48
CA GLU A 1720 -22.21 12.14 21.33
C GLU A 1720 -22.94 11.94 22.64
N ARG A 1721 -22.22 11.95 23.73
CA ARG A 1721 -22.84 11.76 25.03
C ARG A 1721 -23.84 12.87 25.36
N ASN A 1722 -23.77 14.00 24.66
CA ASN A 1722 -24.58 15.16 24.98
C ASN A 1722 -25.85 15.10 24.20
N CYS A 1723 -26.02 14.04 23.46
CA CYS A 1723 -27.25 13.80 22.76
C CYS A 1723 -28.06 12.85 23.63
N LEU A 1724 -27.44 12.36 24.71
CA LEU A 1724 -28.09 11.48 25.64
C LEU A 1724 -28.25 12.31 26.87
N ARG A 1725 -27.34 13.29 26.94
CA ARG A 1725 -27.24 14.29 27.99
C ARG A 1725 -27.04 13.71 29.35
N ILE A 1726 -26.13 12.76 29.39
CA ILE A 1726 -25.78 12.11 30.64
C ILE A 1726 -24.91 13.00 31.53
N TYR A 1727 -24.07 13.81 30.90
CA TYR A 1727 -23.20 14.75 31.56
C TYR A 1727 -22.56 15.62 30.48
N SER A 1728 -23.02 16.85 30.34
CA SER A 1728 -22.58 17.72 29.26
C SER A 1728 -21.75 18.93 29.62
N SER A 1729 -21.42 19.13 30.88
CA SER A 1729 -20.71 20.37 31.23
C SER A 1729 -19.40 20.46 30.50
N LEU A 1730 -18.80 19.33 30.22
CA LEU A 1730 -17.53 19.28 29.55
C LEU A 1730 -17.61 19.73 28.11
N ASP A 1731 -18.76 19.51 27.46
CA ASP A 1731 -18.91 19.92 26.08
C ASP A 1731 -19.13 21.40 26.05
N LEU A 1732 -19.93 21.88 26.99
CA LEU A 1732 -20.27 23.29 27.01
C LEU A 1732 -19.05 24.14 27.24
N GLN A 1733 -18.11 23.61 28.01
CA GLN A 1733 -16.88 24.29 28.33
C GLN A 1733 -15.84 24.21 27.22
N GLU A 1734 -16.11 23.43 26.19
CA GLU A 1734 -15.20 23.24 25.09
C GLU A 1734 -15.13 24.47 24.22
N ILE A 1735 -13.94 24.77 23.75
CA ILE A 1735 -13.81 25.91 22.88
C ILE A 1735 -14.48 25.59 21.56
N CYS A 1736 -15.40 26.46 21.19
CA CYS A 1736 -16.14 26.31 19.96
C CYS A 1736 -15.34 26.87 18.84
N GLN A 1737 -15.60 26.39 17.64
CA GLN A 1737 -14.87 26.81 16.47
C GLN A 1737 -13.38 26.68 16.79
N ILE A 1738 -12.57 27.65 16.41
CA ILE A 1738 -11.14 27.75 16.72
C ILE A 1738 -10.29 26.55 16.35
N SER A 1739 -10.51 25.42 17.04
CA SER A 1739 -9.82 24.16 16.83
C SER A 1739 -10.35 23.59 15.55
N LEU A 1740 -11.47 24.14 15.18
CA LEU A 1740 -12.16 23.86 13.97
C LEU A 1740 -11.25 24.08 12.79
N LYS A 1741 -10.35 25.04 12.87
CA LYS A 1741 -9.46 25.34 11.77
C LYS A 1741 -8.43 24.23 11.57
N ILE A 1742 -8.21 23.43 12.59
CA ILE A 1742 -7.26 22.35 12.55
C ILE A 1742 -7.97 21.19 11.95
N LYS A 1743 -9.20 21.04 12.39
CA LYS A 1743 -10.06 20.00 11.91
C LYS A 1743 -10.18 20.24 10.41
N GLU A 1744 -10.20 21.53 10.02
CA GLU A 1744 -10.17 21.91 8.61
C GLU A 1744 -8.85 21.52 7.98
N PHE A 1745 -7.72 21.83 8.59
CA PHE A 1745 -6.46 21.53 7.92
C PHE A 1745 -6.27 20.06 7.64
N LYS A 1746 -6.72 19.20 8.55
CA LYS A 1746 -6.55 17.77 8.36
C LYS A 1746 -7.80 17.13 7.71
N PHE A 1747 -8.75 17.99 7.43
CA PHE A 1747 -10.08 17.81 6.84
C PHE A 1747 -10.97 16.67 7.28
N GLY A 1748 -11.67 16.86 8.37
CA GLY A 1748 -12.74 15.91 8.67
C GLY A 1748 -14.05 16.36 7.98
N TYR A 1749 -15.03 15.47 7.78
CA TYR A 1749 -16.29 15.97 7.21
C TYR A 1749 -17.18 16.52 8.26
N LEU A 1750 -16.72 16.35 9.49
CA LEU A 1750 -17.39 16.75 10.70
C LEU A 1750 -17.42 18.24 10.80
N LEU A 1751 -16.67 18.88 9.95
CA LEU A 1751 -16.61 20.29 9.93
C LEU A 1751 -17.95 20.86 9.60
N PHE A 1752 -18.77 20.13 8.85
CA PHE A 1752 -20.05 20.69 8.58
C PHE A 1752 -20.87 20.75 9.84
N GLU A 1753 -20.69 19.80 10.75
CA GLU A 1753 -21.47 19.81 11.95
C GLU A 1753 -20.92 20.82 12.91
N GLU A 1754 -19.61 20.85 13.00
CA GLU A 1754 -18.93 21.74 13.90
C GLU A 1754 -19.16 23.17 13.48
N MET A 1755 -19.27 23.41 12.19
CA MET A 1755 -19.53 24.76 11.76
C MET A 1755 -21.01 25.06 11.70
N ASN A 1756 -21.83 24.14 11.23
CA ASN A 1756 -23.20 24.53 11.07
C ASN A 1756 -23.96 24.61 12.36
N MET A 1757 -23.72 23.70 13.29
CA MET A 1757 -24.55 23.77 14.48
C MET A 1757 -24.41 25.04 15.30
N PRO A 1758 -23.24 25.64 15.38
CA PRO A 1758 -23.09 26.90 16.07
C PRO A 1758 -23.64 28.06 15.31
N ASN A 1759 -23.98 27.83 14.05
CA ASN A 1759 -24.40 28.91 13.21
C ASN A 1759 -25.88 28.94 13.02
N ILE A 1760 -26.47 27.96 12.33
CA ILE A 1760 -27.92 27.93 12.05
C ILE A 1760 -28.69 29.28 12.07
N ARG A 1761 -28.11 30.32 11.47
CA ARG A 1761 -28.62 31.68 11.41
C ARG A 1761 -28.23 32.32 10.10
N GLU A 1762 -28.57 33.59 9.94
CA GLU A 1762 -28.27 34.38 8.75
C GLU A 1762 -26.79 34.72 8.55
N MET A 1763 -25.96 34.48 9.55
CA MET A 1763 -24.53 34.76 9.48
C MET A 1763 -23.80 33.84 8.49
N ASN A 1764 -22.92 34.43 7.67
CA ASN A 1764 -22.15 33.68 6.68
C ASN A 1764 -20.80 33.14 7.12
N ILE A 1765 -19.76 33.99 7.11
CA ILE A 1765 -18.39 33.62 7.42
C ILE A 1765 -17.84 32.83 6.23
N ASN A 1766 -16.79 33.30 5.58
CA ASN A 1766 -16.39 32.67 4.33
C ASN A 1766 -15.53 31.46 4.48
N THR A 1767 -15.41 31.00 5.71
CA THR A 1767 -14.72 29.75 5.96
C THR A 1767 -15.63 28.68 5.40
N LEU A 1768 -16.88 29.05 5.16
CA LEU A 1768 -17.86 28.22 4.55
C LEU A 1768 -17.42 27.85 3.17
N GLN A 1769 -16.80 28.79 2.47
CA GLN A 1769 -16.38 28.52 1.12
C GLN A 1769 -15.27 27.53 1.18
N LYS A 1770 -14.40 27.70 2.18
CA LYS A 1770 -13.29 26.81 2.29
C LYS A 1770 -13.75 25.39 2.54
N ILE A 1771 -14.80 25.25 3.35
CA ILE A 1771 -15.30 23.92 3.65
C ILE A 1771 -15.86 23.28 2.41
N TYR A 1772 -16.58 24.01 1.61
CA TYR A 1772 -17.07 23.34 0.44
C TYR A 1772 -15.94 23.04 -0.52
N GLU A 1773 -14.94 23.89 -0.58
CA GLU A 1773 -13.83 23.63 -1.47
C GLU A 1773 -13.09 22.38 -1.04
N CYS A 1774 -13.06 22.12 0.26
CA CYS A 1774 -12.37 20.97 0.80
C CYS A 1774 -12.95 19.64 0.33
N ILE A 1775 -14.15 19.65 -0.24
CA ILE A 1775 -14.76 18.43 -0.71
C ILE A 1775 -14.90 18.46 -2.22
N ASN A 1776 -14.20 19.39 -2.87
CA ASN A 1776 -14.33 19.61 -4.30
C ASN A 1776 -15.70 20.21 -4.49
N ASP A 1777 -16.68 19.41 -4.90
CA ASP A 1777 -18.02 19.94 -4.95
C ASP A 1777 -19.07 18.85 -4.89
N GLY A 1778 -20.11 19.15 -4.15
CA GLY A 1778 -21.27 18.29 -3.96
C GLY A 1778 -22.45 18.84 -4.75
N ASP A 1779 -22.18 19.76 -5.65
CA ASP A 1779 -23.17 20.52 -6.38
C ASP A 1779 -23.82 21.35 -5.28
N PHE A 1780 -22.93 21.85 -4.39
CA PHE A 1780 -23.27 22.68 -3.25
C PHE A 1780 -22.82 24.10 -3.45
N LEU A 1781 -21.73 24.30 -4.17
CA LEU A 1781 -21.15 25.63 -4.33
C LEU A 1781 -22.10 26.55 -5.05
N ALA A 1782 -22.95 25.97 -5.85
CA ALA A 1782 -23.93 26.72 -6.59
C ALA A 1782 -24.83 27.52 -5.67
N GLY A 1783 -25.02 27.05 -4.44
CA GLY A 1783 -25.91 27.71 -3.51
C GLY A 1783 -25.24 28.81 -2.71
N LEU A 1784 -23.95 29.01 -2.89
CA LEU A 1784 -23.32 30.05 -2.12
C LEU A 1784 -23.98 31.34 -2.49
N PRO A 1785 -24.05 32.32 -1.57
CA PRO A 1785 -24.65 33.61 -1.79
C PRO A 1785 -23.77 34.48 -2.65
N VAL A 1786 -23.65 34.05 -3.87
CA VAL A 1786 -22.84 34.63 -4.92
C VAL A 1786 -23.23 35.98 -5.45
N PRO A 1787 -24.50 36.27 -5.79
CA PRO A 1787 -24.87 37.57 -6.37
C PRO A 1787 -23.99 38.70 -5.87
N HIS A 1788 -22.96 38.96 -6.63
CA HIS A 1788 -21.98 39.98 -6.36
C HIS A 1788 -22.39 41.31 -6.85
N SER A 1789 -21.80 42.33 -6.26
CA SER A 1789 -21.98 43.70 -6.68
C SER A 1789 -21.18 44.03 -7.95
N ILE A 1790 -20.30 43.12 -8.35
CA ILE A 1790 -19.44 43.33 -9.50
C ILE A 1790 -19.91 42.58 -10.74
N GLU A 1791 -20.17 43.32 -11.80
CA GLU A 1791 -20.58 42.63 -13.00
C GLU A 1791 -19.36 41.90 -13.51
N GLY A 1792 -19.53 40.64 -13.87
CA GLY A 1792 -18.43 39.87 -14.43
C GLY A 1792 -17.62 39.11 -13.40
N VAL A 1793 -17.81 39.38 -12.12
CA VAL A 1793 -16.99 38.65 -11.16
C VAL A 1793 -17.57 37.27 -10.99
N LEU A 1794 -18.79 37.11 -11.49
CA LEU A 1794 -19.54 35.87 -11.41
C LEU A 1794 -18.89 34.87 -12.30
N ASN A 1795 -18.00 35.32 -13.17
CA ASN A 1795 -17.30 34.43 -14.05
C ASN A 1795 -16.48 33.50 -13.20
N SER A 1796 -16.10 33.96 -12.00
CA SER A 1796 -15.30 33.19 -11.10
C SER A 1796 -16.04 31.97 -10.58
N ILE A 1797 -17.36 32.00 -10.66
CA ILE A 1797 -18.23 30.94 -10.23
C ILE A 1797 -18.69 30.10 -11.40
N ASN A 1798 -19.02 30.74 -12.50
CA ASN A 1798 -19.57 30.05 -13.65
C ASN A 1798 -18.59 29.02 -14.14
N ARG A 1799 -17.32 29.35 -14.03
CA ARG A 1799 -16.23 28.52 -14.44
C ARG A 1799 -15.95 27.34 -13.52
N ILE A 1800 -16.57 27.27 -12.35
CA ILE A 1800 -16.14 26.23 -11.46
C ILE A 1800 -16.85 24.92 -11.68
N ASP A 1801 -18.17 24.91 -11.83
CA ASP A 1801 -18.84 23.62 -11.87
C ASP A 1801 -19.79 23.31 -13.01
N SER A 1802 -19.65 22.07 -13.49
CA SER A 1802 -20.60 21.39 -14.39
C SER A 1802 -20.93 21.91 -15.79
N ASP A 1803 -21.17 23.21 -15.93
CA ASP A 1803 -21.64 23.76 -17.21
C ASP A 1803 -20.77 23.43 -18.40
N THR A 1804 -21.43 23.06 -19.50
CA THR A 1804 -20.79 22.66 -20.73
C THR A 1804 -20.83 23.68 -21.85
N TRP A 1805 -21.30 24.88 -21.60
CA TRP A 1805 -21.37 25.81 -22.70
C TRP A 1805 -21.35 27.25 -22.25
N LYS A 1806 -22.24 27.70 -21.39
CA LYS A 1806 -22.14 29.10 -21.06
C LYS A 1806 -20.81 29.46 -20.43
N ARG A 1807 -20.26 28.57 -19.63
CA ARG A 1807 -18.97 28.82 -19.00
C ARG A 1807 -17.84 29.04 -20.01
N PHE A 1808 -18.01 28.52 -21.21
CA PHE A 1808 -17.05 28.64 -22.26
C PHE A 1808 -17.11 30.06 -22.72
N LEU A 1809 -18.31 30.52 -22.96
CA LEU A 1809 -18.49 31.86 -23.44
C LEU A 1809 -18.00 32.89 -22.45
N PHE A 1810 -18.20 32.64 -21.17
CA PHE A 1810 -17.74 33.65 -20.25
C PHE A 1810 -16.25 33.66 -20.14
N ASN A 1811 -15.61 32.49 -20.21
CA ASN A 1811 -14.18 32.47 -20.12
C ASN A 1811 -13.54 33.13 -21.33
N ASN A 1812 -14.18 32.98 -22.48
CA ASN A 1812 -13.63 33.58 -23.67
C ASN A 1812 -13.85 35.05 -23.67
N ALA A 1813 -15.01 35.48 -23.17
CA ALA A 1813 -15.29 36.88 -23.14
C ALA A 1813 -14.30 37.59 -22.28
N ASP A 1814 -13.94 36.98 -21.16
CA ASP A 1814 -13.02 37.64 -20.28
C ASP A 1814 -11.66 37.70 -20.91
N PHE A 1815 -11.22 36.61 -21.54
CA PHE A 1815 -9.92 36.66 -22.14
C PHE A 1815 -9.84 37.78 -23.14
N ASP A 1816 -10.81 37.88 -24.04
CA ASP A 1816 -10.68 38.94 -25.01
C ASP A 1816 -10.74 40.30 -24.35
N ALA A 1817 -11.56 40.44 -23.32
CA ALA A 1817 -11.68 41.70 -22.63
C ALA A 1817 -10.40 42.18 -21.96
N ASN A 1818 -9.58 41.27 -21.41
CA ASN A 1818 -8.39 41.77 -20.72
C ASN A 1818 -7.04 41.17 -21.05
N TYR A 1819 -6.94 40.17 -21.94
CA TYR A 1819 -5.63 39.56 -22.14
C TYR A 1819 -4.64 40.60 -22.53
N THR A 1820 -5.07 41.58 -23.32
CA THR A 1820 -4.28 42.74 -23.71
C THR A 1820 -2.87 42.52 -23.25
N THR A 1821 -2.66 42.99 -22.02
CA THR A 1821 -1.44 42.80 -21.30
C THR A 1821 -1.66 41.86 -20.12
N SER A 1822 -2.92 41.59 -19.70
CA SER A 1822 -3.14 40.77 -18.49
C SER A 1822 -3.07 39.30 -18.85
N LEU A 1823 -1.86 38.85 -19.12
CA LEU A 1823 -1.63 37.50 -19.62
C LEU A 1823 -1.44 36.50 -18.50
N GLU A 1824 -1.38 36.99 -17.26
CA GLU A 1824 -1.13 36.17 -16.08
C GLU A 1824 -2.27 35.25 -15.67
N GLU A 1825 -3.50 35.56 -16.09
CA GLU A 1825 -4.66 34.77 -15.74
C GLU A 1825 -4.48 33.33 -16.17
N GLU A 1826 -4.67 32.39 -15.28
CA GLU A 1826 -4.49 31.03 -15.73
C GLU A 1826 -5.50 30.79 -16.82
N LYS A 1827 -5.05 30.14 -17.89
CA LYS A 1827 -5.95 29.89 -19.00
C LYS A 1827 -6.72 28.63 -18.76
N GLU A 1828 -6.44 28.01 -17.64
CA GLU A 1828 -7.03 26.75 -17.28
C GLU A 1828 -8.54 26.83 -17.19
N SER A 1829 -9.10 27.94 -16.76
CA SER A 1829 -10.55 27.94 -16.69
C SER A 1829 -11.14 27.76 -18.08
N LEU A 1830 -10.43 28.25 -19.08
CA LEU A 1830 -10.87 28.15 -20.43
C LEU A 1830 -10.51 26.81 -21.00
N ILE A 1831 -9.32 26.31 -20.67
CA ILE A 1831 -8.89 25.07 -21.28
C ILE A 1831 -9.80 23.98 -20.82
N LYS A 1832 -10.26 24.08 -19.58
CA LYS A 1832 -11.13 23.08 -19.06
C LYS A 1832 -12.43 23.15 -19.81
N ALA A 1833 -13.00 24.34 -19.94
CA ALA A 1833 -14.26 24.42 -20.64
C ALA A 1833 -14.13 23.97 -22.09
N THR A 1834 -13.00 24.31 -22.69
CA THR A 1834 -12.78 24.06 -24.09
C THR A 1834 -12.67 22.57 -24.36
N GLU A 1835 -11.92 21.84 -23.54
CA GLU A 1835 -11.84 20.42 -23.82
C GLU A 1835 -13.14 19.73 -23.49
N ASP A 1836 -13.81 20.10 -22.40
CA ASP A 1836 -15.06 19.41 -22.09
C ASP A 1836 -16.09 19.63 -23.17
N SER A 1837 -15.99 20.77 -23.86
CA SER A 1837 -16.90 21.12 -24.93
C SER A 1837 -16.65 20.32 -26.20
N GLY A 1838 -15.57 19.55 -26.25
CA GLY A 1838 -15.25 18.74 -27.41
C GLY A 1838 -14.15 19.28 -28.30
N PHE A 1839 -13.42 20.29 -27.88
CA PHE A 1839 -12.39 20.74 -28.76
C PHE A 1839 -11.09 20.17 -28.35
N TYR A 1840 -10.27 19.86 -29.33
CA TYR A 1840 -8.94 19.40 -29.07
C TYR A 1840 -8.12 20.31 -29.92
N GLY A 1841 -8.75 20.66 -31.03
CA GLY A 1841 -8.10 21.47 -32.05
C GLY A 1841 -7.88 22.89 -31.58
N LEU A 1842 -8.58 23.26 -30.53
CA LEU A 1842 -8.44 24.58 -29.96
C LEU A 1842 -7.80 24.52 -28.60
N THR A 1843 -7.32 23.35 -28.17
CA THR A 1843 -6.77 23.27 -26.83
C THR A 1843 -5.29 23.10 -26.88
N SER A 1844 -4.81 22.37 -27.88
CA SER A 1844 -3.38 22.15 -27.98
C SER A 1844 -2.69 23.46 -28.33
N LEU A 1845 -3.48 24.36 -28.86
CA LEU A 1845 -3.02 25.67 -29.27
C LEU A 1845 -3.32 26.76 -28.26
N LEU A 1846 -3.98 26.42 -27.17
CA LEU A 1846 -4.26 27.43 -26.17
C LEU A 1846 -3.20 27.36 -25.12
N GLU A 1847 -2.94 26.14 -24.69
CA GLU A 1847 -1.93 25.88 -23.70
C GLU A 1847 -1.04 24.81 -24.24
N SER A 1848 -0.09 25.23 -25.06
CA SER A 1848 0.79 24.34 -25.78
C SER A 1848 1.99 24.00 -24.90
N ARG A 1849 2.98 24.88 -24.89
CA ARG A 1849 4.18 24.72 -24.06
C ARG A 1849 4.05 25.53 -22.78
N LEU A 1850 2.88 26.09 -22.59
CA LEU A 1850 2.53 26.94 -21.48
C LEU A 1850 2.24 26.11 -20.27
N SER A 1851 2.41 26.67 -19.09
CA SER A 1851 1.95 25.94 -17.93
C SER A 1851 0.46 25.87 -18.06
N GLY A 1852 -0.14 24.74 -17.70
CA GLY A 1852 -1.57 24.58 -17.79
C GLY A 1852 -1.92 23.10 -17.84
N SER A 1853 -2.50 22.64 -16.74
CA SER A 1853 -2.82 21.26 -16.49
C SER A 1853 -1.61 20.38 -16.57
N SER A 1854 -1.85 19.08 -16.46
CA SER A 1854 -0.77 18.11 -16.54
C SER A 1854 -1.16 16.83 -17.28
N ASP A 1855 -2.30 16.84 -17.96
CA ASP A 1855 -2.85 15.68 -18.65
C ASP A 1855 -2.83 15.77 -20.15
N VAL A 1856 -1.94 16.59 -20.67
CA VAL A 1856 -1.75 16.90 -22.09
C VAL A 1856 -1.59 15.69 -22.96
N TYR A 1857 -1.14 14.60 -22.37
CA TYR A 1857 -0.95 13.38 -23.13
C TYR A 1857 -2.28 13.01 -23.72
N LYS A 1858 -3.36 13.25 -22.99
CA LYS A 1858 -4.65 12.94 -23.48
C LYS A 1858 -4.93 13.59 -24.82
N TRP A 1859 -4.45 14.82 -25.02
CA TRP A 1859 -4.75 15.51 -26.25
C TRP A 1859 -3.96 14.90 -27.37
N ASN A 1860 -2.70 14.60 -27.07
CA ASN A 1860 -1.83 14.04 -28.06
C ASN A 1860 -2.23 12.63 -28.41
N LEU A 1861 -2.87 11.97 -27.45
CA LEU A 1861 -3.42 10.65 -27.60
C LEU A 1861 -4.67 10.69 -28.45
N GLU A 1862 -5.53 11.70 -28.23
CA GLU A 1862 -6.77 11.88 -28.99
C GLU A 1862 -6.46 12.21 -30.43
N LEU A 1863 -5.42 12.96 -30.62
CA LEU A 1863 -4.96 13.35 -31.91
C LEU A 1863 -3.89 12.36 -32.30
N GLY A 1864 -3.31 12.49 -33.47
CA GLY A 1864 -2.28 11.55 -33.89
C GLY A 1864 -0.88 12.10 -33.61
N ASP A 1865 -0.82 13.18 -32.84
CA ASP A 1865 0.41 13.89 -32.59
C ASP A 1865 1.46 13.14 -31.80
N TRP A 1866 1.08 12.34 -30.82
CA TRP A 1866 2.09 11.68 -29.99
C TRP A 1866 3.12 12.74 -29.56
N LYS A 1867 4.41 12.42 -29.71
CA LYS A 1867 5.52 13.33 -29.55
C LYS A 1867 5.59 14.10 -28.24
N LEU A 1868 5.35 13.44 -27.12
CA LEU A 1868 5.51 14.12 -25.86
C LEU A 1868 6.32 13.22 -24.96
N LEU A 1869 7.39 12.71 -25.56
CA LEU A 1869 8.34 11.83 -24.93
C LEU A 1869 7.62 10.66 -24.27
N THR A 1870 8.07 10.28 -23.08
CA THR A 1870 7.45 9.21 -22.33
C THR A 1870 7.21 9.65 -20.88
N PRO A 1871 5.99 9.50 -20.34
CA PRO A 1871 5.63 9.89 -19.00
C PRO A 1871 6.09 8.86 -18.00
N LYS A 1872 7.40 8.76 -17.83
CA LYS A 1872 7.97 7.77 -16.94
C LYS A 1872 7.76 8.15 -15.50
N VAL A 1873 7.50 9.41 -15.28
CA VAL A 1873 7.35 9.97 -13.97
C VAL A 1873 5.96 9.79 -13.37
N VAL A 1874 5.62 8.53 -13.11
CA VAL A 1874 4.34 8.05 -12.57
C VAL A 1874 3.17 8.38 -13.47
N ASP A 1875 2.80 7.43 -14.28
CA ASP A 1875 1.71 7.60 -15.19
C ASP A 1875 0.37 7.53 -14.49
N SER A 1876 -0.63 8.01 -15.19
CA SER A 1876 -2.02 7.92 -14.79
C SER A 1876 -2.93 7.88 -15.99
N LYS A 1877 -3.85 6.92 -16.02
CA LYS A 1877 -4.84 6.80 -17.06
C LYS A 1877 -4.26 6.92 -18.45
N ALA A 1878 -4.55 8.03 -19.11
CA ALA A 1878 -4.14 8.22 -20.49
C ALA A 1878 -2.64 8.08 -20.63
N LYS A 1879 -1.90 8.50 -19.62
CA LYS A 1879 -0.47 8.39 -19.70
C LYS A 1879 -0.04 6.95 -19.77
N GLY A 1880 -0.76 6.06 -19.09
CA GLY A 1880 -0.40 4.66 -19.09
C GLY A 1880 -0.66 4.08 -20.46
N LEU A 1881 -1.78 4.47 -21.04
CA LEU A 1881 -2.12 3.95 -22.35
C LEU A 1881 -1.11 4.46 -23.35
N TYR A 1882 -0.75 5.72 -23.21
CA TYR A 1882 0.20 6.36 -24.08
C TYR A 1882 1.50 5.63 -23.96
N TYR A 1883 1.94 5.40 -22.72
CA TYR A 1883 3.19 4.74 -22.44
C TYR A 1883 3.27 3.40 -23.13
N ALA A 1884 2.23 2.61 -22.96
CA ALA A 1884 2.22 1.26 -23.49
C ALA A 1884 2.36 1.21 -25.00
N ILE A 1885 1.81 2.16 -25.72
CA ILE A 1885 1.95 2.08 -27.16
C ILE A 1885 3.18 2.78 -27.62
N LYS A 1886 3.44 3.95 -27.08
CA LYS A 1886 4.53 4.78 -27.53
C LYS A 1886 5.87 4.09 -27.40
N ASN A 1887 6.04 3.28 -26.37
CA ASN A 1887 7.31 2.66 -26.11
C ASN A 1887 7.35 1.23 -26.62
N LEU A 1888 6.45 0.87 -27.54
CA LEU A 1888 6.41 -0.47 -28.07
C LEU A 1888 7.10 -0.58 -29.45
N PRO A 1889 8.31 -1.14 -29.54
CA PRO A 1889 9.11 -1.31 -30.75
C PRO A 1889 8.65 -2.50 -31.54
N GLN A 1890 9.12 -2.59 -32.80
CA GLN A 1890 8.98 -3.77 -33.66
C GLN A 1890 7.60 -4.10 -34.17
N ASP A 1891 7.58 -4.58 -35.40
CA ASP A 1891 6.37 -5.05 -36.03
C ASP A 1891 6.04 -6.43 -35.45
N VAL A 1892 4.95 -6.50 -34.69
CA VAL A 1892 4.54 -7.72 -34.02
C VAL A 1892 5.73 -8.54 -33.56
N GLY A 1893 5.80 -9.79 -33.96
CA GLY A 1893 6.93 -10.58 -33.54
C GLY A 1893 6.94 -10.66 -32.04
N PHE A 1894 8.06 -10.29 -31.46
CA PHE A 1894 8.27 -10.31 -30.03
C PHE A 1894 7.78 -9.05 -29.34
N ALA A 1895 7.21 -8.13 -30.11
CA ALA A 1895 6.71 -6.88 -29.58
C ALA A 1895 5.66 -7.17 -28.53
N GLU A 1896 4.92 -8.25 -28.68
CA GLU A 1896 3.91 -8.57 -27.69
C GLU A 1896 4.53 -8.82 -26.33
N LYS A 1897 5.71 -9.39 -26.28
CA LYS A 1897 6.29 -9.63 -24.98
C LYS A 1897 6.66 -8.26 -24.42
N SER A 1898 7.14 -7.37 -25.28
CA SER A 1898 7.48 -6.03 -24.81
C SER A 1898 6.22 -5.36 -24.26
N LEU A 1899 5.09 -5.61 -24.90
CA LEU A 1899 3.88 -5.02 -24.43
C LEU A 1899 3.54 -5.63 -23.06
N GLU A 1900 3.74 -6.93 -22.89
CA GLU A 1900 3.50 -7.53 -21.59
C GLU A 1900 4.36 -6.86 -20.52
N LYS A 1901 5.60 -6.54 -20.84
CA LYS A 1901 6.46 -5.89 -19.88
C LYS A 1901 5.87 -4.55 -19.44
N SER A 1902 5.20 -3.85 -20.35
CA SER A 1902 4.57 -2.59 -20.04
C SER A 1902 3.43 -2.83 -19.06
N LEU A 1903 2.75 -3.97 -19.17
CA LEU A 1903 1.68 -4.27 -18.23
C LEU A 1903 2.23 -4.40 -16.84
N LEU A 1904 3.36 -5.09 -16.72
CA LEU A 1904 3.96 -5.26 -15.43
C LEU A 1904 4.41 -3.93 -14.87
N THR A 1905 4.91 -3.08 -15.76
CA THR A 1905 5.38 -1.77 -15.37
C THR A 1905 4.25 -0.95 -14.81
N ILE A 1906 3.12 -0.98 -15.48
CA ILE A 1906 1.96 -0.26 -15.03
C ILE A 1906 1.46 -0.78 -13.72
N PHE A 1907 1.43 -2.08 -13.53
CA PHE A 1907 1.00 -2.60 -12.25
C PHE A 1907 1.83 -1.98 -11.16
N ASP A 1908 3.12 -1.92 -11.34
CA ASP A 1908 3.91 -1.33 -10.29
C ASP A 1908 3.48 0.13 -10.08
N SER A 1909 3.17 0.85 -11.16
CA SER A 1909 2.69 2.22 -10.96
C SER A 1909 1.40 2.17 -10.16
N ARG A 1910 0.56 1.17 -10.41
CA ARG A 1910 -0.67 0.99 -9.65
C ARG A 1910 -0.38 0.89 -8.19
N GLN A 1911 0.73 0.28 -7.81
CA GLN A 1911 1.04 0.18 -6.41
C GLN A 1911 1.33 1.55 -5.80
N HIS A 1912 1.74 2.51 -6.61
CA HIS A 1912 1.84 3.86 -6.09
C HIS A 1912 0.44 4.26 -5.67
N PHE A 1913 -0.48 4.01 -6.58
CA PHE A 1913 -1.89 4.33 -6.44
C PHE A 1913 -2.12 5.82 -6.44
N ILE A 1914 -2.04 6.42 -7.62
CA ILE A 1914 -2.21 7.86 -7.70
C ILE A 1914 -3.65 8.24 -7.32
N SER A 1915 -4.59 7.34 -7.63
CA SER A 1915 -6.00 7.52 -7.35
C SER A 1915 -6.62 6.16 -7.15
N GLN A 1916 -7.81 6.12 -6.60
CA GLN A 1916 -8.53 4.87 -6.41
C GLN A 1916 -9.22 4.40 -7.68
N THR A 1917 -9.41 3.07 -7.84
CA THR A 1917 -10.23 2.45 -8.90
C THR A 1917 -9.71 2.54 -10.33
N GLU A 1918 -9.31 3.71 -10.75
CA GLU A 1918 -8.90 4.00 -12.09
C GLU A 1918 -7.78 3.09 -12.51
N TRP A 1919 -6.95 2.71 -11.58
CA TRP A 1919 -5.87 1.82 -11.89
C TRP A 1919 -6.32 0.43 -12.21
N MET A 1920 -7.44 0.01 -11.66
CA MET A 1920 -7.90 -1.32 -11.95
C MET A 1920 -8.42 -1.29 -13.35
N ASP A 1921 -9.03 -0.17 -13.69
CA ASP A 1921 -9.59 0.01 -14.99
C ASP A 1921 -8.44 0.12 -15.99
N THR A 1922 -7.37 0.76 -15.57
CA THR A 1922 -6.22 0.92 -16.42
C THR A 1922 -5.63 -0.43 -16.69
N LEU A 1923 -5.50 -1.28 -15.67
CA LEU A 1923 -4.92 -2.57 -15.95
C LEU A 1923 -5.76 -3.31 -16.93
N ASN A 1924 -7.08 -3.20 -16.78
CA ASN A 1924 -7.96 -3.88 -17.71
C ASN A 1924 -7.67 -3.41 -19.10
N ALA A 1925 -7.56 -2.09 -19.26
CA ALA A 1925 -7.31 -1.51 -20.57
C ALA A 1925 -6.01 -1.99 -21.17
N ILE A 1926 -5.01 -2.20 -20.35
CA ILE A 1926 -3.77 -2.65 -20.92
C ILE A 1926 -3.98 -4.05 -21.40
N ILE A 1927 -4.71 -4.81 -20.62
CA ILE A 1927 -5.05 -6.16 -20.98
C ILE A 1927 -5.82 -6.19 -22.27
N GLU A 1928 -6.68 -5.22 -22.47
CA GLU A 1928 -7.40 -5.12 -23.71
C GLU A 1928 -6.45 -4.94 -24.89
N PHE A 1929 -5.32 -4.23 -24.74
CA PHE A 1929 -4.42 -4.12 -25.89
C PHE A 1929 -3.83 -5.46 -26.24
N ILE A 1930 -3.47 -6.19 -25.19
CA ILE A 1930 -2.90 -7.50 -25.40
C ILE A 1930 -4.05 -8.37 -25.82
N LYS A 1931 -3.81 -9.63 -26.06
CA LYS A 1931 -4.82 -10.53 -26.60
C LYS A 1931 -4.97 -10.14 -28.04
N ILE A 1932 -5.67 -9.07 -28.36
CA ILE A 1932 -5.82 -8.77 -29.77
C ILE A 1932 -4.46 -8.48 -30.40
N ALA A 1933 -3.56 -7.84 -29.69
CA ALA A 1933 -2.25 -7.57 -30.25
C ALA A 1933 -1.38 -8.79 -30.18
N ALA A 1934 -1.85 -9.79 -29.47
CA ALA A 1934 -1.10 -10.98 -29.23
C ALA A 1934 -1.38 -12.00 -30.28
N ILE A 1935 -2.29 -11.73 -31.20
CA ILE A 1935 -2.60 -12.76 -32.14
C ILE A 1935 -2.46 -12.41 -33.62
N PRO A 1936 -1.29 -11.95 -34.09
CA PRO A 1936 -0.92 -11.88 -35.48
C PRO A 1936 -0.61 -13.29 -35.95
N GLN A 1937 -0.46 -14.16 -34.97
CA GLN A 1937 -0.20 -15.54 -35.12
C GLN A 1937 -1.53 -16.21 -35.33
N ASP A 1938 -1.64 -17.02 -36.37
CA ASP A 1938 -2.86 -17.78 -36.62
C ASP A 1938 -4.09 -16.90 -36.68
N VAL A 1939 -4.09 -15.96 -37.59
CA VAL A 1939 -5.17 -15.00 -37.63
C VAL A 1939 -6.39 -15.61 -38.28
N THR A 1940 -7.10 -16.36 -37.47
CA THR A 1940 -8.29 -17.08 -37.84
C THR A 1940 -9.39 -16.63 -36.94
N SER A 1941 -9.12 -16.75 -35.65
CA SER A 1941 -10.00 -16.42 -34.52
C SER A 1941 -10.06 -14.93 -34.23
N PHE A 1942 -9.23 -14.19 -34.92
CA PHE A 1942 -9.13 -12.77 -34.73
C PHE A 1942 -10.51 -12.08 -34.72
N PRO A 1943 -11.42 -12.30 -35.69
CA PRO A 1943 -12.74 -11.70 -35.68
C PRO A 1943 -13.51 -11.96 -34.40
N GLN A 1944 -13.32 -13.11 -33.77
CA GLN A 1944 -14.07 -13.40 -32.59
C GLN A 1944 -13.52 -12.63 -31.44
N THR A 1945 -12.22 -12.37 -31.48
CA THR A 1945 -11.59 -11.62 -30.43
C THR A 1945 -12.18 -10.24 -30.47
N LEU A 1946 -12.33 -9.71 -31.67
CA LEU A 1946 -12.88 -8.38 -31.80
C LEU A 1946 -14.32 -8.35 -31.32
N MET A 1947 -15.09 -9.37 -31.65
CA MET A 1947 -16.48 -9.38 -31.22
C MET A 1947 -16.59 -9.42 -29.72
N SER A 1948 -15.77 -10.24 -29.10
CA SER A 1948 -15.81 -10.39 -27.67
C SER A 1948 -15.47 -9.09 -26.98
N ILE A 1949 -14.41 -8.44 -27.42
CA ILE A 1949 -14.05 -7.21 -26.77
C ILE A 1949 -15.08 -6.13 -26.95
N MET A 1950 -15.71 -6.07 -28.11
CA MET A 1950 -16.72 -5.08 -28.34
C MET A 1950 -17.91 -5.29 -27.43
N LYS A 1951 -18.31 -6.54 -27.26
CA LYS A 1951 -19.43 -6.80 -26.40
C LYS A 1951 -19.08 -6.46 -24.95
N ALA A 1952 -17.86 -6.79 -24.55
CA ALA A 1952 -17.44 -6.49 -23.19
C ALA A 1952 -17.47 -5.01 -22.95
N ASP A 1953 -17.08 -4.24 -23.95
CA ASP A 1953 -17.07 -2.82 -23.82
C ASP A 1953 -18.48 -2.29 -23.68
N LYS A 1954 -19.40 -2.84 -24.44
CA LYS A 1954 -20.75 -2.38 -24.32
C LYS A 1954 -21.23 -2.57 -22.89
N GLU A 1955 -20.88 -3.70 -22.28
CA GLU A 1955 -21.29 -3.90 -20.92
C GLU A 1955 -20.58 -2.93 -19.98
N ARG A 1956 -19.30 -2.68 -20.21
CA ARG A 1956 -18.55 -1.78 -19.33
C ARG A 1956 -19.19 -0.42 -19.26
N LEU A 1957 -19.67 0.03 -20.40
CA LEU A 1957 -20.24 1.36 -20.57
C LEU A 1957 -21.61 1.50 -19.96
N ASN A 1958 -22.19 0.41 -19.47
CA ASN A 1958 -23.48 0.52 -18.84
C ASN A 1958 -23.36 1.42 -17.62
N THR A 1959 -22.17 1.52 -17.06
CA THR A 1959 -21.91 2.37 -15.92
C THR A 1959 -20.74 3.24 -16.28
N ILE A 1960 -20.75 4.45 -15.76
CA ILE A 1960 -19.73 5.47 -16.01
C ILE A 1960 -19.94 6.07 -17.37
N ASP A 1961 -20.12 7.37 -17.35
CA ASP A 1961 -20.44 8.14 -18.53
C ASP A 1961 -19.35 8.03 -19.57
N PHE A 1962 -19.76 8.20 -20.82
CA PHE A 1962 -18.85 8.10 -21.93
C PHE A 1962 -17.99 9.32 -21.97
N TYR A 1963 -17.00 9.33 -21.11
CA TYR A 1963 -16.08 10.42 -20.98
C TYR A 1963 -14.68 9.91 -20.76
N ASP A 1964 -14.40 9.27 -19.63
CA ASP A 1964 -13.02 8.91 -19.39
C ASP A 1964 -12.65 7.72 -20.22
N HIS A 1965 -13.64 6.90 -20.46
CA HIS A 1965 -13.55 5.68 -21.23
C HIS A 1965 -13.12 5.92 -22.66
N LYS A 1966 -13.31 7.14 -23.13
CA LYS A 1966 -13.00 7.47 -24.50
C LYS A 1966 -11.55 7.22 -24.82
N THR A 1967 -10.65 7.44 -23.86
CA THR A 1967 -9.25 7.26 -24.20
C THR A 1967 -8.93 5.82 -24.43
N THR A 1968 -9.63 4.93 -23.73
CA THR A 1968 -9.40 3.51 -23.89
C THR A 1968 -9.78 3.12 -25.28
N LEU A 1969 -10.91 3.60 -25.71
CA LEU A 1969 -11.40 3.21 -27.01
C LEU A 1969 -10.54 3.73 -28.12
N LYS A 1970 -10.10 4.96 -28.00
CA LYS A 1970 -9.28 5.52 -29.02
C LYS A 1970 -7.92 4.83 -29.00
N SER A 1971 -7.42 4.50 -27.82
CA SER A 1971 -6.14 3.87 -27.73
C SER A 1971 -6.16 2.51 -28.40
N ARG A 1972 -7.25 1.76 -28.26
CA ARG A 1972 -7.31 0.47 -28.91
C ARG A 1972 -7.24 0.64 -30.42
N HIS A 1973 -7.90 1.68 -30.92
CA HIS A 1973 -7.89 1.99 -32.33
C HIS A 1973 -6.47 2.25 -32.76
N THR A 1974 -5.81 3.09 -31.97
CA THR A 1974 -4.48 3.53 -32.24
C THR A 1974 -3.51 2.39 -32.30
N LEU A 1975 -3.59 1.45 -31.37
CA LEU A 1975 -2.64 0.37 -31.43
C LEU A 1975 -2.84 -0.43 -32.68
N MET A 1976 -4.08 -0.69 -33.08
CA MET A 1976 -4.23 -1.47 -34.29
C MET A 1976 -3.61 -0.75 -35.46
N ASN A 1977 -3.71 0.58 -35.47
CA ASN A 1977 -3.10 1.34 -36.56
C ASN A 1977 -1.58 1.29 -36.50
N VAL A 1978 -1.01 1.25 -35.31
CA VAL A 1978 0.43 1.20 -35.22
C VAL A 1978 0.95 -0.11 -35.73
N LEU A 1979 0.30 -1.18 -35.34
CA LEU A 1979 0.75 -2.48 -35.76
C LEU A 1979 0.61 -2.62 -37.27
N SER A 1980 -0.49 -2.10 -37.82
CA SER A 1980 -0.72 -2.18 -39.25
C SER A 1980 0.21 -1.24 -40.00
N ARG A 1981 0.72 -0.21 -39.34
CA ARG A 1981 1.64 0.73 -39.96
C ARG A 1981 3.07 0.24 -39.93
N ASN A 1982 3.47 -0.39 -38.82
CA ASN A 1982 4.82 -0.90 -38.71
C ASN A 1982 5.03 -2.05 -39.66
N SER A 1983 3.95 -2.78 -39.92
CA SER A 1983 3.99 -3.91 -40.79
C SER A 1983 4.05 -3.54 -42.25
N LEU A 1984 4.43 -4.52 -43.05
CA LEU A 1984 4.50 -4.39 -44.49
C LEU A 1984 4.51 -5.77 -45.09
N ASP A 1985 5.66 -6.43 -45.13
CA ASP A 1985 5.75 -7.76 -45.64
C ASP A 1985 6.59 -8.76 -44.83
N GLU A 1986 7.02 -8.41 -43.61
CA GLU A 1986 7.66 -9.41 -42.76
C GLU A 1986 6.47 -10.29 -42.39
N ASN A 1987 5.40 -9.56 -42.16
CA ASN A 1987 4.08 -10.03 -41.90
C ASN A 1987 3.45 -10.55 -43.16
N VAL A 1988 2.63 -11.57 -43.03
CA VAL A 1988 1.86 -12.05 -44.15
C VAL A 1988 0.40 -12.04 -43.75
N LYS A 1989 -0.46 -11.40 -44.56
CA LYS A 1989 -1.92 -11.34 -44.35
C LYS A 1989 -2.42 -10.55 -43.16
N CYS A 1990 -1.83 -10.73 -41.99
CA CYS A 1990 -2.33 -10.14 -40.77
C CYS A 1990 -2.45 -8.63 -40.82
N SER A 1991 -1.65 -7.95 -41.64
CA SER A 1991 -1.76 -6.50 -41.70
C SER A 1991 -3.09 -6.07 -42.33
N LYS A 1992 -3.71 -6.99 -43.06
CA LYS A 1992 -4.98 -6.76 -43.69
C LYS A 1992 -6.00 -6.81 -42.60
N TYR A 1993 -5.79 -7.75 -41.71
CA TYR A 1993 -6.70 -7.96 -40.63
C TYR A 1993 -6.57 -6.84 -39.62
N LEU A 1994 -5.36 -6.33 -39.44
CA LEU A 1994 -5.18 -5.23 -38.52
C LEU A 1994 -5.83 -3.96 -39.05
N ARG A 1995 -5.69 -3.70 -40.36
CA ARG A 1995 -6.27 -2.49 -40.87
C ARG A 1995 -7.78 -2.58 -40.85
N LEU A 1996 -8.31 -3.74 -41.17
CA LEU A 1996 -9.73 -3.88 -41.17
C LEU A 1996 -10.26 -3.75 -39.78
N GLY A 1997 -9.59 -4.38 -38.81
CA GLY A 1997 -10.07 -4.33 -37.45
C GLY A 1997 -10.15 -2.89 -36.98
N SER A 1998 -9.18 -2.07 -37.37
CA SER A 1998 -9.18 -0.69 -36.98
C SER A 1998 -10.41 0.03 -37.51
N ILE A 1999 -10.73 -0.19 -38.78
CA ILE A 1999 -11.89 0.47 -39.37
C ILE A 1999 -13.18 0.01 -38.70
N ILE A 2000 -13.35 -1.28 -38.48
CA ILE A 2000 -14.58 -1.74 -37.89
C ILE A 2000 -14.75 -1.16 -36.52
N GLN A 2001 -13.69 -1.20 -35.72
CA GLN A 2001 -13.79 -0.66 -34.39
C GLN A 2001 -14.15 0.80 -34.40
N LEU A 2002 -13.61 1.57 -35.32
CA LEU A 2002 -13.93 2.96 -35.35
C LEU A 2002 -15.42 3.14 -35.55
N ALA A 2003 -16.04 2.27 -36.36
CA ALA A 2003 -17.48 2.40 -36.58
C ALA A 2003 -18.22 2.21 -35.29
N ASN A 2004 -17.76 1.27 -34.51
CA ASN A 2004 -18.40 1.01 -33.26
C ASN A 2004 -18.17 2.13 -32.28
N TYR A 2005 -17.01 2.79 -32.38
CA TYR A 2005 -16.74 3.92 -31.51
C TYR A 2005 -17.80 4.94 -31.70
N VAL A 2006 -18.06 5.24 -32.96
CA VAL A 2006 -19.04 6.24 -33.28
C VAL A 2006 -20.39 5.81 -32.79
N GLN A 2007 -20.76 4.55 -32.98
CA GLN A 2007 -22.07 4.18 -32.53
C GLN A 2007 -22.23 4.34 -31.01
N LEU A 2008 -21.21 4.01 -30.24
CA LEU A 2008 -21.35 4.18 -28.80
C LEU A 2008 -21.38 5.64 -28.43
N ALA A 2009 -20.55 6.41 -29.12
CA ALA A 2009 -20.47 7.82 -28.82
C ALA A 2009 -21.75 8.50 -29.10
N ILE A 2010 -22.42 8.18 -30.19
CA ILE A 2010 -23.66 8.88 -30.39
C ILE A 2010 -24.73 8.40 -29.44
N ALA A 2011 -24.69 7.12 -29.07
CA ALA A 2011 -25.68 6.62 -28.16
C ALA A 2011 -25.60 7.25 -26.78
N ASN A 2012 -24.39 7.46 -26.26
CA ASN A 2012 -24.27 7.98 -24.91
C ASN A 2012 -23.61 9.34 -24.76
N GLY A 2013 -22.94 9.78 -25.79
CA GLY A 2013 -22.15 11.00 -25.83
C GLY A 2013 -22.80 11.99 -26.76
N ALA A 2014 -21.98 12.66 -27.57
CA ALA A 2014 -22.54 13.66 -28.45
C ALA A 2014 -21.68 13.84 -29.71
N PRO A 2015 -22.28 14.32 -30.82
CA PRO A 2015 -21.68 14.61 -32.11
C PRO A 2015 -20.45 15.47 -32.07
N GLN A 2016 -20.33 16.34 -31.09
CA GLN A 2016 -19.16 17.19 -31.01
C GLN A 2016 -17.91 16.36 -30.94
N ASP A 2017 -18.04 15.13 -30.49
CA ASP A 2017 -16.93 14.24 -30.42
C ASP A 2017 -17.04 13.24 -31.57
N ALA A 2018 -18.23 12.64 -31.72
CA ALA A 2018 -18.44 11.54 -32.67
C ALA A 2018 -18.15 11.90 -34.13
N LEU A 2019 -18.39 13.14 -34.50
CA LEU A 2019 -18.16 13.56 -35.86
C LEU A 2019 -16.70 13.54 -36.22
N ARG A 2020 -15.81 13.65 -35.25
CA ARG A 2020 -14.43 13.68 -35.61
C ARG A 2020 -14.02 12.35 -36.15
N ASN A 2021 -14.56 11.31 -35.55
CA ASN A 2021 -14.23 9.99 -35.98
C ASN A 2021 -14.97 9.63 -37.23
N ALA A 2022 -16.17 10.16 -37.38
CA ALA A 2022 -16.86 9.88 -38.61
C ALA A 2022 -16.03 10.47 -39.75
N THR A 2023 -15.42 11.62 -39.50
CA THR A 2023 -14.58 12.25 -40.48
C THR A 2023 -13.34 11.42 -40.75
N LEU A 2024 -12.72 10.93 -39.68
CA LEU A 2024 -11.52 10.13 -39.80
C LEU A 2024 -11.78 8.92 -40.66
N MET A 2025 -12.92 8.30 -40.48
CA MET A 2025 -13.21 7.12 -41.24
C MET A 2025 -13.15 7.40 -42.71
N SER A 2026 -13.56 8.58 -43.15
CA SER A 2026 -13.51 8.85 -44.55
C SER A 2026 -12.06 8.89 -44.96
N LYS A 2027 -11.23 9.58 -44.19
CA LYS A 2027 -9.82 9.72 -44.53
C LYS A 2027 -9.14 8.36 -44.64
N THR A 2028 -9.56 7.44 -43.80
CA THR A 2028 -8.95 6.13 -43.74
C THR A 2028 -9.47 5.11 -44.75
N VAL A 2029 -10.47 5.45 -45.55
CA VAL A 2029 -10.93 4.44 -46.51
C VAL A 2029 -10.69 4.85 -47.95
N LYS A 2030 -10.03 5.98 -48.17
CA LYS A 2030 -9.84 6.48 -49.52
C LYS A 2030 -9.10 5.53 -50.45
N ASN A 2031 -8.16 4.77 -49.93
CA ASN A 2031 -7.40 3.87 -50.76
C ASN A 2031 -7.68 2.40 -50.46
N ILE A 2032 -8.86 2.04 -49.97
CA ILE A 2032 -9.04 0.61 -49.67
C ILE A 2032 -8.94 -0.29 -50.88
N ALA A 2033 -9.28 0.23 -52.04
CA ALA A 2033 -9.21 -0.54 -53.27
C ALA A 2033 -7.79 -0.79 -53.68
N LYS A 2034 -6.85 -0.08 -53.09
CA LYS A 2034 -5.46 -0.19 -53.42
C LYS A 2034 -4.64 -0.84 -52.30
N LEU A 2035 -5.29 -1.28 -51.23
CA LEU A 2035 -4.51 -1.90 -50.16
C LEU A 2035 -4.32 -3.36 -50.52
N TYR A 2036 -5.33 -3.88 -51.20
CA TYR A 2036 -5.38 -5.23 -51.68
C TYR A 2036 -6.39 -5.32 -52.80
N ASP A 2037 -6.20 -6.26 -53.69
CA ASP A 2037 -7.12 -6.40 -54.81
C ASP A 2037 -8.33 -7.25 -54.50
N ASP A 2038 -9.26 -6.72 -53.72
CA ASP A 2038 -10.43 -7.53 -53.36
C ASP A 2038 -11.81 -6.83 -53.49
N PRO A 2039 -12.32 -6.57 -54.72
CA PRO A 2039 -13.56 -5.86 -55.02
C PRO A 2039 -14.75 -6.38 -54.24
N SER A 2040 -14.72 -7.69 -54.01
CA SER A 2040 -15.75 -8.43 -53.30
C SER A 2040 -15.90 -8.06 -51.84
N VAL A 2041 -14.90 -7.39 -51.27
CA VAL A 2041 -15.00 -6.96 -49.90
C VAL A 2041 -14.86 -5.45 -49.78
N VAL A 2042 -14.07 -4.84 -50.65
CA VAL A 2042 -13.85 -3.43 -50.42
C VAL A 2042 -15.10 -2.64 -50.64
N SER A 2043 -15.98 -3.12 -51.50
CA SER A 2043 -17.22 -2.40 -51.67
C SER A 2043 -18.04 -2.44 -50.40
N GLN A 2044 -17.95 -3.53 -49.66
CA GLN A 2044 -18.71 -3.66 -48.43
C GLN A 2044 -18.17 -2.71 -47.39
N ILE A 2045 -16.86 -2.52 -47.41
CA ILE A 2045 -16.23 -1.64 -46.45
C ILE A 2045 -16.72 -0.22 -46.69
N GLU A 2046 -16.76 0.18 -47.95
CA GLU A 2046 -17.25 1.51 -48.24
C GLU A 2046 -18.69 1.67 -47.78
N LYS A 2047 -19.52 0.64 -47.97
CA LYS A 2047 -20.90 0.76 -47.55
C LYS A 2047 -20.99 1.03 -46.06
N LEU A 2048 -20.14 0.35 -45.30
CA LEU A 2048 -20.14 0.55 -43.87
C LEU A 2048 -19.80 1.98 -43.56
N ALA A 2049 -18.77 2.49 -44.18
CA ALA A 2049 -18.37 3.83 -43.88
C ALA A 2049 -19.45 4.84 -44.20
N SER A 2050 -20.15 4.65 -45.32
CA SER A 2050 -21.17 5.61 -45.68
C SER A 2050 -22.28 5.59 -44.67
N PHE A 2051 -22.65 4.41 -44.25
CA PHE A 2051 -23.70 4.29 -43.27
C PHE A 2051 -23.33 4.99 -41.98
N THR A 2052 -22.12 4.73 -41.54
CA THR A 2052 -21.70 5.26 -40.28
C THR A 2052 -21.76 6.76 -40.27
N SER A 2053 -21.25 7.41 -41.32
CA SER A 2053 -21.25 8.85 -41.29
C SER A 2053 -22.64 9.41 -41.42
N ALA A 2054 -23.52 8.70 -42.10
CA ALA A 2054 -24.86 9.22 -42.24
C ALA A 2054 -25.48 9.38 -40.89
N ASN A 2055 -25.18 8.47 -39.99
CA ASN A 2055 -25.76 8.56 -38.69
C ASN A 2055 -25.08 9.62 -37.88
N ALA A 2056 -23.78 9.72 -38.01
CA ALA A 2056 -23.10 10.71 -37.23
C ALA A 2056 -23.62 12.10 -37.54
N LEU A 2057 -23.95 12.33 -38.80
CA LEU A 2057 -24.46 13.61 -39.18
C LEU A 2057 -25.85 13.84 -38.68
N TRP A 2058 -26.71 12.83 -38.81
CA TRP A 2058 -28.11 12.93 -38.44
C TRP A 2058 -28.25 13.35 -37.02
N GLU A 2059 -27.37 12.85 -36.19
CA GLU A 2059 -27.39 13.14 -34.77
C GLU A 2059 -27.25 14.63 -34.45
N SER A 2060 -26.74 15.43 -35.38
CA SER A 2060 -26.60 16.84 -35.14
C SER A 2060 -27.62 17.66 -35.94
N ARG A 2061 -27.24 18.05 -37.16
CA ARG A 2061 -28.02 18.88 -38.05
C ARG A 2061 -27.92 18.43 -39.50
N GLU A 2062 -28.59 19.14 -40.40
CA GLU A 2062 -28.59 18.81 -41.81
C GLU A 2062 -29.15 17.46 -42.06
N TYR A 2063 -30.43 17.37 -41.83
CA TYR A 2063 -31.16 16.13 -41.93
C TYR A 2063 -31.24 15.72 -43.40
N LYS A 2064 -31.11 16.72 -44.25
CA LYS A 2064 -31.07 16.59 -45.68
C LYS A 2064 -29.89 15.74 -46.14
N ALA A 2065 -28.80 15.70 -45.37
CA ALA A 2065 -27.70 14.94 -45.88
C ALA A 2065 -27.91 13.46 -45.61
N PRO A 2066 -28.09 12.97 -44.37
CA PRO A 2066 -28.30 11.59 -44.09
C PRO A 2066 -29.36 11.01 -44.95
N VAL A 2067 -30.39 11.79 -45.25
CA VAL A 2067 -31.38 11.15 -46.06
C VAL A 2067 -30.88 10.91 -47.45
N MET A 2068 -30.08 11.81 -48.01
CA MET A 2068 -29.65 11.47 -49.32
C MET A 2068 -28.63 10.38 -49.29
N ILE A 2069 -27.86 10.34 -48.22
CA ILE A 2069 -26.82 9.35 -48.16
C ILE A 2069 -27.45 8.01 -48.11
N MET A 2070 -28.42 7.86 -47.24
CA MET A 2070 -29.09 6.61 -47.06
C MET A 2070 -29.90 6.24 -48.27
N ARG A 2071 -30.52 7.20 -48.95
CA ARG A 2071 -31.28 6.79 -50.10
C ARG A 2071 -30.39 6.24 -51.16
N ASP A 2072 -29.25 6.87 -51.36
CA ASP A 2072 -28.35 6.40 -52.38
C ASP A 2072 -27.68 5.12 -51.97
N LEU A 2073 -27.33 4.99 -50.70
CA LEU A 2073 -26.67 3.80 -50.24
C LEU A 2073 -27.61 2.63 -50.36
N LEU A 2074 -28.85 2.85 -49.99
CA LEU A 2074 -29.78 1.78 -50.10
C LEU A 2074 -29.92 1.39 -51.52
N ALA A 2075 -30.12 2.34 -52.41
CA ALA A 2075 -30.30 1.95 -53.78
C ALA A 2075 -29.11 1.17 -54.31
N GLN A 2076 -27.90 1.57 -53.91
CA GLN A 2076 -26.71 0.88 -54.35
C GLN A 2076 -26.61 -0.52 -53.79
N ASN A 2077 -27.06 -0.72 -52.56
CA ASN A 2077 -26.99 -2.03 -51.97
C ASN A 2077 -28.04 -2.91 -52.61
N GLU A 2078 -29.20 -2.34 -52.91
CA GLU A 2078 -30.26 -3.11 -53.56
C GLU A 2078 -29.70 -3.56 -54.90
N LYS A 2079 -28.97 -2.68 -55.57
CA LYS A 2079 -28.30 -3.02 -56.79
C LYS A 2079 -26.97 -3.65 -56.41
N ASN A 2080 -27.06 -4.78 -55.72
CA ASN A 2080 -25.85 -5.40 -55.22
C ASN A 2080 -24.95 -5.79 -56.35
N ILE A 2081 -25.56 -6.25 -57.44
CA ILE A 2081 -24.86 -6.75 -58.63
C ILE A 2081 -24.15 -8.03 -58.24
N SER A 2082 -23.09 -7.88 -57.47
CA SER A 2082 -22.36 -9.00 -56.92
C SER A 2082 -23.07 -9.39 -55.66
N GLU A 2083 -24.28 -9.91 -55.83
CA GLU A 2083 -25.14 -10.26 -54.72
C GLU A 2083 -24.44 -11.25 -53.83
N SER A 2084 -23.64 -12.12 -54.43
CA SER A 2084 -22.91 -13.09 -53.67
C SER A 2084 -21.63 -13.45 -54.40
N ILE A 2085 -20.63 -13.81 -53.63
CA ILE A 2085 -19.35 -14.27 -54.12
C ILE A 2085 -18.68 -15.07 -53.02
N LEU A 2086 -17.78 -15.98 -53.36
CA LEU A 2086 -17.01 -16.64 -52.30
C LEU A 2086 -16.22 -15.60 -51.55
N TYR A 2087 -15.76 -14.62 -52.30
CA TYR A 2087 -14.98 -13.50 -51.84
C TYR A 2087 -13.70 -13.99 -51.20
N ASP A 2088 -12.93 -13.06 -50.66
CA ASP A 2088 -11.70 -13.44 -50.01
C ASP A 2088 -12.02 -14.22 -48.79
N ASP A 2089 -11.16 -15.15 -48.41
CA ASP A 2089 -11.43 -15.86 -47.18
C ASP A 2089 -11.52 -14.87 -46.04
N PHE A 2090 -10.72 -13.79 -46.11
CA PHE A 2090 -10.76 -12.77 -45.09
C PHE A 2090 -12.12 -12.13 -45.03
N LYS A 2091 -12.78 -11.99 -46.18
CA LYS A 2091 -14.07 -11.37 -46.20
C LYS A 2091 -15.05 -12.25 -45.50
N LEU A 2092 -14.90 -13.54 -45.73
CA LEU A 2092 -15.77 -14.47 -45.08
C LEU A 2092 -15.55 -14.41 -43.59
N LEU A 2093 -14.29 -14.33 -43.19
CA LEU A 2093 -13.94 -14.31 -41.78
C LEU A 2093 -14.52 -13.12 -41.07
N ILE A 2094 -14.50 -11.99 -41.75
CA ILE A 2094 -15.01 -10.77 -41.20
C ILE A 2094 -16.46 -10.51 -41.56
N ASN A 2095 -17.13 -11.43 -42.24
CA ASN A 2095 -18.47 -11.09 -42.71
C ASN A 2095 -19.41 -10.73 -41.58
N VAL A 2096 -19.31 -11.42 -40.48
CA VAL A 2096 -20.21 -11.19 -39.38
C VAL A 2096 -19.76 -10.01 -38.55
N PRO A 2097 -18.62 -9.46 -38.86
CA PRO A 2097 -18.09 -8.36 -38.10
C PRO A 2097 -18.64 -7.04 -38.60
N MET A 2098 -19.34 -7.03 -39.74
CA MET A 2098 -19.84 -5.76 -40.25
C MET A 2098 -21.16 -5.90 -40.98
N ASP A 2099 -21.12 -6.52 -42.15
CA ASP A 2099 -22.30 -6.66 -42.99
C ASP A 2099 -23.00 -5.31 -43.14
N GLN A 2100 -24.33 -5.28 -42.98
CA GLN A 2100 -25.10 -4.05 -43.10
C GLN A 2100 -26.54 -4.26 -42.68
N ILE A 2101 -27.18 -5.27 -43.30
CA ILE A 2101 -28.59 -5.61 -43.17
C ILE A 2101 -29.47 -4.58 -43.84
N LYS A 2102 -29.87 -4.85 -45.10
CA LYS A 2102 -30.68 -3.86 -45.80
C LYS A 2102 -31.96 -3.59 -45.08
N ALA A 2103 -32.46 -4.55 -44.31
CA ALA A 2103 -33.67 -4.31 -43.59
C ALA A 2103 -33.47 -3.13 -42.65
N ARG A 2104 -32.26 -3.00 -42.12
CA ARG A 2104 -31.98 -1.95 -41.19
C ARG A 2104 -31.89 -0.66 -41.97
N LEU A 2105 -31.30 -0.72 -43.16
CA LEU A 2105 -31.20 0.50 -43.94
C LEU A 2105 -32.56 0.99 -44.29
N VAL A 2106 -33.48 0.10 -44.57
CA VAL A 2106 -34.78 0.57 -44.91
C VAL A 2106 -35.39 1.25 -43.71
N LYS A 2107 -35.25 0.67 -42.52
CA LYS A 2107 -35.82 1.33 -41.36
C LYS A 2107 -35.33 2.74 -41.25
N TRP A 2108 -34.05 2.94 -41.47
CA TRP A 2108 -33.50 4.25 -41.30
C TRP A 2108 -34.05 5.21 -42.32
N SER A 2109 -34.41 4.72 -43.51
CA SER A 2109 -35.01 5.58 -44.51
C SER A 2109 -36.41 5.96 -44.08
N SER A 2110 -37.13 5.00 -43.49
CA SER A 2110 -38.47 5.33 -43.06
C SER A 2110 -38.41 6.40 -42.00
N GLU A 2111 -37.45 6.32 -41.10
CA GLU A 2111 -37.38 7.35 -40.10
C GLU A 2111 -36.85 8.67 -40.64
N SER A 2112 -35.83 8.63 -41.51
CA SER A 2112 -35.22 9.85 -42.01
C SER A 2112 -36.17 10.65 -42.85
N ARG A 2113 -37.12 9.97 -43.46
CA ARG A 2113 -38.09 10.66 -44.27
C ARG A 2113 -39.27 11.18 -43.51
N LEU A 2114 -39.39 10.83 -42.24
CA LEU A 2114 -40.55 11.26 -41.51
C LEU A 2114 -40.20 12.28 -40.47
N GLU A 2115 -38.99 12.20 -39.94
CA GLU A 2115 -38.64 13.21 -38.96
C GLU A 2115 -38.92 14.59 -39.59
N PRO A 2116 -38.39 14.93 -40.80
CA PRO A 2116 -38.79 16.08 -41.58
C PRO A 2116 -40.11 15.67 -42.18
N ALA A 2117 -40.91 16.61 -42.61
CA ALA A 2117 -42.19 16.24 -43.21
C ALA A 2117 -42.12 15.84 -44.68
N ALA A 2118 -40.94 15.87 -45.28
CA ALA A 2118 -40.79 15.68 -46.71
C ALA A 2118 -40.92 14.26 -47.21
N ALA A 2119 -42.12 13.69 -47.02
CA ALA A 2119 -42.45 12.37 -47.48
C ALA A 2119 -43.87 12.05 -47.24
N ILE A 2120 -44.61 12.99 -46.68
CA ILE A 2120 -45.99 12.68 -46.30
C ILE A 2120 -46.06 11.25 -45.73
N TYR A 2121 -46.98 10.41 -46.19
CA TYR A 2121 -47.08 9.04 -45.68
C TYR A 2121 -46.66 8.04 -46.73
N GLU A 2122 -45.90 8.49 -47.74
CA GLU A 2122 -45.57 7.65 -48.90
C GLU A 2122 -44.82 6.43 -48.47
N LYS A 2123 -44.26 6.49 -47.30
CA LYS A 2123 -43.51 5.46 -46.67
C LYS A 2123 -44.23 4.13 -46.78
N ILE A 2124 -45.56 4.17 -46.73
CA ILE A 2124 -46.36 2.97 -46.75
C ILE A 2124 -46.08 2.10 -47.98
N ILE A 2125 -45.69 2.73 -49.09
CA ILE A 2125 -45.40 2.07 -50.35
C ILE A 2125 -44.19 1.15 -50.24
N VAL A 2126 -43.34 1.41 -49.25
CA VAL A 2126 -42.15 0.61 -48.99
C VAL A 2126 -42.40 -0.29 -47.83
N ASN A 2127 -43.02 0.27 -46.81
CA ASN A 2127 -43.24 -0.37 -45.55
C ASN A 2127 -43.78 -1.78 -45.66
N TRP A 2128 -44.80 -1.95 -46.46
CA TRP A 2128 -45.42 -3.26 -46.57
C TRP A 2128 -44.45 -4.36 -47.04
N ASP A 2129 -43.41 -3.99 -47.78
CA ASP A 2129 -42.45 -4.88 -48.43
C ASP A 2129 -41.39 -5.53 -47.54
N ILE A 2130 -41.15 -5.00 -46.35
CA ILE A 2130 -40.04 -5.58 -45.62
C ILE A 2130 -40.50 -6.76 -44.80
N ASN A 2131 -39.92 -7.91 -45.12
CA ASN A 2131 -40.25 -9.19 -44.53
C ASN A 2131 -39.15 -9.66 -43.61
N VAL A 2132 -38.36 -8.69 -43.19
CA VAL A 2132 -37.21 -8.79 -42.30
C VAL A 2132 -36.37 -10.07 -42.45
N GLU A 2133 -35.86 -10.55 -41.33
CA GLU A 2133 -34.97 -11.67 -41.25
C GLU A 2133 -35.28 -12.48 -40.00
N ASP A 2134 -34.32 -13.26 -39.54
CA ASP A 2134 -34.56 -14.06 -38.35
C ASP A 2134 -33.29 -14.28 -37.51
N HIS A 2135 -32.95 -13.28 -36.68
CA HIS A 2135 -31.84 -13.38 -35.74
C HIS A 2135 -31.90 -12.42 -34.54
N GLU A 2136 -31.40 -11.22 -34.73
CA GLU A 2136 -31.29 -10.17 -33.72
C GLU A 2136 -31.20 -8.84 -34.42
N SER A 2137 -31.58 -7.77 -33.71
CA SER A 2137 -31.55 -6.35 -34.13
C SER A 2137 -32.78 -6.02 -34.96
N CYS A 2138 -33.49 -7.05 -35.37
CA CYS A 2138 -34.72 -6.95 -36.12
C CYS A 2138 -35.77 -6.37 -35.23
N SER A 2139 -35.50 -6.44 -33.94
CA SER A 2139 -36.36 -5.90 -32.94
C SER A 2139 -36.31 -4.38 -32.97
N ASP A 2140 -35.21 -3.80 -33.46
CA ASP A 2140 -35.12 -2.36 -33.56
C ASP A 2140 -35.94 -1.97 -34.75
N VAL A 2141 -35.87 -2.84 -35.74
CA VAL A 2141 -36.58 -2.58 -36.96
C VAL A 2141 -38.07 -2.65 -36.69
N PHE A 2142 -38.51 -3.68 -35.98
CA PHE A 2142 -39.93 -3.77 -35.73
C PHE A 2142 -40.35 -2.64 -34.87
N TYR A 2143 -39.53 -2.28 -33.89
CA TYR A 2143 -39.89 -1.23 -33.00
C TYR A 2143 -40.12 0.08 -33.70
N THR A 2144 -39.21 0.46 -34.58
CA THR A 2144 -39.42 1.72 -35.25
C THR A 2144 -40.63 1.66 -36.15
N LEU A 2145 -40.84 0.54 -36.85
CA LEU A 2145 -41.96 0.50 -37.76
C LEU A 2145 -43.24 0.66 -36.96
N GLY A 2146 -43.31 0.03 -35.80
CA GLY A 2146 -44.47 0.14 -34.96
C GLY A 2146 -44.69 1.57 -34.47
N SER A 2147 -43.61 2.31 -34.20
CA SER A 2147 -43.80 3.65 -33.69
C SER A 2147 -44.36 4.56 -34.74
N PHE A 2148 -43.88 4.38 -35.96
CA PHE A 2148 -44.33 5.17 -37.11
C PHE A 2148 -45.79 4.88 -37.48
N LEU A 2149 -46.26 3.64 -37.28
CA LEU A 2149 -47.61 3.30 -37.59
C LEU A 2149 -48.53 3.89 -36.55
N ASP A 2150 -48.10 3.93 -35.28
CA ASP A 2150 -48.92 4.57 -34.27
C ASP A 2150 -49.07 6.05 -34.52
N GLU A 2151 -48.00 6.74 -34.91
CA GLU A 2151 -48.19 8.14 -35.12
C GLU A 2151 -49.16 8.39 -36.23
N GLN A 2152 -49.07 7.60 -37.28
CA GLN A 2152 -49.95 7.84 -38.38
C GLN A 2152 -51.38 7.53 -38.02
N ALA A 2153 -51.57 6.48 -37.24
CA ALA A 2153 -52.91 6.08 -36.86
C ALA A 2153 -53.58 7.15 -36.03
N GLN A 2154 -52.83 7.80 -35.12
CA GLN A 2154 -53.50 8.79 -34.30
C GLN A 2154 -53.70 10.09 -35.02
N LYS A 2155 -52.79 10.44 -35.92
CA LYS A 2155 -52.95 11.67 -36.65
C LYS A 2155 -54.21 11.58 -37.49
N LEU A 2156 -54.45 10.40 -38.07
CA LEU A 2156 -55.63 10.20 -38.85
C LEU A 2156 -56.87 10.12 -37.99
N ARG A 2157 -56.82 9.40 -36.89
CA ARG A 2157 -57.97 9.25 -36.03
C ARG A 2157 -58.57 10.58 -35.61
N SER A 2158 -57.72 11.53 -35.27
CA SER A 2158 -58.14 12.84 -34.80
C SER A 2158 -58.30 13.87 -35.92
N ASN A 2159 -58.09 13.45 -37.16
CA ASN A 2159 -58.14 14.33 -38.30
C ASN A 2159 -59.53 14.85 -38.57
N GLY A 2160 -59.55 16.05 -39.14
CA GLY A 2160 -60.79 16.67 -39.58
C GLY A 2160 -61.48 15.78 -40.60
N GLU A 2161 -60.71 15.01 -41.36
CA GLU A 2161 -61.27 14.13 -42.35
C GLU A 2161 -62.27 13.16 -41.74
N ILE A 2162 -62.03 12.71 -40.51
CA ILE A 2162 -62.94 11.80 -39.87
C ILE A 2162 -64.10 12.61 -39.30
N GLU A 2163 -63.80 13.80 -38.79
CA GLU A 2163 -64.80 14.68 -38.20
C GLU A 2163 -65.86 15.07 -39.23
N ASP A 2164 -65.39 15.17 -40.47
CA ASP A 2164 -66.10 15.58 -41.66
C ASP A 2164 -67.28 14.68 -41.95
N ARG A 2165 -67.31 13.49 -41.36
CA ARG A 2165 -68.42 12.59 -41.58
C ARG A 2165 -69.71 13.29 -41.19
N GLU A 2166 -69.65 14.15 -40.16
CA GLU A 2166 -70.81 14.87 -39.70
C GLU A 2166 -71.36 15.79 -40.79
N HIS A 2167 -70.48 16.37 -41.62
CA HIS A 2167 -70.93 17.28 -42.65
C HIS A 2167 -71.60 16.51 -43.72
N ARG A 2168 -71.06 15.33 -44.03
CA ARG A 2168 -71.66 14.52 -45.05
C ARG A 2168 -73.04 14.10 -44.61
N SER A 2169 -73.18 13.79 -43.32
CA SER A 2169 -74.46 13.39 -42.79
C SER A 2169 -75.46 14.54 -42.85
N TYR A 2170 -74.99 15.76 -42.54
CA TYR A 2170 -75.87 16.91 -42.59
C TYR A 2170 -76.36 17.15 -44.01
N THR A 2171 -75.45 16.98 -44.97
CA THR A 2171 -75.82 17.15 -46.36
C THR A 2171 -76.82 16.10 -46.77
N GLY A 2172 -76.63 14.87 -46.31
CA GLY A 2172 -77.55 13.82 -46.69
C GLY A 2172 -78.94 14.13 -46.20
N LYS A 2173 -79.04 14.63 -44.97
CA LYS A 2173 -80.33 14.93 -44.41
C LYS A 2173 -81.03 16.11 -45.07
N SER A 2174 -80.28 17.16 -45.40
CA SER A 2174 -80.88 18.36 -45.97
C SER A 2174 -81.05 18.31 -47.49
N THR A 2175 -80.04 17.87 -48.22
CA THR A 2175 -80.13 17.90 -49.67
C THR A 2175 -81.24 16.98 -50.14
N LEU A 2176 -81.39 15.85 -49.44
CA LEU A 2176 -82.38 14.83 -49.72
C LEU A 2176 -83.79 15.35 -49.59
N LYS A 2177 -83.94 16.47 -48.92
CA LYS A 2177 -85.22 17.08 -48.74
C LYS A 2177 -85.36 18.27 -49.70
N ALA A 2178 -84.60 19.34 -49.45
CA ALA A 2178 -84.76 20.58 -50.22
C ALA A 2178 -84.37 20.48 -51.69
N LEU A 2179 -83.28 19.78 -51.98
CA LEU A 2179 -82.87 19.74 -53.35
C LEU A 2179 -83.72 18.72 -54.03
N GLU A 2180 -84.03 17.65 -53.30
CA GLU A 2180 -84.89 16.59 -53.82
C GLU A 2180 -86.26 17.13 -54.17
N LEU A 2181 -86.77 18.05 -53.35
CA LEU A 2181 -88.06 18.66 -53.62
C LEU A 2181 -88.00 19.39 -54.94
N ILE A 2182 -86.84 19.99 -55.22
CA ILE A 2182 -86.58 20.69 -56.47
C ILE A 2182 -87.67 21.69 -56.74
N TYR A 2183 -88.06 22.43 -55.70
CA TYR A 2183 -89.08 23.44 -55.82
C TYR A 2183 -88.65 24.52 -56.80
N LYS A 2184 -87.34 24.79 -56.82
CA LYS A 2184 -86.78 25.77 -57.70
C LYS A 2184 -85.38 25.31 -58.08
N ALA A 2196 -84.43 22.48 -59.41
CA ALA A 2196 -84.00 21.77 -60.60
C ALA A 2196 -83.51 20.38 -60.26
N LYS A 2197 -84.11 19.36 -60.88
CA LYS A 2197 -83.68 18.00 -60.64
C LYS A 2197 -82.25 17.85 -61.13
N ARG A 2198 -81.89 18.61 -62.16
CA ARG A 2198 -80.53 18.59 -62.67
C ARG A 2198 -79.52 18.91 -61.57
N HIS A 2199 -79.86 19.85 -60.68
CA HIS A 2199 -78.97 20.19 -59.60
C HIS A 2199 -79.04 19.10 -58.54
N TYR A 2200 -80.22 18.53 -58.31
CA TYR A 2200 -80.36 17.47 -57.32
C TYR A 2200 -79.56 16.25 -57.71
N ASN A 2201 -79.44 15.98 -58.99
CA ASN A 2201 -78.68 14.82 -59.44
C ASN A 2201 -77.21 14.86 -58.96
N ARG A 2202 -76.70 16.06 -58.69
CA ARG A 2202 -75.34 16.23 -58.25
C ARG A 2202 -75.21 15.80 -56.81
N VAL A 2203 -76.32 15.82 -56.08
CA VAL A 2203 -76.31 15.49 -54.67
C VAL A 2203 -75.98 14.04 -54.52
N LEU A 2204 -76.61 13.20 -55.32
CA LEU A 2204 -76.36 11.78 -55.21
C LEU A 2204 -74.94 11.48 -55.60
N LEU A 2205 -74.48 12.06 -56.68
CA LEU A 2205 -73.15 11.73 -57.10
C LEU A 2205 -72.10 12.18 -56.09
N GLN A 2206 -72.27 13.39 -55.54
CA GLN A 2206 -71.27 13.84 -54.62
C GLN A 2206 -71.41 13.16 -53.29
N TYR A 2207 -72.63 12.81 -52.91
CA TYR A 2207 -72.81 12.14 -51.66
C TYR A 2207 -72.17 10.78 -51.72
N ASN A 2208 -72.37 10.07 -52.83
CA ASN A 2208 -71.76 8.77 -52.91
C ASN A 2208 -70.24 8.90 -52.84
N ARG A 2209 -69.67 9.96 -53.45
CA ARG A 2209 -68.22 10.13 -53.35
C ARG A 2209 -67.83 10.40 -51.89
N ASP A 2210 -68.62 11.20 -51.15
CA ASP A 2210 -68.28 11.47 -49.75
C ASP A 2210 -68.30 10.21 -48.92
N SER A 2211 -69.27 9.35 -49.16
CA SER A 2211 -69.39 8.13 -48.40
C SER A 2211 -68.23 7.20 -48.67
N GLU A 2212 -67.81 7.12 -49.93
CA GLU A 2212 -66.70 6.25 -50.29
C GLU A 2212 -65.43 6.74 -49.63
N VAL A 2213 -65.23 8.05 -49.59
CA VAL A 2213 -64.05 8.59 -48.97
C VAL A 2213 -64.02 8.32 -47.48
N LEU A 2214 -65.15 8.50 -46.80
CA LEU A 2214 -65.17 8.27 -45.37
C LEU A 2214 -64.89 6.80 -45.11
N LYS A 2215 -65.45 5.91 -45.92
CA LYS A 2215 -65.19 4.51 -45.75
C LYS A 2215 -63.70 4.24 -45.87
N ALA A 2216 -63.09 4.82 -46.91
CA ALA A 2216 -61.69 4.62 -47.19
C ALA A 2216 -60.77 5.13 -46.08
N LEU A 2217 -61.10 6.25 -45.44
CA LEU A 2217 -60.16 6.70 -44.43
C LEU A 2217 -60.27 5.79 -43.22
N LEU A 2218 -61.46 5.25 -42.97
CA LEU A 2218 -61.62 4.36 -41.85
C LEU A 2218 -60.83 3.09 -42.09
N LEU A 2219 -60.81 2.63 -43.34
CA LEU A 2219 -60.04 1.45 -43.64
C LEU A 2219 -58.55 1.69 -43.42
N GLN A 2220 -58.06 2.86 -43.83
CA GLN A 2220 -56.64 3.11 -43.61
C GLN A 2220 -56.35 3.12 -42.14
N LYS A 2221 -57.23 3.71 -41.35
CA LYS A 2221 -56.99 3.74 -39.93
C LYS A 2221 -56.75 2.34 -39.43
N GLU A 2222 -57.62 1.42 -39.83
CA GLU A 2222 -57.48 0.06 -39.38
C GLU A 2222 -56.23 -0.61 -39.88
N LYS A 2223 -55.79 -0.32 -41.10
CA LYS A 2223 -54.57 -0.94 -41.55
C LYS A 2223 -53.37 -0.43 -40.79
N PHE A 2224 -53.33 0.86 -40.48
CA PHE A 2224 -52.18 1.35 -39.77
C PHE A 2224 -52.14 0.71 -38.40
N LEU A 2225 -53.32 0.58 -37.80
CA LEU A 2225 -53.43 0.00 -36.49
C LEU A 2225 -53.01 -1.44 -36.47
N TRP A 2226 -53.52 -2.23 -37.41
CA TRP A 2226 -53.17 -3.62 -37.39
C TRP A 2226 -51.70 -3.83 -37.51
N HIS A 2227 -51.08 -3.12 -38.41
CA HIS A 2227 -49.69 -3.38 -38.56
C HIS A 2227 -48.94 -2.87 -37.36
N ALA A 2228 -49.37 -1.77 -36.74
CA ALA A 2228 -48.63 -1.34 -35.58
C ALA A 2228 -48.65 -2.44 -34.53
N LEU A 2229 -49.81 -3.07 -34.35
CA LEU A 2229 -49.91 -4.12 -33.35
C LEU A 2229 -49.06 -5.30 -33.71
N HIS A 2230 -49.04 -5.64 -34.98
CA HIS A 2230 -48.25 -6.76 -35.42
C HIS A 2230 -46.78 -6.50 -35.09
N PHE A 2231 -46.29 -5.32 -35.39
CA PHE A 2231 -44.90 -5.05 -35.13
C PHE A 2231 -44.56 -4.96 -33.66
N TYR A 2232 -45.45 -4.45 -32.83
CA TYR A 2232 -45.07 -4.41 -31.44
C TYR A 2232 -45.07 -5.80 -30.88
N LEU A 2233 -45.99 -6.61 -31.38
CA LEU A 2233 -46.10 -7.96 -30.92
C LEU A 2233 -44.84 -8.72 -31.26
N ASN A 2234 -44.33 -8.54 -32.47
CA ASN A 2234 -43.12 -9.25 -32.85
C ASN A 2234 -41.93 -8.78 -32.02
N THR A 2235 -41.91 -7.52 -31.68
CA THR A 2235 -40.78 -6.97 -30.97
C THR A 2235 -40.65 -7.65 -29.63
N LEU A 2236 -41.80 -7.86 -28.99
CA LEU A 2236 -41.87 -8.47 -27.68
C LEU A 2236 -41.52 -9.96 -27.69
N VAL A 2237 -41.41 -10.55 -28.86
CA VAL A 2237 -41.06 -11.95 -28.95
C VAL A 2237 -39.57 -12.11 -28.91
N PHE A 2238 -38.85 -11.22 -29.60
CA PHE A 2238 -37.42 -11.42 -29.70
C PHE A 2238 -36.49 -10.61 -28.81
N SER A 2239 -36.96 -9.55 -28.16
CA SER A 2239 -35.99 -8.81 -27.35
C SER A 2239 -36.55 -8.21 -26.09
N ASN A 2240 -35.64 -7.91 -25.16
CA ASN A 2240 -35.98 -7.31 -23.89
C ASN A 2240 -35.17 -6.06 -23.60
N ARG A 2241 -34.83 -5.28 -24.62
CA ARG A 2241 -34.03 -4.09 -24.37
C ARG A 2241 -34.82 -2.85 -23.98
N TYR A 2242 -36.04 -2.76 -24.49
CA TYR A 2242 -36.91 -1.61 -24.26
C TYR A 2242 -38.35 -2.04 -24.32
N ASP A 2243 -38.56 -3.23 -23.84
CA ASP A 2243 -39.87 -3.84 -23.79
C ASP A 2243 -40.64 -3.22 -22.66
N ASN A 2244 -39.90 -2.56 -21.81
CA ASN A 2244 -40.43 -1.86 -20.67
C ASN A 2244 -41.31 -0.73 -21.15
N ASP A 2245 -41.05 -0.23 -22.37
CA ASP A 2245 -41.85 0.85 -22.89
C ASP A 2245 -42.93 0.29 -23.82
N ILE A 2246 -42.56 -0.75 -24.55
CA ILE A 2246 -43.43 -1.34 -25.56
C ILE A 2246 -44.68 -1.89 -24.97
N ILE A 2247 -44.55 -2.56 -23.86
CA ILE A 2247 -45.74 -3.16 -23.32
C ILE A 2247 -46.82 -2.16 -22.95
N ASP A 2248 -46.49 -0.90 -22.69
CA ASP A 2248 -47.57 -0.02 -22.34
C ASP A 2248 -48.22 0.41 -23.62
N LYS A 2249 -47.39 0.62 -24.63
CA LYS A 2249 -47.86 1.08 -25.91
C LYS A 2249 -48.78 0.03 -26.54
N PHE A 2250 -48.40 -1.23 -26.39
CA PHE A 2250 -49.16 -2.33 -26.96
C PHE A 2250 -50.52 -2.40 -26.31
N CYS A 2251 -50.53 -2.33 -24.98
CA CYS A 2251 -51.77 -2.41 -24.26
C CYS A 2251 -52.71 -1.33 -24.70
N GLY A 2252 -52.17 -0.14 -24.84
CA GLY A 2252 -52.96 0.99 -25.25
C GLY A 2252 -53.65 0.75 -26.55
N LEU A 2253 -52.91 0.39 -27.56
CA LEU A 2253 -53.51 0.20 -28.85
C LEU A 2253 -54.52 -0.89 -28.86
N TRP A 2254 -54.28 -1.93 -28.10
CA TRP A 2254 -55.24 -2.98 -28.07
C TRP A 2254 -56.52 -2.55 -27.37
N PHE A 2255 -56.42 -1.99 -26.16
CA PHE A 2255 -57.61 -1.63 -25.41
C PHE A 2255 -58.32 -0.43 -26.00
N GLU A 2256 -57.59 0.39 -26.75
CA GLU A 2256 -58.14 1.52 -27.47
C GLU A 2256 -59.16 1.12 -28.50
N ASN A 2257 -59.04 -0.08 -29.04
CA ASN A 2257 -59.85 -0.49 -30.13
C ASN A 2257 -60.46 -1.85 -29.88
N ASP A 2258 -61.26 -1.93 -28.84
CA ASP A 2258 -61.90 -3.17 -28.46
C ASP A 2258 -63.19 -3.31 -29.23
N ASP A 2259 -63.09 -3.39 -30.55
CA ASP A 2259 -64.28 -3.39 -31.34
C ASP A 2259 -64.47 -4.54 -32.31
N ASN A 2260 -63.83 -4.52 -33.45
CA ASN A 2260 -64.13 -5.54 -34.43
C ASN A 2260 -63.16 -6.68 -34.54
N SER A 2261 -63.56 -7.63 -35.39
CA SER A 2261 -62.84 -8.86 -35.68
C SER A 2261 -61.58 -8.60 -36.44
N LYS A 2262 -61.56 -7.49 -37.14
CA LYS A 2262 -60.44 -7.10 -37.96
C LYS A 2262 -59.20 -6.98 -37.13
N ILE A 2263 -59.33 -6.57 -35.87
CA ILE A 2263 -58.15 -6.51 -35.06
C ILE A 2263 -58.12 -7.68 -34.12
N ASN A 2264 -59.23 -7.95 -33.47
CA ASN A 2264 -59.19 -8.94 -32.44
C ASN A 2264 -59.08 -10.37 -32.89
N GLN A 2265 -59.58 -10.75 -34.07
CA GLN A 2265 -59.39 -12.15 -34.38
C GLN A 2265 -57.95 -12.38 -34.69
N LEU A 2266 -57.32 -11.40 -35.32
CA LEU A 2266 -55.95 -11.58 -35.67
C LEU A 2266 -55.13 -11.65 -34.41
N LEU A 2267 -55.46 -10.81 -33.42
CA LEU A 2267 -54.69 -10.92 -32.22
C LEU A 2267 -54.98 -12.23 -31.54
N TYR A 2268 -56.20 -12.71 -31.55
CA TYR A 2268 -56.44 -13.98 -30.90
C TYR A 2268 -55.53 -15.03 -31.46
N LYS A 2269 -55.45 -15.05 -32.76
CA LYS A 2269 -54.65 -16.01 -33.45
C LYS A 2269 -53.14 -15.80 -33.21
N GLU A 2270 -52.66 -14.55 -33.16
CA GLU A 2270 -51.22 -14.32 -32.98
C GLU A 2270 -50.69 -14.05 -31.56
N ILE A 2271 -51.50 -13.48 -30.69
CA ILE A 2271 -51.13 -13.01 -29.35
C ILE A 2271 -50.65 -14.11 -28.45
N GLY A 2272 -51.02 -15.33 -28.78
CA GLY A 2272 -50.64 -16.51 -28.02
C GLY A 2272 -49.16 -16.82 -28.22
N THR A 2273 -48.53 -16.08 -29.12
CA THR A 2273 -47.12 -16.24 -29.43
C THR A 2273 -46.27 -15.56 -28.39
N ILE A 2274 -46.84 -14.67 -27.58
CA ILE A 2274 -45.95 -13.97 -26.67
C ILE A 2274 -45.35 -15.01 -25.76
N PRO A 2275 -44.01 -15.19 -25.76
CA PRO A 2275 -43.27 -16.19 -25.01
C PRO A 2275 -43.13 -15.89 -23.56
N SER A 2276 -43.48 -14.69 -23.19
CA SER A 2276 -43.32 -14.22 -21.85
C SER A 2276 -44.63 -14.28 -21.12
N TRP A 2277 -44.53 -14.00 -19.85
CA TRP A 2277 -45.62 -13.95 -18.96
C TRP A 2277 -45.47 -12.67 -18.20
N LYS A 2278 -45.54 -11.58 -18.92
CA LYS A 2278 -45.43 -10.28 -18.32
C LYS A 2278 -46.80 -9.72 -18.16
N PHE A 2279 -47.06 -8.51 -18.67
CA PHE A 2279 -48.38 -7.88 -18.54
C PHE A 2279 -48.71 -7.49 -17.07
N LEU A 2280 -47.91 -7.98 -16.16
CA LEU A 2280 -48.06 -7.90 -14.75
C LEU A 2280 -48.19 -6.52 -14.24
N PRO A 2281 -47.51 -5.53 -14.80
CA PRO A 2281 -47.62 -4.21 -14.28
C PRO A 2281 -49.06 -3.73 -14.26
N TRP A 2282 -49.95 -4.32 -15.09
CA TRP A 2282 -51.34 -3.92 -15.09
C TRP A 2282 -52.23 -5.12 -15.12
N VAL A 2283 -51.83 -6.21 -14.48
CA VAL A 2283 -52.70 -7.37 -14.50
C VAL A 2283 -54.04 -7.06 -13.90
N ASN A 2284 -54.09 -6.15 -12.95
CA ASN A 2284 -55.34 -5.81 -12.33
C ASN A 2284 -56.31 -5.26 -13.34
N GLN A 2285 -55.79 -4.55 -14.33
CA GLN A 2285 -56.61 -3.94 -15.34
C GLN A 2285 -56.96 -4.92 -16.45
N ILE A 2286 -56.45 -6.12 -16.37
CA ILE A 2286 -56.76 -7.11 -17.36
C ILE A 2286 -57.83 -7.94 -16.77
N ALA A 2287 -57.59 -8.37 -15.56
CA ALA A 2287 -58.51 -9.24 -14.89
C ALA A 2287 -59.87 -8.57 -14.70
N SER A 2288 -59.88 -7.28 -14.41
CA SER A 2288 -61.10 -6.57 -14.13
C SER A 2288 -61.98 -6.39 -15.36
N LYS A 2289 -61.41 -6.60 -16.55
CA LYS A 2289 -62.14 -6.41 -17.78
C LYS A 2289 -62.77 -7.69 -18.25
N ILE A 2290 -62.53 -8.74 -17.51
CA ILE A 2290 -63.09 -9.98 -17.91
C ILE A 2290 -64.53 -10.06 -17.54
N SER A 2291 -65.32 -10.39 -18.51
CA SER A 2291 -66.75 -10.52 -18.41
C SER A 2291 -67.24 -11.63 -19.30
N MET A 2292 -68.55 -11.66 -19.49
CA MET A 2292 -69.16 -12.69 -20.29
C MET A 2292 -69.83 -12.15 -21.53
N GLU A 2293 -69.18 -12.39 -22.65
CA GLU A 2293 -69.66 -11.94 -23.95
C GLU A 2293 -69.12 -12.88 -25.02
N GLU A 2294 -69.83 -12.95 -26.12
CA GLU A 2294 -69.50 -13.76 -27.30
C GLU A 2294 -68.45 -13.18 -28.22
N ASN A 2295 -68.07 -11.97 -27.91
CA ASN A 2295 -67.20 -11.14 -28.70
C ASN A 2295 -65.73 -11.44 -28.66
N GLU A 2296 -65.09 -11.00 -29.70
CA GLU A 2296 -63.67 -11.04 -29.77
C GLU A 2296 -63.24 -10.02 -28.75
N PHE A 2297 -61.95 -9.84 -28.60
CA PHE A 2297 -61.37 -9.01 -27.54
C PHE A 2297 -61.49 -9.73 -26.21
N GLN A 2298 -62.71 -10.05 -25.81
CA GLN A 2298 -62.92 -10.77 -24.58
C GLN A 2298 -62.29 -12.14 -24.68
N LYS A 2299 -62.33 -12.75 -25.85
CA LYS A 2299 -61.72 -14.06 -25.98
C LYS A 2299 -60.20 -14.07 -25.69
N PRO A 2300 -59.35 -13.25 -26.34
CA PRO A 2300 -57.94 -13.19 -26.05
C PRO A 2300 -57.66 -12.57 -24.69
N LEU A 2301 -58.60 -11.80 -24.17
CA LEU A 2301 -58.40 -11.23 -22.87
C LEU A 2301 -58.40 -12.38 -21.87
N GLN A 2302 -59.41 -13.24 -21.99
CA GLN A 2302 -59.55 -14.39 -21.12
C GLN A 2302 -58.43 -15.38 -21.33
N LEU A 2303 -58.00 -15.53 -22.56
CA LEU A 2303 -56.94 -16.46 -22.87
C LEU A 2303 -55.65 -16.05 -22.20
N THR A 2304 -55.34 -14.75 -22.26
CA THR A 2304 -54.13 -14.25 -21.66
C THR A 2304 -54.20 -14.48 -20.17
N MET A 2305 -55.36 -14.24 -19.58
CA MET A 2305 -55.50 -14.41 -18.15
C MET A 2305 -55.17 -15.83 -17.76
N LYS A 2306 -55.70 -16.81 -18.50
CA LYS A 2306 -55.44 -18.19 -18.17
C LYS A 2306 -53.97 -18.49 -18.29
N ARG A 2307 -53.33 -17.94 -19.32
CA ARG A 2307 -51.92 -18.17 -19.51
C ARG A 2307 -51.15 -17.80 -18.27
N LEU A 2308 -51.46 -16.66 -17.69
CA LEU A 2308 -50.74 -16.20 -16.52
C LEU A 2308 -51.14 -16.91 -15.26
N LEU A 2309 -52.42 -17.23 -15.10
CA LEU A 2309 -52.82 -17.90 -13.89
C LEU A 2309 -52.20 -19.28 -13.81
N TYR A 2310 -52.11 -19.94 -14.94
CA TYR A 2310 -51.58 -21.26 -14.99
C TYR A 2310 -50.10 -21.29 -14.64
N LYS A 2311 -49.32 -20.35 -15.20
CA LYS A 2311 -47.89 -20.37 -14.95
C LYS A 2311 -47.35 -19.58 -13.76
N LEU A 2312 -47.98 -18.49 -13.33
CA LEU A 2312 -47.37 -17.72 -12.24
C LEU A 2312 -48.37 -17.50 -11.12
N PRO A 2313 -48.91 -18.57 -10.55
CA PRO A 2313 -50.04 -18.57 -9.64
C PRO A 2313 -50.18 -17.33 -8.77
N TYR A 2314 -49.33 -17.30 -7.74
CA TYR A 2314 -49.28 -16.27 -6.70
C TYR A 2314 -49.15 -14.83 -7.14
N ASP A 2315 -48.73 -14.59 -8.36
CA ASP A 2315 -48.56 -13.22 -8.76
C ASP A 2315 -49.85 -12.69 -9.36
N SER A 2316 -50.79 -13.59 -9.65
CA SER A 2316 -52.08 -13.22 -10.19
C SER A 2316 -53.19 -13.50 -9.17
N LEU A 2317 -53.01 -14.57 -8.40
CA LEU A 2317 -54.04 -15.03 -7.49
C LEU A 2317 -54.40 -14.05 -6.43
N TYR A 2318 -53.52 -13.15 -6.02
CA TYR A 2318 -53.98 -12.28 -4.97
C TYR A 2318 -55.02 -11.33 -5.46
N SER A 2319 -54.97 -10.95 -6.74
CA SER A 2319 -55.95 -10.00 -7.23
C SER A 2319 -57.24 -10.72 -7.49
N VAL A 2320 -57.13 -12.00 -7.82
CA VAL A 2320 -58.32 -12.78 -8.03
C VAL A 2320 -59.02 -13.03 -6.71
N MET A 2321 -58.26 -13.41 -5.69
CA MET A 2321 -58.92 -13.68 -4.45
C MET A 2321 -59.49 -12.39 -3.90
N SER A 2322 -58.81 -11.28 -4.14
CA SER A 2322 -59.29 -10.02 -3.65
C SER A 2322 -60.61 -9.67 -4.28
N ILE A 2323 -60.73 -9.83 -5.59
CA ILE A 2323 -62.00 -9.50 -6.16
C ILE A 2323 -63.06 -10.44 -5.66
N LEU A 2324 -62.75 -11.72 -5.47
CA LEU A 2324 -63.79 -12.61 -5.00
C LEU A 2324 -64.29 -12.18 -3.62
N LEU A 2325 -63.39 -11.75 -2.74
CA LEU A 2325 -63.82 -11.30 -1.44
C LEU A 2325 -64.71 -10.08 -1.57
N TYR A 2326 -64.34 -9.19 -2.49
CA TYR A 2326 -65.07 -7.96 -2.73
C TYR A 2326 -66.46 -8.26 -3.22
N GLU A 2327 -66.53 -9.17 -4.17
CA GLU A 2327 -67.73 -9.55 -4.85
C GLU A 2327 -68.80 -10.14 -3.97
N LYS A 2328 -68.37 -10.90 -2.98
CA LYS A 2328 -69.32 -11.55 -2.10
C LYS A 2328 -70.05 -10.57 -1.20
N GLN A 2329 -69.55 -9.34 -1.07
CA GLN A 2329 -70.21 -8.37 -0.23
C GLN A 2329 -70.89 -7.35 -1.08
N SER A 2330 -71.97 -6.76 -0.58
CA SER A 2330 -72.63 -5.70 -1.33
C SER A 2330 -72.83 -6.12 -2.78
N ASN A 2331 -73.37 -7.32 -2.98
CA ASN A 2331 -73.57 -7.84 -4.32
C ASN A 2331 -74.86 -7.25 -4.88
N LYS A 2332 -74.75 -5.97 -5.23
CA LYS A 2332 -75.86 -5.17 -5.72
C LYS A 2332 -75.70 -4.78 -7.18
N ASP A 2333 -74.46 -4.49 -7.58
CA ASP A 2333 -74.21 -4.03 -8.94
C ASP A 2333 -74.49 -5.12 -9.93
N THR A 2334 -75.05 -4.76 -11.08
CA THR A 2334 -75.27 -5.78 -12.09
C THR A 2334 -73.94 -6.23 -12.66
N ASN A 2335 -73.02 -5.29 -12.71
CA ASN A 2335 -71.73 -5.60 -13.25
C ASN A 2335 -70.94 -6.49 -12.32
N ILE A 2336 -71.12 -6.34 -11.00
CA ILE A 2336 -70.32 -7.17 -10.14
C ILE A 2336 -70.84 -8.58 -10.26
N SER A 2337 -72.16 -8.75 -10.41
CA SER A 2337 -72.71 -10.09 -10.56
C SER A 2337 -72.14 -10.79 -11.77
N GLN A 2338 -72.03 -10.05 -12.88
CA GLN A 2338 -71.46 -10.61 -14.09
C GLN A 2338 -69.99 -10.95 -13.88
N LYS A 2339 -69.29 -10.08 -13.16
CA LYS A 2339 -67.88 -10.27 -12.92
C LYS A 2339 -67.69 -11.52 -12.09
N ILE A 2340 -68.59 -11.76 -11.13
CA ILE A 2340 -68.45 -12.93 -10.30
C ILE A 2340 -68.52 -14.16 -11.13
N GLN A 2341 -69.50 -14.23 -12.00
CA GLN A 2341 -69.58 -15.45 -12.76
C GLN A 2341 -68.41 -15.58 -13.71
N ALA A 2342 -67.95 -14.49 -14.30
CA ALA A 2342 -66.86 -14.62 -15.23
C ALA A 2342 -65.59 -15.11 -14.53
N VAL A 2343 -65.33 -14.59 -13.33
CA VAL A 2343 -64.12 -14.97 -12.64
C VAL A 2343 -64.25 -16.35 -12.10
N LYS A 2344 -65.39 -16.65 -11.49
CA LYS A 2344 -65.60 -17.93 -10.92
C LYS A 2344 -65.46 -19.00 -12.00
N LYS A 2345 -66.05 -18.76 -13.18
CA LYS A 2345 -65.97 -19.72 -14.25
C LYS A 2345 -64.53 -20.00 -14.62
N ILE A 2346 -63.72 -18.96 -14.76
CA ILE A 2346 -62.34 -19.20 -15.14
C ILE A 2346 -61.59 -19.97 -14.08
N LEU A 2347 -61.79 -19.61 -12.82
CA LEU A 2347 -61.08 -20.26 -11.76
C LEU A 2347 -61.43 -21.76 -11.71
N LEU A 2348 -62.70 -22.11 -11.93
CA LEU A 2348 -63.08 -23.52 -11.95
C LEU A 2348 -62.41 -24.24 -13.12
N GLU A 2349 -62.35 -23.57 -14.26
CA GLU A 2349 -61.75 -24.13 -15.45
C GLU A 2349 -60.27 -24.32 -15.26
N LEU A 2350 -59.64 -23.43 -14.48
CA LEU A 2350 -58.23 -23.49 -14.19
C LEU A 2350 -57.89 -24.75 -13.41
N GLN A 2351 -58.70 -25.13 -12.43
CA GLN A 2351 -58.37 -26.36 -11.71
C GLN A 2351 -58.52 -27.54 -12.66
N GLY A 2352 -59.43 -27.42 -13.61
CA GLY A 2352 -59.53 -28.44 -14.63
C GLY A 2352 -58.21 -28.50 -15.40
N TYR A 2353 -57.78 -27.33 -15.91
CA TYR A 2353 -56.55 -27.17 -16.71
C TYR A 2353 -55.32 -27.64 -15.97
N ASP A 2354 -55.33 -27.48 -14.65
CA ASP A 2354 -54.22 -27.85 -13.82
C ASP A 2354 -53.76 -29.30 -13.99
N ARG A 2355 -54.71 -30.21 -14.25
CA ARG A 2355 -54.49 -31.65 -14.47
C ARG A 2355 -55.60 -32.38 -13.77
N GLY A 2356 -55.56 -32.29 -12.47
CA GLY A 2356 -56.52 -32.85 -11.58
C GLY A 2356 -56.58 -31.92 -10.41
N ALA A 2357 -56.88 -30.65 -10.68
CA ALA A 2357 -56.87 -29.61 -9.67
C ALA A 2357 -55.51 -29.59 -8.98
N PHE A 2358 -54.46 -29.72 -9.77
CA PHE A 2358 -53.09 -29.69 -9.26
C PHE A 2358 -52.82 -28.34 -8.63
N ALA A 2359 -53.45 -27.33 -9.19
CA ALA A 2359 -53.31 -25.95 -8.82
C ALA A 2359 -54.05 -25.65 -7.56
N LYS A 2360 -54.75 -26.66 -7.02
CA LYS A 2360 -55.43 -26.54 -5.76
C LYS A 2360 -54.37 -26.25 -4.72
N LYS A 2361 -53.14 -26.70 -5.01
CA LYS A 2361 -51.98 -26.52 -4.17
C LYS A 2361 -51.74 -25.05 -3.90
N TYR A 2362 -52.18 -24.19 -4.81
CA TYR A 2362 -52.00 -22.78 -4.64
C TYR A 2362 -53.31 -22.11 -4.31
N LEU A 2363 -54.38 -22.51 -5.01
CA LEU A 2363 -55.66 -21.86 -4.86
C LEU A 2363 -56.35 -22.12 -3.54
N LEU A 2364 -56.26 -23.32 -3.00
CA LEU A 2364 -56.96 -23.57 -1.76
C LEU A 2364 -56.32 -22.76 -0.69
N PRO A 2365 -55.00 -22.70 -0.75
CA PRO A 2365 -54.23 -21.99 0.21
C PRO A 2365 -54.42 -20.51 0.05
N VAL A 2366 -54.46 -20.04 -1.20
CA VAL A 2366 -54.63 -18.64 -1.44
C VAL A 2366 -55.98 -18.21 -0.97
N GLN A 2367 -56.98 -19.05 -1.20
CA GLN A 2367 -58.31 -18.70 -0.77
C GLN A 2367 -58.36 -18.66 0.72
N GLU A 2368 -57.70 -19.62 1.37
CA GLU A 2368 -57.69 -19.66 2.80
C GLU A 2368 -56.98 -18.47 3.37
N PHE A 2369 -55.88 -18.07 2.75
CA PHE A 2369 -55.11 -16.96 3.24
C PHE A 2369 -55.88 -15.69 3.09
N CYS A 2370 -56.56 -15.55 1.96
CA CYS A 2370 -57.31 -14.36 1.72
C CYS A 2370 -58.47 -14.28 2.68
N GLU A 2371 -59.12 -15.42 2.92
CA GLU A 2371 -60.23 -15.43 3.83
C GLU A 2371 -59.77 -15.13 5.24
N MET A 2372 -58.62 -15.68 5.61
CA MET A 2372 -58.11 -15.46 6.94
C MET A 2372 -57.77 -14.00 7.13
N SER A 2373 -57.19 -13.39 6.09
CA SER A 2373 -56.84 -12.00 6.18
C SER A 2373 -58.08 -11.17 6.32
N VAL A 2374 -59.12 -11.54 5.58
CA VAL A 2374 -60.35 -10.80 5.65
C VAL A 2374 -60.91 -10.91 7.05
N GLU A 2375 -60.79 -12.09 7.65
CA GLU A 2375 -61.28 -12.27 9.00
C GLU A 2375 -60.51 -11.39 9.95
N LEU A 2376 -59.20 -11.28 9.76
CA LEU A 2376 -58.41 -10.45 10.65
C LEU A 2376 -58.83 -9.02 10.57
N ALA A 2377 -59.15 -8.55 9.38
CA ALA A 2377 -59.59 -7.19 9.28
C ALA A 2377 -60.92 -7.03 9.98
N ASN A 2378 -61.83 -7.96 9.77
CA ASN A 2378 -63.14 -7.88 10.39
C ASN A 2378 -63.03 -7.92 11.90
N LEU A 2379 -62.09 -8.69 12.40
CA LEU A 2379 -61.84 -8.88 13.81
C LEU A 2379 -60.98 -7.79 14.41
N LYS A 2380 -60.54 -6.84 13.59
CA LYS A 2380 -59.70 -5.76 14.07
C LYS A 2380 -60.47 -4.97 15.09
N PHE A 2381 -61.79 -4.88 14.92
CA PHE A 2381 -62.62 -4.13 15.83
C PHE A 2381 -62.94 -4.98 17.07
N VAL A 2382 -61.90 -5.22 17.86
CA VAL A 2382 -61.94 -6.03 19.08
C VAL A 2382 -62.38 -5.22 20.28
N GLN A 2383 -62.50 -3.92 20.05
CA GLN A 2383 -62.85 -2.92 21.04
C GLN A 2383 -61.85 -2.94 22.19
N ASN A 2384 -62.34 -2.80 23.43
CA ASN A 2384 -61.53 -2.68 24.65
C ASN A 2384 -60.80 -1.35 24.65
N THR A 2385 -60.23 -0.98 25.80
CA THR A 2385 -59.46 0.26 25.92
C THR A 2385 -57.98 0.01 25.62
N LYS A 2386 -57.69 -1.25 25.39
CA LYS A 2386 -56.37 -1.79 25.15
C LYS A 2386 -55.87 -1.47 23.76
N THR A 2387 -54.57 -1.58 23.60
CA THR A 2387 -53.91 -1.43 22.32
C THR A 2387 -52.91 -2.55 22.24
N LEU A 2388 -53.44 -3.77 22.29
CA LEU A 2388 -52.62 -4.97 22.31
C LEU A 2388 -53.40 -6.16 21.78
N ARG A 2389 -54.20 -6.80 22.63
CA ARG A 2389 -54.94 -7.98 22.18
C ARG A 2389 -54.00 -9.02 21.58
N LEU A 2390 -53.06 -9.49 22.40
CA LEU A 2390 -52.07 -10.45 21.94
C LEU A 2390 -52.47 -11.89 22.30
N ALA A 2391 -51.77 -12.50 23.27
CA ALA A 2391 -51.94 -13.91 23.61
C ALA A 2391 -51.72 -14.76 22.37
N ASN A 2392 -50.67 -14.39 21.64
CA ASN A 2392 -50.29 -15.02 20.40
C ASN A 2392 -51.50 -14.99 19.49
N LEU A 2393 -51.88 -16.12 18.90
CA LEU A 2393 -53.06 -16.08 18.05
C LEU A 2393 -54.32 -16.16 18.89
N LYS A 2394 -54.22 -16.86 20.03
CA LYS A 2394 -55.29 -17.11 20.99
C LYS A 2394 -56.44 -17.93 20.40
N ILE A 2395 -57.20 -17.28 19.51
CA ILE A 2395 -58.35 -17.87 18.84
C ILE A 2395 -58.14 -17.85 17.35
N GLY A 2396 -57.08 -17.19 16.93
CA GLY A 2396 -56.75 -17.07 15.54
C GLY A 2396 -56.36 -18.43 15.05
N GLN A 2397 -56.61 -18.69 13.79
CA GLN A 2397 -56.27 -19.97 13.22
C GLN A 2397 -55.05 -19.87 12.36
N TYR A 2398 -54.42 -18.69 12.37
CA TYR A 2398 -53.20 -18.48 11.60
C TYR A 2398 -52.13 -19.40 12.18
N TRP A 2399 -52.27 -19.71 13.46
CA TRP A 2399 -51.35 -20.59 14.09
C TRP A 2399 -51.26 -21.88 13.29
N LEU A 2400 -52.39 -22.38 12.80
CA LEU A 2400 -52.39 -23.59 12.01
C LEU A 2400 -51.97 -23.28 10.60
N LYS A 2401 -52.41 -22.13 10.11
CA LYS A 2401 -52.19 -21.77 8.73
C LYS A 2401 -50.72 -21.60 8.43
N GLN A 2402 -49.95 -21.06 9.38
CA GLN A 2402 -48.52 -20.87 9.17
C GLN A 2402 -47.83 -22.22 9.05
N LEU A 2403 -48.44 -23.29 9.53
CA LEU A 2403 -47.79 -24.57 9.51
C LEU A 2403 -48.27 -25.34 8.30
N ASN A 2404 -49.54 -25.15 7.98
CA ASN A 2404 -50.14 -25.86 6.86
C ASN A 2404 -49.45 -25.35 5.62
N MET A 2405 -49.16 -24.06 5.62
CA MET A 2405 -48.45 -23.42 4.55
C MET A 2405 -46.97 -23.58 4.78
N GLU A 2406 -46.52 -24.83 4.69
CA GLU A 2406 -45.14 -25.23 4.92
C GLU A 2406 -44.24 -24.69 3.82
N LYS A 2407 -44.87 -24.28 2.73
CA LYS A 2407 -44.27 -23.70 1.55
C LYS A 2407 -45.19 -22.54 1.15
N LEU A 2408 -45.18 -21.51 1.98
CA LEU A 2408 -46.07 -20.35 1.90
C LEU A 2408 -45.71 -19.37 0.78
N PRO A 2409 -46.63 -19.03 -0.12
CA PRO A 2409 -46.35 -18.06 -1.13
C PRO A 2409 -46.07 -16.74 -0.47
N LEU A 2410 -45.24 -15.94 -1.09
CA LEU A 2410 -44.88 -14.62 -0.63
C LEU A 2410 -45.99 -13.59 -0.69
N PRO A 2411 -46.30 -12.88 0.40
CA PRO A 2411 -47.23 -11.80 0.39
C PRO A 2411 -46.75 -10.67 -0.53
N THR A 2412 -45.67 -10.00 -0.11
CA THR A 2412 -45.17 -8.87 -0.87
C THR A 2412 -43.69 -8.87 -1.19
N SER A 2413 -42.92 -8.23 -0.32
CA SER A 2413 -41.49 -8.05 -0.50
C SER A 2413 -41.14 -7.55 -1.89
N ASN A 2414 -40.13 -8.17 -2.49
CA ASN A 2414 -39.67 -7.85 -3.83
C ASN A 2414 -39.29 -9.13 -4.57
N PHE A 2415 -40.08 -9.51 -5.54
CA PHE A 2415 -39.89 -10.76 -6.28
C PHE A 2415 -40.32 -10.65 -7.72
N THR A 2416 -39.53 -11.21 -8.62
CA THR A 2416 -39.87 -11.20 -10.03
C THR A 2416 -39.32 -12.37 -10.80
N VAL A 2417 -39.90 -12.61 -11.95
CA VAL A 2417 -39.43 -13.65 -12.85
C VAL A 2417 -38.83 -13.05 -14.09
N LYS A 2418 -38.78 -11.72 -14.10
CA LYS A 2418 -38.23 -10.90 -15.17
C LYS A 2418 -39.10 -10.89 -16.43
N SER A 2419 -39.37 -12.05 -16.97
CA SER A 2419 -40.16 -12.22 -18.17
C SER A 2419 -40.96 -13.48 -18.08
N SER A 2420 -40.21 -14.55 -17.91
CA SER A 2420 -40.70 -15.90 -17.85
C SER A 2420 -40.07 -16.60 -16.68
N ALA A 2421 -38.82 -16.96 -16.87
CA ALA A 2421 -38.04 -17.65 -15.87
C ALA A 2421 -38.85 -18.74 -15.25
N ASP A 2422 -38.93 -18.74 -13.92
CA ASP A 2422 -39.66 -19.74 -13.21
C ASP A 2422 -40.28 -19.15 -11.98
N GLY A 2423 -41.60 -19.04 -11.98
CA GLY A 2423 -42.33 -18.44 -10.87
C GLY A 2423 -42.72 -19.48 -9.84
N ARG A 2424 -42.25 -20.71 -9.98
CA ARG A 2424 -42.65 -21.76 -9.05
C ARG A 2424 -41.84 -21.75 -7.75
N LYS A 2425 -40.74 -20.99 -7.67
CA LYS A 2425 -39.92 -20.95 -6.46
C LYS A 2425 -39.76 -19.55 -5.87
N ALA A 2426 -39.76 -19.44 -4.53
CA ALA A 2426 -39.54 -18.17 -3.85
C ALA A 2426 -38.95 -18.40 -2.46
N ARG A 2427 -38.23 -17.40 -1.94
CA ARG A 2427 -37.63 -17.50 -0.60
C ARG A 2427 -38.67 -17.70 0.48
N PRO A 2428 -39.83 -17.10 0.27
CA PRO A 2428 -40.97 -17.09 1.19
C PRO A 2428 -41.51 -18.45 1.47
N TYR A 2429 -41.17 -19.45 0.68
CA TYR A 2429 -41.73 -20.72 1.00
C TYR A 2429 -41.39 -21.06 2.44
N ILE A 2430 -40.19 -20.67 2.90
CA ILE A 2430 -39.78 -20.94 4.26
C ILE A 2430 -40.27 -19.85 5.19
N VAL A 2431 -41.57 -19.58 5.14
CA VAL A 2431 -42.24 -18.54 5.92
C VAL A 2431 -43.31 -19.15 6.77
N SER A 2432 -43.10 -20.41 7.12
CA SER A 2432 -44.03 -21.14 7.96
C SER A 2432 -43.80 -20.77 9.42
N VAL A 2433 -44.09 -19.52 9.73
CA VAL A 2433 -43.88 -18.93 11.04
C VAL A 2433 -44.85 -17.77 11.21
N ASN A 2434 -45.17 -17.39 12.43
CA ASN A 2434 -46.08 -16.25 12.56
C ASN A 2434 -45.67 -15.17 13.55
N GLU A 2435 -44.94 -15.52 14.61
CA GLU A 2435 -44.64 -14.51 15.65
C GLU A 2435 -45.92 -13.83 16.06
N THR A 2436 -46.96 -14.60 16.34
CA THR A 2436 -48.20 -13.96 16.69
C THR A 2436 -47.95 -13.11 17.91
N VAL A 2437 -48.47 -11.90 17.87
CA VAL A 2437 -48.24 -10.94 18.92
C VAL A 2437 -49.29 -9.86 18.92
N GLY A 2438 -49.10 -8.88 19.79
CA GLY A 2438 -50.01 -7.74 19.97
C GLY A 2438 -50.22 -6.92 18.72
N ILE A 2439 -51.46 -6.51 18.55
CA ILE A 2439 -51.93 -5.71 17.47
C ILE A 2439 -51.49 -4.28 17.56
N THR A 2440 -51.26 -3.67 16.41
CA THR A 2440 -51.01 -2.26 16.38
C THR A 2440 -52.34 -1.51 16.50
N THR A 2441 -52.31 -0.39 17.17
CA THR A 2441 -53.46 0.48 17.26
C THR A 2441 -52.93 1.84 17.61
N THR A 2442 -53.60 2.92 17.23
CA THR A 2442 -53.11 4.24 17.60
C THR A 2442 -54.09 5.35 17.28
N GLY A 2443 -54.55 5.39 16.04
CA GLY A 2443 -55.40 6.48 15.59
C GLY A 2443 -56.72 5.97 15.06
N LEU A 2444 -56.97 6.15 13.76
CA LEU A 2444 -58.22 5.66 13.24
C LEU A 2444 -58.26 4.15 13.35
N SER A 2445 -59.44 3.64 13.67
CA SER A 2445 -59.72 2.20 13.74
C SER A 2445 -58.72 1.42 14.61
N LEU A 2446 -58.21 0.34 14.06
CA LEU A 2446 -57.29 -0.57 14.72
C LEU A 2446 -56.56 -1.31 13.64
N PRO A 2447 -55.43 -1.92 13.94
CA PRO A 2447 -54.71 -2.66 12.93
C PRO A 2447 -54.19 -3.98 13.46
N LYS A 2448 -53.62 -4.77 12.57
CA LYS A 2448 -53.05 -6.07 12.87
C LYS A 2448 -51.69 -5.98 13.54
N ILE A 2449 -51.26 -7.10 14.10
CA ILE A 2449 -49.92 -7.22 14.63
C ILE A 2449 -48.97 -7.35 13.47
N VAL A 2450 -47.73 -6.88 13.64
CA VAL A 2450 -46.73 -7.05 12.57
C VAL A 2450 -46.53 -8.51 12.28
N THR A 2451 -46.49 -9.31 13.33
CA THR A 2451 -46.39 -10.74 13.19
C THR A 2451 -45.36 -11.13 12.13
N PHE A 2452 -45.81 -11.95 11.18
CA PHE A 2452 -45.07 -12.43 10.02
C PHE A 2452 -43.98 -13.43 10.32
N ASN A 2453 -43.06 -13.09 11.22
CA ASN A 2453 -41.91 -13.93 11.58
C ASN A 2453 -41.02 -14.23 10.36
N ILE A 2454 -41.09 -13.38 9.38
CA ILE A 2454 -40.34 -13.39 8.16
C ILE A 2454 -40.35 -14.72 7.41
N SER A 2455 -39.16 -15.19 7.00
CA SER A 2455 -39.04 -16.42 6.24
C SER A 2455 -37.63 -16.93 6.31
N ASP A 2456 -36.99 -17.03 5.13
CA ASP A 2456 -35.56 -17.28 5.07
C ASP A 2456 -34.89 -16.04 5.68
N GLY A 2457 -35.54 -14.92 5.39
CA GLY A 2457 -35.22 -13.57 5.83
C GLY A 2457 -35.64 -13.37 7.27
N THR A 2458 -35.15 -12.32 7.92
CA THR A 2458 -35.55 -12.03 9.30
C THR A 2458 -36.33 -10.72 9.40
N THR A 2459 -37.01 -10.33 8.32
CA THR A 2459 -37.77 -9.08 8.29
C THR A 2459 -39.28 -9.29 8.12
N GLN A 2460 -39.87 -8.74 7.04
CA GLN A 2460 -41.32 -8.72 6.88
C GLN A 2460 -41.90 -7.91 8.02
N LYS A 2461 -42.66 -8.53 8.92
CA LYS A 2461 -43.26 -7.83 10.07
C LYS A 2461 -44.11 -6.68 9.64
N ALA A 2462 -44.91 -6.91 8.62
CA ALA A 2462 -45.80 -5.90 8.11
C ALA A 2462 -47.24 -6.22 8.41
N LEU A 2463 -47.90 -5.32 9.11
CA LEU A 2463 -49.29 -5.50 9.51
C LEU A 2463 -50.33 -4.93 8.55
N MET A 2464 -51.52 -5.53 8.58
CA MET A 2464 -52.71 -5.07 7.88
C MET A 2464 -53.49 -4.06 8.65
N LYS A 2465 -54.16 -3.16 7.96
CA LYS A 2465 -55.12 -2.30 8.61
C LYS A 2465 -56.36 -2.15 7.75
N GLY A 2466 -57.26 -3.11 7.81
CA GLY A 2466 -58.43 -3.05 6.94
C GLY A 2466 -59.47 -2.12 7.50
N SER A 2467 -60.27 -1.57 6.61
CA SER A 2467 -61.37 -0.68 6.99
C SER A 2467 -62.36 -0.73 5.86
N ASN A 2468 -62.07 0.12 4.89
CA ASN A 2468 -62.70 0.32 3.60
C ASN A 2468 -61.94 1.43 2.87
N ASP A 2469 -62.29 2.67 3.14
CA ASP A 2469 -61.66 3.85 2.58
C ASP A 2469 -61.51 3.77 1.06
N ASP A 2470 -60.29 3.97 0.55
CA ASP A 2470 -60.03 4.00 -0.89
C ASP A 2470 -59.77 2.66 -1.58
N LEU A 2471 -59.17 1.71 -0.89
CA LEU A 2471 -58.92 0.41 -1.49
C LEU A 2471 -58.17 0.53 -2.82
N ARG A 2472 -58.84 0.12 -3.91
CA ARG A 2472 -58.33 0.09 -5.26
C ARG A 2472 -57.86 1.48 -5.70
N GLN A 2473 -58.51 2.51 -5.17
CA GLN A 2473 -58.19 3.88 -5.53
C GLN A 2473 -56.79 4.24 -5.05
N ASP A 2474 -56.28 3.59 -4.00
CA ASP A 2474 -54.94 3.95 -3.60
C ASP A 2474 -53.97 3.06 -4.32
N ALA A 2475 -54.38 1.81 -4.51
CA ALA A 2475 -53.50 0.84 -5.10
C ALA A 2475 -53.10 1.25 -6.49
N ILE A 2476 -54.05 1.82 -7.20
CA ILE A 2476 -53.76 2.26 -8.54
C ILE A 2476 -52.75 3.38 -8.54
N MET A 2477 -52.77 4.27 -7.56
CA MET A 2477 -51.80 5.33 -7.60
C MET A 2477 -50.43 4.83 -7.31
N GLU A 2478 -50.36 3.78 -6.52
CA GLU A 2478 -49.07 3.23 -6.23
C GLU A 2478 -48.52 2.61 -7.49
N GLN A 2479 -49.41 1.96 -8.24
CA GLN A 2479 -49.05 1.33 -9.48
C GLN A 2479 -48.47 2.38 -10.42
N VAL A 2480 -49.07 3.56 -10.42
CA VAL A 2480 -48.56 4.64 -11.22
C VAL A 2480 -47.18 5.05 -10.77
N PHE A 2481 -46.97 5.18 -9.47
CA PHE A 2481 -45.66 5.59 -9.03
C PHE A 2481 -44.59 4.63 -9.45
N GLN A 2482 -44.87 3.36 -9.44
CA GLN A 2482 -43.84 2.43 -9.86
C GLN A 2482 -43.50 2.65 -11.31
N GLN A 2483 -44.51 2.95 -12.09
CA GLN A 2483 -44.28 3.19 -13.49
C GLN A 2483 -43.59 4.52 -13.71
N VAL A 2484 -43.77 5.45 -12.79
CA VAL A 2484 -43.01 6.67 -12.89
C VAL A 2484 -41.57 6.41 -12.55
N ASN A 2485 -41.33 5.65 -11.49
CA ASN A 2485 -39.97 5.39 -11.11
C ASN A 2485 -39.23 4.73 -12.25
N LYS A 2486 -39.94 3.91 -13.00
CA LYS A 2486 -39.41 3.20 -14.16
C LYS A 2486 -38.78 4.14 -15.17
N VAL A 2487 -39.27 5.37 -15.27
CA VAL A 2487 -38.77 6.27 -16.28
C VAL A 2487 -37.93 7.37 -15.66
N LEU A 2488 -37.59 7.23 -14.38
CA LEU A 2488 -36.66 8.16 -13.77
C LEU A 2488 -35.32 7.48 -13.85
N GLN A 2489 -35.37 6.28 -14.41
CA GLN A 2489 -34.26 5.42 -14.64
C GLN A 2489 -33.96 5.36 -16.10
N ASN A 2490 -32.90 4.66 -16.42
CA ASN A 2490 -32.43 4.46 -17.78
C ASN A 2490 -32.07 5.76 -18.47
N ASP A 2491 -31.55 6.73 -17.73
CA ASP A 2491 -31.18 8.01 -18.30
C ASP A 2491 -29.74 8.40 -18.04
N LYS A 2492 -28.99 7.49 -17.46
CA LYS A 2492 -27.61 7.68 -17.03
C LYS A 2492 -27.48 8.66 -15.87
N VAL A 2493 -27.87 9.89 -16.07
CA VAL A 2493 -27.62 10.85 -15.04
C VAL A 2493 -28.40 10.70 -13.75
N LEU A 2494 -29.64 10.29 -13.73
CA LEU A 2494 -30.25 10.19 -12.43
C LEU A 2494 -29.91 8.84 -11.86
N ARG A 2495 -29.79 7.80 -12.69
CA ARG A 2495 -29.50 6.53 -12.05
C ARG A 2495 -28.13 6.57 -11.39
N ASN A 2496 -27.21 7.37 -11.94
CA ASN A 2496 -25.86 7.45 -11.39
C ASN A 2496 -25.79 8.27 -10.12
N LEU A 2497 -26.86 8.98 -9.79
CA LEU A 2497 -26.90 9.82 -8.63
C LEU A 2497 -27.78 9.22 -7.57
N ASP A 2498 -28.21 7.98 -7.81
CA ASP A 2498 -29.10 7.29 -6.91
C ASP A 2498 -30.35 8.10 -6.63
N LEU A 2499 -30.89 8.71 -7.66
CA LEU A 2499 -32.09 9.48 -7.45
C LEU A 2499 -33.28 8.70 -7.98
N GLY A 2500 -34.31 8.60 -7.18
CA GLY A 2500 -35.52 7.87 -7.55
C GLY A 2500 -36.51 7.94 -6.42
N ILE A 2501 -37.56 7.14 -6.50
CA ILE A 2501 -38.58 7.17 -5.45
C ILE A 2501 -38.87 5.78 -4.88
N ARG A 2502 -39.28 5.75 -3.61
CA ARG A 2502 -39.64 4.52 -2.91
C ARG A 2502 -41.09 4.13 -3.20
N THR A 2503 -41.35 2.85 -3.39
CA THR A 2503 -42.71 2.38 -3.64
C THR A 2503 -43.25 1.40 -2.58
N TYR A 2504 -44.31 0.68 -2.94
CA TYR A 2504 -44.96 -0.32 -2.07
C TYR A 2504 -45.07 -1.64 -2.87
N LYS A 2505 -46.32 -2.11 -3.04
CA LYS A 2505 -46.74 -3.30 -3.79
C LYS A 2505 -48.22 -3.24 -3.50
N VAL A 2506 -48.47 -3.33 -2.21
CA VAL A 2506 -49.76 -3.19 -1.53
C VAL A 2506 -51.04 -3.75 -2.13
N VAL A 2507 -51.11 -5.05 -2.38
CA VAL A 2507 -52.33 -5.56 -2.98
C VAL A 2507 -53.45 -5.65 -1.96
N PRO A 2508 -54.59 -4.99 -2.18
CA PRO A 2508 -55.74 -4.98 -1.32
C PRO A 2508 -56.48 -6.28 -1.43
N LEU A 2509 -57.12 -6.66 -0.35
CA LEU A 2509 -58.00 -7.81 -0.27
C LEU A 2509 -59.45 -7.49 0.04
N GLY A 2510 -60.26 -7.43 -0.98
CA GLY A 2510 -61.67 -7.21 -0.74
C GLY A 2510 -62.00 -5.78 -0.37
N PRO A 2511 -63.22 -5.56 0.17
CA PRO A 2511 -63.81 -4.27 0.50
C PRO A 2511 -63.18 -3.62 1.70
N LYS A 2512 -62.38 -4.37 2.45
CA LYS A 2512 -61.74 -3.81 3.61
C LYS A 2512 -60.26 -3.70 3.37
N ALA A 2513 -59.73 -4.64 2.59
CA ALA A 2513 -58.32 -4.72 2.29
C ALA A 2513 -57.50 -4.64 3.54
N GLY A 2514 -56.61 -3.67 3.61
CA GLY A 2514 -55.74 -3.52 4.74
C GLY A 2514 -54.28 -3.72 4.41
N ILE A 2515 -54.01 -4.30 3.24
CA ILE A 2515 -52.68 -4.57 2.67
C ILE A 2515 -51.65 -4.87 3.74
N ILE A 2516 -50.37 -4.66 3.43
CA ILE A 2516 -49.28 -4.72 4.40
C ILE A 2516 -48.20 -3.65 4.10
N GLU A 2517 -46.94 -4.08 4.07
CA GLU A 2517 -45.72 -3.32 3.81
C GLU A 2517 -45.38 -2.15 4.69
N PHE A 2518 -45.47 -2.39 5.98
CA PHE A 2518 -45.06 -1.45 6.96
C PHE A 2518 -43.57 -1.25 6.74
N VAL A 2519 -43.09 -0.03 6.76
CA VAL A 2519 -41.67 0.15 6.53
C VAL A 2519 -40.84 0.07 7.79
N ALA A 2520 -39.90 -0.85 7.75
CA ALA A 2520 -39.01 -1.08 8.85
C ALA A 2520 -38.11 0.09 9.06
N ASN A 2521 -37.71 0.30 10.30
CA ASN A 2521 -36.77 1.34 10.64
C ASN A 2521 -37.27 2.72 10.24
N SER A 2522 -38.57 2.96 10.47
CA SER A 2522 -39.20 4.24 10.19
C SER A 2522 -40.35 4.37 11.16
N THR A 2523 -40.83 5.58 11.41
CA THR A 2523 -41.99 5.77 12.28
C THR A 2523 -43.01 6.66 11.63
N SER A 2524 -42.88 7.95 11.88
CA SER A 2524 -43.69 8.99 11.26
C SER A 2524 -43.05 10.33 11.45
N LEU A 2525 -43.19 11.20 10.47
CA LEU A 2525 -42.64 12.52 10.69
C LEU A 2525 -43.36 13.20 11.84
N HIS A 2526 -44.64 12.93 12.00
CA HIS A 2526 -45.37 13.57 13.06
C HIS A 2526 -44.75 13.28 14.39
N GLN A 2527 -44.51 12.01 14.66
CA GLN A 2527 -44.00 11.64 15.95
C GLN A 2527 -42.63 12.22 16.19
N ILE A 2528 -41.82 12.28 15.15
CA ILE A 2528 -40.50 12.81 15.35
C ILE A 2528 -40.59 14.24 15.78
N LEU A 2529 -41.41 14.99 15.10
CA LEU A 2529 -41.54 16.39 15.43
C LEU A 2529 -42.18 16.58 16.79
N SER A 2530 -43.18 15.77 17.14
CA SER A 2530 -43.83 15.96 18.42
C SER A 2530 -42.82 15.80 19.53
N LYS A 2531 -41.88 14.87 19.38
CA LYS A 2531 -40.87 14.72 20.39
C LYS A 2531 -39.89 15.90 20.38
N LEU A 2532 -39.47 16.34 19.21
CA LEU A 2532 -38.49 17.43 19.17
C LEU A 2532 -39.02 18.71 19.75
N HIS A 2533 -40.31 18.95 19.59
CA HIS A 2533 -40.91 20.20 20.02
C HIS A 2533 -41.69 20.02 21.30
N THR A 2534 -41.47 18.92 22.01
CA THR A 2534 -42.30 18.60 23.15
C THR A 2534 -42.36 19.62 24.26
N ASN A 2535 -41.30 20.36 24.50
CA ASN A 2535 -41.31 21.33 25.56
C ASN A 2535 -41.10 22.74 25.09
N ASP A 2536 -41.37 22.99 23.83
CA ASP A 2536 -41.14 24.32 23.31
C ASP A 2536 -42.46 25.00 22.88
N LYS A 2537 -42.84 26.08 23.58
CA LYS A 2537 -44.13 26.78 23.39
C LYS A 2537 -45.32 25.83 23.52
N ILE A 2538 -46.34 25.97 22.67
CA ILE A 2538 -47.54 25.15 22.79
C ILE A 2538 -47.91 24.50 21.47
N THR A 2539 -48.17 23.21 21.51
CA THR A 2539 -48.56 22.39 20.37
C THR A 2539 -49.99 22.60 19.93
N PHE A 2540 -50.92 22.19 20.78
CA PHE A 2540 -52.32 22.25 20.41
C PHE A 2540 -52.79 23.67 20.13
N ASP A 2541 -52.16 24.67 20.72
CA ASP A 2541 -52.59 26.02 20.48
C ASP A 2541 -52.41 26.39 19.02
N GLN A 2542 -51.42 25.81 18.35
CA GLN A 2542 -51.18 26.12 16.97
C GLN A 2542 -52.35 25.59 16.19
N ALA A 2543 -52.80 24.40 16.60
CA ALA A 2543 -53.94 23.78 15.98
C ALA A 2543 -55.18 24.63 16.18
N ARG A 2544 -55.28 25.25 17.36
CA ARG A 2544 -56.43 26.11 17.64
C ARG A 2544 -56.40 27.37 16.81
N LYS A 2545 -55.24 27.98 16.61
CA LYS A 2545 -55.23 29.21 15.84
C LYS A 2545 -55.59 28.94 14.39
N GLY A 2546 -55.17 27.78 13.89
CA GLY A 2546 -55.44 27.37 12.53
C GLY A 2546 -56.92 27.08 12.29
N MET A 2547 -57.68 26.96 13.39
CA MET A 2547 -59.10 26.70 13.43
C MET A 2547 -59.90 27.97 13.63
N LYS A 2548 -59.50 28.74 14.63
CA LYS A 2548 -60.21 29.94 15.01
C LYS A 2548 -60.26 30.95 13.89
N ALA A 2549 -59.19 31.02 13.12
CA ALA A 2549 -59.10 31.96 12.04
C ALA A 2549 -59.82 31.54 10.77
N VAL A 2550 -60.33 30.31 10.72
CA VAL A 2550 -60.86 29.81 9.46
C VAL A 2550 -61.99 30.63 8.91
N GLN A 2551 -62.87 31.10 9.75
CA GLN A 2551 -64.02 31.87 9.31
C GLN A 2551 -63.85 33.38 9.45
N THR A 2552 -62.64 33.85 9.69
CA THR A 2552 -62.48 35.27 9.82
C THR A 2552 -62.46 35.91 8.46
N LYS A 2553 -62.55 37.22 8.45
CA LYS A 2553 -62.58 38.00 7.23
C LYS A 2553 -61.35 37.92 6.35
N SER A 2554 -61.61 37.82 5.03
CA SER A 2554 -60.55 37.86 4.01
C SER A 2554 -59.38 36.96 4.30
N ASN A 2555 -58.21 37.56 4.19
CA ASN A 2555 -57.00 36.88 4.55
C ASN A 2555 -56.77 37.32 5.96
N GLU A 2556 -56.14 38.47 6.18
CA GLU A 2556 -55.98 39.08 7.52
C GLU A 2556 -55.22 38.31 8.59
N GLU A 2557 -55.63 37.06 8.81
CA GLU A 2557 -55.13 36.13 9.82
C GLU A 2557 -53.66 35.92 9.69
N ARG A 2558 -53.12 36.14 8.51
CA ARG A 2558 -51.73 35.93 8.38
C ARG A 2558 -50.96 36.96 9.14
N LEU A 2559 -51.49 38.16 9.23
CA LEU A 2559 -50.78 39.18 9.94
C LEU A 2559 -51.16 39.12 11.37
N LYS A 2560 -52.44 38.93 11.59
CA LYS A 2560 -52.96 38.93 12.92
C LYS A 2560 -52.42 37.79 13.76
N ALA A 2561 -52.19 36.63 13.15
CA ALA A 2561 -51.73 35.50 13.92
C ALA A 2561 -50.71 34.61 13.25
N TYR A 2562 -50.89 34.20 12.01
CA TYR A 2562 -49.97 33.19 11.48
C TYR A 2562 -48.54 33.60 11.62
N LEU A 2563 -48.26 34.83 11.23
CA LEU A 2563 -46.92 35.35 11.26
C LEU A 2563 -46.46 35.69 12.66
N LYS A 2564 -47.35 35.67 13.63
CA LYS A 2564 -47.02 35.91 15.01
C LYS A 2564 -46.65 34.59 15.61
N ILE A 2565 -47.43 33.58 15.26
CA ILE A 2565 -47.22 32.23 15.73
C ILE A 2565 -45.91 31.79 15.19
N THR A 2566 -45.63 32.15 13.95
CA THR A 2566 -44.39 31.86 13.26
C THR A 2566 -43.15 32.08 14.11
N ASN A 2567 -43.16 33.06 15.01
CA ASN A 2567 -41.99 33.35 15.81
C ASN A 2567 -41.64 32.17 16.71
N GLU A 2568 -42.66 31.39 17.01
CA GLU A 2568 -42.74 30.23 17.85
C GLU A 2568 -41.44 29.88 18.54
N ILE A 2569 -40.75 28.85 18.01
CA ILE A 2569 -39.50 28.36 18.55
C ILE A 2569 -38.42 28.18 17.50
N LYS A 2570 -38.77 28.49 16.27
CA LYS A 2570 -37.95 28.29 15.10
C LYS A 2570 -37.83 26.78 14.83
N PRO A 2571 -37.47 26.32 13.64
CA PRO A 2571 -37.36 24.92 13.28
C PRO A 2571 -36.37 24.13 14.12
N GLN A 2572 -36.69 22.86 14.34
CA GLN A 2572 -35.85 21.95 15.12
C GLN A 2572 -35.50 20.64 14.43
N LEU A 2573 -36.06 20.36 13.24
CA LEU A 2573 -35.86 19.05 12.61
C LEU A 2573 -34.41 18.64 12.44
N ARG A 2574 -33.50 19.56 12.20
CA ARG A 2574 -32.11 19.17 12.02
C ARG A 2574 -31.56 18.36 13.18
N ASN A 2575 -32.14 18.52 14.38
CA ASN A 2575 -31.66 17.83 15.54
C ASN A 2575 -31.93 16.35 15.40
N PHE A 2576 -32.92 15.98 14.61
CA PHE A 2576 -33.21 14.59 14.41
C PHE A 2576 -31.99 13.89 13.89
N PHE A 2577 -31.35 14.50 12.92
CA PHE A 2577 -30.23 13.86 12.33
C PHE A 2577 -29.01 14.01 13.20
N PHE A 2578 -28.83 15.15 13.82
CA PHE A 2578 -27.59 15.31 14.56
C PHE A 2578 -27.55 14.45 15.78
N ASP A 2579 -28.68 14.19 16.37
CA ASP A 2579 -28.72 13.38 17.56
C ASP A 2579 -28.86 11.90 17.22
N SER A 2580 -29.01 11.56 15.94
CA SER A 2580 -29.21 10.17 15.58
C SER A 2580 -28.03 9.56 14.88
N PHE A 2581 -27.23 10.36 14.18
CA PHE A 2581 -26.14 9.80 13.42
C PHE A 2581 -24.80 10.45 13.70
N PRO A 2582 -24.18 10.27 14.87
CA PRO A 2582 -22.92 10.92 15.27
C PRO A 2582 -21.71 10.23 14.67
N ASP A 2583 -21.78 10.00 13.38
CA ASP A 2583 -20.83 9.29 12.57
C ASP A 2583 -20.65 10.07 11.28
N PRO A 2584 -19.88 11.15 11.28
CA PRO A 2584 -19.83 12.18 10.25
C PRO A 2584 -19.85 11.70 8.83
N LEU A 2585 -19.22 10.59 8.50
CA LEU A 2585 -19.30 10.19 7.12
C LEU A 2585 -20.68 9.73 6.74
N ASP A 2586 -21.38 9.11 7.68
CA ASP A 2586 -22.66 8.55 7.38
C ASP A 2586 -23.69 9.63 7.48
N TRP A 2587 -23.44 10.55 8.38
CA TRP A 2587 -24.33 11.67 8.54
C TRP A 2587 -24.39 12.46 7.26
N PHE A 2588 -23.23 12.69 6.69
CA PHE A 2588 -23.12 13.44 5.49
C PHE A 2588 -23.84 12.74 4.36
N GLU A 2589 -23.64 11.43 4.22
CA GLU A 2589 -24.32 10.75 3.14
C GLU A 2589 -25.83 10.73 3.34
N ALA A 2590 -26.27 10.58 4.59
CA ALA A 2590 -27.70 10.59 4.86
C ALA A 2590 -28.28 11.94 4.48
N LYS A 2591 -27.55 13.01 4.72
CA LYS A 2591 -28.10 14.30 4.38
C LYS A 2591 -28.29 14.43 2.90
N LYS A 2592 -27.33 13.98 2.12
CA LYS A 2592 -27.51 14.07 0.69
C LYS A 2592 -28.70 13.25 0.26
N THR A 2593 -28.87 12.09 0.88
CA THR A 2593 -29.98 11.23 0.53
C THR A 2593 -31.28 11.91 0.82
N TYR A 2594 -31.36 12.51 1.99
CA TYR A 2594 -32.53 13.21 2.41
C TYR A 2594 -32.93 14.28 1.45
N THR A 2595 -31.98 15.13 1.07
CA THR A 2595 -32.33 16.21 0.19
C THR A 2595 -32.77 15.73 -1.17
N LYS A 2596 -32.06 14.77 -1.74
CA LYS A 2596 -32.42 14.32 -3.07
C LYS A 2596 -33.80 13.73 -3.07
N GLY A 2597 -34.12 13.05 -1.98
CA GLY A 2597 -35.40 12.41 -1.79
C GLY A 2597 -36.54 13.39 -1.64
N VAL A 2598 -36.24 14.66 -1.40
CA VAL A 2598 -37.31 15.60 -1.28
C VAL A 2598 -37.52 16.11 -2.68
N ALA A 2599 -36.44 16.40 -3.39
CA ALA A 2599 -36.61 16.95 -4.72
C ALA A 2599 -37.41 16.02 -5.61
N ALA A 2600 -37.16 14.73 -5.50
CA ALA A 2600 -37.87 13.76 -6.30
C ALA A 2600 -39.32 13.60 -5.86
N SER A 2601 -39.60 13.95 -4.62
CA SER A 2601 -40.92 13.81 -4.06
C SER A 2601 -41.76 14.92 -4.58
N SER A 2602 -41.20 16.11 -4.47
CA SER A 2602 -41.89 17.31 -4.87
C SER A 2602 -42.26 17.28 -6.31
N ILE A 2603 -41.31 16.96 -7.17
CA ILE A 2603 -41.63 16.99 -8.57
C ILE A 2603 -42.60 15.96 -8.98
N VAL A 2604 -42.43 14.73 -8.54
CA VAL A 2604 -43.37 13.76 -9.03
C VAL A 2604 -44.74 14.08 -8.50
N GLY A 2605 -44.84 14.46 -7.22
CA GLY A 2605 -46.15 14.76 -6.67
C GLY A 2605 -46.79 15.91 -7.42
N TYR A 2606 -45.99 16.90 -7.79
CA TYR A 2606 -46.50 18.04 -8.53
C TYR A 2606 -47.07 17.64 -9.87
N ILE A 2607 -46.34 16.83 -10.62
CA ILE A 2607 -46.82 16.44 -11.94
C ILE A 2607 -48.06 15.62 -11.80
N LEU A 2608 -48.09 14.73 -10.85
CA LEU A 2608 -49.29 13.97 -10.68
C LEU A 2608 -50.39 14.87 -10.19
N GLY A 2609 -50.06 15.86 -9.38
CA GLY A 2609 -51.07 16.74 -8.87
C GLY A 2609 -51.64 16.21 -7.57
N LEU A 2610 -50.79 15.54 -6.79
CA LEU A 2610 -51.17 14.94 -5.53
C LEU A 2610 -51.29 15.96 -4.43
N GLY A 2611 -52.16 15.68 -3.49
CA GLY A 2611 -52.39 16.55 -2.36
C GLY A 2611 -52.19 15.87 -1.03
N ASP A 2612 -53.05 16.23 -0.10
CA ASP A 2612 -53.10 15.79 1.28
C ASP A 2612 -51.74 15.76 1.98
N ARG A 2613 -51.16 14.61 2.19
CA ARG A 2613 -49.96 14.41 2.98
C ARG A 2613 -50.30 14.63 4.47
N HIS A 2614 -50.67 15.86 4.80
CA HIS A 2614 -51.13 16.23 6.13
C HIS A 2614 -50.20 15.76 7.20
N LEU A 2615 -48.90 15.82 6.95
CA LEU A 2615 -47.86 15.38 7.88
C LEU A 2615 -47.83 13.87 8.19
N ASN A 2616 -48.97 13.29 8.49
CA ASN A 2616 -49.09 11.90 8.84
C ASN A 2616 -48.78 10.96 7.70
N ASN A 2617 -48.91 11.39 6.44
CA ASN A 2617 -48.59 10.45 5.38
C ASN A 2617 -47.11 10.60 4.99
N ILE A 2618 -46.37 11.44 5.72
CA ILE A 2618 -44.97 11.64 5.44
C ILE A 2618 -44.16 10.81 6.39
N LEU A 2619 -43.37 9.92 5.84
CA LEU A 2619 -42.63 9.01 6.65
C LEU A 2619 -41.15 9.10 6.42
N LEU A 2620 -40.42 9.38 7.46
CA LEU A 2620 -38.98 9.50 7.30
C LEU A 2620 -38.24 8.28 7.79
N ASP A 2621 -37.52 7.62 6.90
CA ASP A 2621 -36.75 6.48 7.33
C ASP A 2621 -35.59 6.97 8.13
N CYS A 2622 -35.09 6.15 9.01
CA CYS A 2622 -33.87 6.51 9.71
C CYS A 2622 -32.79 5.85 8.90
N SER A 2623 -31.67 5.48 9.51
CA SER A 2623 -30.62 4.85 8.73
C SER A 2623 -30.12 5.75 7.61
N THR A 2624 -30.76 5.67 6.45
CA THR A 2624 -30.36 6.43 5.29
C THR A 2624 -31.01 7.79 5.25
N GLY A 2625 -32.12 7.98 5.96
CA GLY A 2625 -32.76 9.28 5.97
C GLY A 2625 -33.65 9.54 4.76
N GLU A 2626 -33.95 8.54 3.96
CA GLU A 2626 -34.78 8.80 2.81
C GLU A 2626 -36.24 9.01 3.20
N PRO A 2627 -36.85 10.16 2.88
CA PRO A 2627 -38.23 10.41 3.13
C PRO A 2627 -39.00 9.61 2.12
N ILE A 2628 -40.11 9.04 2.52
CA ILE A 2628 -40.97 8.33 1.62
C ILE A 2628 -42.42 8.72 1.88
N HIS A 2629 -43.29 8.44 0.94
CA HIS A 2629 -44.70 8.67 1.18
C HIS A 2629 -45.36 7.39 1.49
N ILE A 2630 -46.47 7.44 2.20
CA ILE A 2630 -47.27 6.25 2.37
C ILE A 2630 -48.45 6.52 1.51
N ASP A 2631 -49.43 5.64 1.48
CA ASP A 2631 -50.50 5.84 0.53
C ASP A 2631 -51.06 7.24 0.57
N LEU A 2632 -51.11 7.86 -0.62
CA LEU A 2632 -51.64 9.20 -0.78
C LEU A 2632 -52.92 9.06 -1.57
N GLY A 2633 -53.91 9.93 -1.34
CA GLY A 2633 -55.14 9.87 -2.11
C GLY A 2633 -55.15 10.97 -3.14
N ILE A 2634 -56.35 11.45 -3.47
CA ILE A 2634 -56.58 12.55 -4.41
C ILE A 2634 -56.27 12.31 -5.88
N ALA A 2635 -55.04 11.94 -6.18
CA ALA A 2635 -54.51 11.70 -7.52
C ALA A 2635 -54.34 13.01 -8.27
N PHE A 2636 -55.43 13.73 -8.50
CA PHE A 2636 -55.28 15.01 -9.18
C PHE A 2636 -56.11 16.09 -8.55
N ASP A 2637 -55.51 17.25 -8.36
CA ASP A 2637 -56.26 18.42 -7.94
C ASP A 2637 -57.16 18.12 -6.75
N GLN A 2638 -58.47 18.43 -6.83
CA GLN A 2638 -59.47 18.16 -5.76
C GLN A 2638 -59.27 18.92 -4.45
N GLY A 2639 -58.08 18.86 -3.89
CA GLY A 2639 -57.68 19.50 -2.65
C GLY A 2639 -57.62 21.00 -2.86
N LYS A 2640 -57.79 21.40 -4.09
CA LYS A 2640 -57.80 22.78 -4.51
C LYS A 2640 -59.19 23.37 -4.24
N LEU A 2641 -60.11 22.54 -3.77
CA LEU A 2641 -61.46 22.91 -3.42
C LEU A 2641 -61.50 22.93 -1.90
N LEU A 2642 -62.22 22.00 -1.27
CA LEU A 2642 -62.24 21.91 0.19
C LEU A 2642 -62.85 23.09 0.91
N PRO A 2643 -63.21 22.92 2.17
CA PRO A 2643 -63.59 23.99 3.05
C PRO A 2643 -62.28 24.58 3.49
N ILE A 2644 -61.64 25.30 2.56
CA ILE A 2644 -60.28 25.85 2.62
C ILE A 2644 -59.32 24.96 1.81
N PRO A 2645 -58.92 25.37 0.60
CA PRO A 2645 -58.09 24.66 -0.36
C PRO A 2645 -56.65 24.54 0.07
N GLU A 2646 -55.98 23.53 -0.47
CA GLU A 2646 -54.57 23.22 -0.30
C GLU A 2646 -53.68 23.95 -1.30
N LEU A 2647 -52.43 24.10 -0.91
CA LEU A 2647 -51.42 24.66 -1.78
C LEU A 2647 -50.80 23.53 -2.57
N VAL A 2648 -50.88 23.62 -3.87
CA VAL A 2648 -50.39 22.59 -4.77
C VAL A 2648 -48.88 22.33 -4.70
N PRO A 2649 -48.03 23.35 -4.62
CA PRO A 2649 -46.62 23.13 -4.52
C PRO A 2649 -46.29 22.30 -3.29
N PHE A 2650 -45.27 21.48 -3.42
CA PHE A 2650 -44.83 20.61 -2.36
C PHE A 2650 -44.55 21.34 -1.08
N ARG A 2651 -44.96 20.76 0.04
CA ARG A 2651 -44.79 21.42 1.31
C ARG A 2651 -43.36 21.55 1.78
N LEU A 2652 -42.70 22.55 1.25
CA LEU A 2652 -41.35 22.90 1.64
C LEU A 2652 -41.48 23.87 2.78
N THR A 2653 -41.92 23.35 3.90
CA THR A 2653 -42.12 24.22 5.02
C THR A 2653 -40.86 24.36 5.80
N ARG A 2654 -40.92 25.09 6.88
CA ARG A 2654 -39.71 25.44 7.57
C ARG A 2654 -38.94 24.27 8.16
N ASP A 2655 -39.60 23.25 8.67
CA ASP A 2655 -38.81 22.14 9.16
C ASP A 2655 -38.32 21.25 8.06
N ILE A 2656 -39.07 21.08 7.00
CA ILE A 2656 -38.56 20.17 6.00
C ILE A 2656 -37.24 20.67 5.48
N VAL A 2657 -37.15 21.96 5.25
CA VAL A 2657 -35.95 22.51 4.68
C VAL A 2657 -34.85 22.69 5.72
N ASP A 2658 -35.18 22.47 6.99
CA ASP A 2658 -34.21 22.60 8.08
C ASP A 2658 -33.24 21.45 7.98
N GLY A 2659 -33.61 20.43 7.20
CA GLY A 2659 -32.76 19.28 7.03
C GLY A 2659 -31.70 19.58 5.98
N PHE A 2660 -31.75 20.77 5.40
CA PHE A 2660 -30.83 21.19 4.38
C PHE A 2660 -29.79 22.02 5.15
N GLY A 2661 -28.60 21.47 5.27
CA GLY A 2661 -27.56 21.98 6.15
C GLY A 2661 -26.89 23.28 5.73
N VAL A 2662 -27.67 24.36 5.82
CA VAL A 2662 -27.28 25.72 5.48
C VAL A 2662 -27.38 25.85 4.00
N THR A 2663 -27.88 26.99 3.56
CA THR A 2663 -28.16 27.24 2.16
C THR A 2663 -29.27 26.31 1.75
N GLY A 2664 -30.38 26.43 2.46
CA GLY A 2664 -31.51 25.61 2.17
C GLY A 2664 -32.12 26.03 0.87
N VAL A 2665 -32.69 25.04 0.19
CA VAL A 2665 -33.44 25.18 -1.04
C VAL A 2665 -32.61 25.59 -2.25
N ASP A 2666 -31.92 26.69 -2.15
CA ASP A 2666 -31.17 27.25 -3.26
C ASP A 2666 -29.86 26.54 -3.55
N GLY A 2667 -29.52 25.55 -2.75
CA GLY A 2667 -28.31 24.78 -2.94
C GLY A 2667 -28.61 23.49 -3.68
N LEU A 2668 -28.23 22.37 -3.08
CA LEU A 2668 -28.43 21.09 -3.72
C LEU A 2668 -29.88 20.84 -4.13
N PHE A 2669 -30.83 21.29 -3.32
CA PHE A 2669 -32.21 21.00 -3.63
C PHE A 2669 -32.66 21.49 -4.99
N ARG A 2670 -32.42 22.76 -5.33
CA ARG A 2670 -32.80 23.17 -6.66
C ARG A 2670 -32.04 22.40 -7.71
N ARG A 2671 -30.77 22.16 -7.48
CA ARG A 2671 -30.02 21.54 -8.57
C ARG A 2671 -30.59 20.16 -8.91
N SER A 2672 -30.97 19.43 -7.89
CA SER A 2672 -31.55 18.13 -8.12
C SER A 2672 -32.89 18.26 -8.80
N CYS A 2673 -33.68 19.25 -8.37
CA CYS A 2673 -34.99 19.41 -8.94
C CYS A 2673 -34.93 19.72 -10.41
N GLU A 2674 -33.98 20.54 -10.79
CA GLU A 2674 -33.86 20.94 -12.17
C GLU A 2674 -33.53 19.75 -13.04
N ARG A 2675 -32.65 18.86 -12.59
CA ARG A 2675 -32.35 17.73 -13.45
C ARG A 2675 -33.57 16.86 -13.63
N VAL A 2676 -34.32 16.68 -12.56
CA VAL A 2676 -35.44 15.79 -12.67
C VAL A 2676 -36.51 16.36 -13.56
N TYR A 2677 -36.82 17.62 -13.36
CA TYR A 2677 -37.86 18.22 -14.14
C TYR A 2677 -37.47 18.27 -15.58
N ALA A 2678 -36.22 18.63 -15.86
CA ALA A 2678 -35.80 18.70 -17.24
C ALA A 2678 -35.93 17.36 -17.92
N VAL A 2679 -35.61 16.26 -17.23
CA VAL A 2679 -35.74 14.97 -17.86
C VAL A 2679 -37.15 14.65 -18.18
N LEU A 2680 -38.04 14.92 -17.26
CA LEU A 2680 -39.41 14.60 -17.56
C LEU A 2680 -39.88 15.40 -18.75
N ARG A 2681 -39.48 16.67 -18.84
CA ARG A 2681 -39.93 17.45 -19.98
C ARG A 2681 -39.33 16.92 -21.27
N LYS A 2682 -38.09 16.46 -21.23
CA LYS A 2682 -37.40 15.95 -22.40
C LYS A 2682 -38.02 14.69 -22.99
N ASP A 2683 -38.36 13.73 -22.14
CA ASP A 2683 -38.93 12.51 -22.71
C ASP A 2683 -40.42 12.62 -22.93
N TYR A 2684 -41.12 13.29 -22.02
CA TYR A 2684 -42.54 13.56 -22.13
C TYR A 2684 -43.54 12.43 -22.34
N VAL A 2685 -43.47 11.81 -23.50
CA VAL A 2685 -44.50 10.93 -23.97
C VAL A 2685 -44.69 9.73 -23.11
N LYS A 2686 -43.62 9.23 -22.54
CA LYS A 2686 -43.74 8.07 -21.72
C LYS A 2686 -44.56 8.32 -20.49
N VAL A 2687 -44.60 9.56 -20.03
CA VAL A 2687 -45.33 9.84 -18.83
C VAL A 2687 -46.78 9.80 -19.17
N MET A 2688 -47.11 10.42 -20.29
CA MET A 2688 -48.49 10.43 -20.64
C MET A 2688 -48.93 9.04 -20.93
N CYS A 2689 -48.05 8.24 -21.52
CA CYS A 2689 -48.40 6.89 -21.82
C CYS A 2689 -48.75 6.14 -20.57
N VAL A 2690 -47.93 6.23 -19.54
CA VAL A 2690 -48.27 5.45 -18.37
C VAL A 2690 -49.63 5.79 -17.83
N LEU A 2691 -49.93 7.06 -17.73
CA LEU A 2691 -51.21 7.41 -17.19
C LEU A 2691 -52.32 6.96 -18.09
N ASN A 2692 -52.11 7.11 -19.39
CA ASN A 2692 -53.13 6.78 -20.34
C ASN A 2692 -53.45 5.33 -20.35
N ILE A 2693 -52.47 4.50 -20.08
CA ILE A 2693 -52.79 3.10 -20.14
C ILE A 2693 -53.46 2.67 -18.89
N LEU A 2694 -52.91 3.05 -17.77
CA LEU A 2694 -53.45 2.55 -16.54
C LEU A 2694 -54.87 3.04 -16.33
N LYS A 2695 -55.18 4.23 -16.84
CA LYS A 2695 -56.50 4.76 -16.72
C LYS A 2695 -57.17 4.94 -18.06
N TRP A 2696 -56.86 4.10 -19.04
CA TRP A 2696 -57.53 4.20 -20.33
C TRP A 2696 -59.02 4.01 -20.22
N ASP A 2697 -59.44 2.86 -19.74
CA ASP A 2697 -60.84 2.59 -19.53
C ASP A 2697 -61.06 1.84 -18.20
N PRO A 2698 -60.60 2.43 -17.10
CA PRO A 2698 -60.56 1.87 -15.77
C PRO A 2698 -61.93 1.86 -15.13
N LEU A 2699 -62.02 1.20 -14.00
CA LEU A 2699 -63.24 1.21 -13.19
C LEU A 2699 -63.08 2.20 -12.04
N TYR A 2700 -62.02 2.99 -12.16
CA TYR A 2700 -61.55 4.05 -11.25
C TYR A 2700 -62.56 5.16 -11.08
N SER A 2701 -62.73 5.60 -9.85
CA SER A 2701 -63.66 6.67 -9.55
C SER A 2701 -63.07 8.07 -9.64
N TRP A 2702 -63.58 8.83 -10.58
CA TRP A 2702 -63.09 10.16 -10.81
C TRP A 2702 -63.74 11.21 -9.95
N VAL A 2703 -63.21 11.31 -8.73
CA VAL A 2703 -63.57 12.26 -7.67
C VAL A 2703 -64.77 11.93 -6.81
N MET A 2704 -64.53 11.46 -5.59
CA MET A 2704 -65.60 11.20 -4.64
C MET A 2704 -65.76 12.34 -3.64
N SER A 2705 -66.87 13.07 -3.73
CA SER A 2705 -67.09 14.22 -2.83
C SER A 2705 -67.97 14.02 -1.56
N PRO A 2706 -69.07 13.23 -1.59
CA PRO A 2706 -70.01 13.13 -0.47
C PRO A 2706 -69.46 12.63 0.86
N VAL A 2707 -68.34 11.92 0.83
CA VAL A 2707 -67.77 11.41 2.06
C VAL A 2707 -66.37 11.94 2.25
N LYS A 2708 -66.03 13.00 1.54
CA LYS A 2708 -64.70 13.56 1.62
C LYS A 2708 -64.73 15.07 1.71
N LYS A 2709 -63.58 15.66 1.96
CA LYS A 2709 -63.42 17.12 1.91
C LYS A 2709 -64.23 17.92 2.94
N TYR A 2710 -65.55 17.95 2.77
CA TYR A 2710 -66.43 18.74 3.62
C TYR A 2710 -66.89 17.81 4.73
N GLU A 2711 -66.40 16.60 4.60
CA GLU A 2711 -66.51 15.52 5.55
C GLU A 2711 -65.80 15.94 6.83
N HIS A 2712 -64.80 16.82 6.71
CA HIS A 2712 -63.99 17.19 7.83
C HIS A 2712 -64.44 18.52 8.45
N LEU A 2713 -65.59 19.02 7.99
CA LEU A 2713 -66.19 20.26 8.45
C LEU A 2713 -67.08 19.97 9.65
N PHE A 2714 -67.05 20.80 10.67
CA PHE A 2714 -67.87 20.55 11.84
C PHE A 2714 -68.45 21.81 12.46
N GLU A 2715 -69.52 21.63 13.25
CA GLU A 2715 -70.16 22.70 13.97
C GLU A 2715 -70.91 22.12 15.17
N ASN A 2736 -69.33 15.73 -14.53
CA ASN A 2736 -68.52 15.10 -15.58
C ASN A 2736 -68.24 13.65 -15.29
N GLU A 2737 -68.05 12.88 -16.36
CA GLU A 2737 -67.67 11.47 -16.26
C GLU A 2737 -66.35 11.28 -16.97
N ASN A 2738 -66.41 10.90 -18.25
CA ASN A 2738 -65.17 10.68 -18.99
C ASN A 2738 -64.53 12.01 -19.32
N GLN A 2739 -65.30 13.07 -19.13
CA GLN A 2739 -64.84 14.40 -19.33
C GLN A 2739 -63.94 14.80 -18.20
N GLU A 2740 -64.15 14.20 -17.01
CA GLU A 2740 -63.34 14.59 -15.88
C GLU A 2740 -62.01 13.93 -16.09
N SER A 2741 -62.06 12.71 -16.59
CA SER A 2741 -60.83 11.99 -16.84
C SER A 2741 -60.02 12.78 -17.84
N TYR A 2742 -60.68 13.17 -18.93
CA TYR A 2742 -60.01 13.94 -19.93
C TYR A 2742 -59.44 15.22 -19.41
N ARG A 2743 -60.25 15.98 -18.69
CA ARG A 2743 -59.81 17.26 -18.23
C ARG A 2743 -58.61 17.13 -17.32
N ALA A 2744 -58.67 16.17 -16.40
CA ALA A 2744 -57.58 16.01 -15.48
C ALA A 2744 -56.31 15.59 -16.15
N LEU A 2745 -56.40 14.67 -17.08
CA LEU A 2745 -55.20 14.16 -17.70
C LEU A 2745 -54.55 15.21 -18.55
N LYS A 2746 -55.34 16.05 -19.16
CA LYS A 2746 -54.73 17.09 -19.96
C LYS A 2746 -53.91 18.04 -19.12
N GLY A 2747 -54.21 18.20 -17.83
CA GLY A 2747 -53.44 19.14 -17.04
C GLY A 2747 -51.99 18.67 -16.91
N VAL A 2748 -51.76 17.38 -17.13
CA VAL A 2748 -50.45 16.82 -17.01
C VAL A 2748 -49.60 17.39 -18.10
N GLU A 2749 -50.19 17.58 -19.27
CA GLU A 2749 -49.52 18.07 -20.43
C GLU A 2749 -49.11 19.52 -20.25
N GLU A 2750 -49.72 20.20 -19.29
CA GLU A 2750 -49.41 21.59 -19.08
C GLU A 2750 -48.24 21.67 -18.12
N LYS A 2751 -48.17 20.71 -17.21
CA LYS A 2751 -47.09 20.71 -16.26
C LYS A 2751 -45.84 20.20 -16.94
N LEU A 2752 -46.03 19.25 -17.85
CA LEU A 2752 -44.94 18.76 -18.64
C LEU A 2752 -44.82 19.77 -19.72
N MET A 2753 -43.64 19.96 -20.24
CA MET A 2753 -43.36 20.92 -21.31
C MET A 2753 -43.52 22.33 -20.76
N GLY A 2754 -44.75 22.73 -20.51
CA GLY A 2754 -45.07 24.00 -19.90
C GLY A 2754 -45.07 25.15 -20.87
N ASN A 2755 -45.44 26.31 -20.37
CA ASN A 2755 -45.42 27.52 -21.19
C ASN A 2755 -44.33 28.49 -20.73
N GLY A 2756 -43.90 28.37 -19.46
CA GLY A 2756 -42.88 29.28 -18.93
C GLY A 2756 -41.56 28.96 -19.58
N LEU A 2757 -41.38 27.67 -19.82
CA LEU A 2757 -40.23 27.07 -20.45
C LEU A 2757 -38.93 27.35 -19.73
N SER A 2758 -37.84 26.84 -20.32
CA SER A 2758 -36.47 26.98 -19.81
C SER A 2758 -36.19 26.28 -18.49
N VAL A 2759 -37.09 25.40 -18.05
CA VAL A 2759 -36.95 24.53 -16.86
C VAL A 2759 -36.93 25.30 -15.55
N GLU A 2760 -35.91 26.14 -15.40
CA GLU A 2760 -35.63 26.90 -14.22
C GLU A 2760 -36.81 27.71 -13.80
N SER A 2761 -37.52 28.24 -14.76
CA SER A 2761 -38.64 29.07 -14.44
C SER A 2761 -39.73 28.33 -13.69
N SER A 2762 -39.89 27.04 -13.96
CA SER A 2762 -40.94 26.29 -13.28
C SER A 2762 -40.50 26.02 -11.89
N VAL A 2763 -39.23 25.72 -11.77
CA VAL A 2763 -38.70 25.37 -10.49
C VAL A 2763 -38.75 26.57 -9.57
N GLN A 2764 -38.35 27.72 -10.08
CA GLN A 2764 -38.36 28.88 -9.23
C GLN A 2764 -39.76 29.26 -8.83
N ASP A 2765 -40.72 29.11 -9.73
CA ASP A 2765 -42.07 29.50 -9.41
C ASP A 2765 -42.65 28.63 -8.33
N LEU A 2766 -42.41 27.33 -8.42
CA LEU A 2766 -42.98 26.45 -7.44
C LEU A 2766 -42.39 26.73 -6.09
N ILE A 2767 -41.10 27.02 -6.04
CA ILE A 2767 -40.50 27.30 -4.77
C ILE A 2767 -41.08 28.54 -4.15
N GLN A 2768 -41.24 29.61 -4.90
CA GLN A 2768 -41.76 30.78 -4.23
C GLN A 2768 -43.15 30.53 -3.72
N GLN A 2769 -43.95 29.81 -4.48
CA GLN A 2769 -45.31 29.57 -4.04
C GLN A 2769 -45.37 28.69 -2.81
N ALA A 2770 -44.49 27.68 -2.80
CA ALA A 2770 -44.38 26.69 -1.74
C ALA A 2770 -43.98 27.27 -0.41
N THR A 2771 -43.14 28.29 -0.39
CA THR A 2771 -42.67 28.79 0.89
C THR A 2771 -43.34 30.08 1.32
N ASP A 2772 -43.95 30.79 0.39
CA ASP A 2772 -44.54 32.05 0.71
C ASP A 2772 -45.64 31.89 1.75
N PRO A 2773 -45.51 32.49 2.96
CA PRO A 2773 -46.45 32.38 4.04
C PRO A 2773 -47.76 33.02 3.68
N SER A 2774 -47.77 33.81 2.62
CA SER A 2774 -49.00 34.42 2.20
C SER A 2774 -50.01 33.35 1.82
N ASN A 2775 -49.51 32.19 1.38
CA ASN A 2775 -50.33 31.06 1.00
C ASN A 2775 -50.39 30.08 2.13
N LEU A 2776 -49.32 29.99 2.89
CA LEU A 2776 -49.32 28.99 3.93
C LEU A 2776 -50.39 29.33 4.95
N SER A 2777 -50.53 30.62 5.22
CA SER A 2777 -51.47 31.12 6.21
C SER A 2777 -52.88 31.17 5.72
N VAL A 2778 -53.37 30.02 5.35
CA VAL A 2778 -54.68 29.81 4.83
C VAL A 2778 -55.20 28.52 5.38
N ILE A 2779 -54.31 27.55 5.41
CA ILE A 2779 -54.69 26.15 5.59
C ILE A 2779 -55.16 25.72 6.96
N TYR A 2780 -56.28 25.03 6.96
CA TYR A 2780 -56.79 24.50 8.19
C TYR A 2780 -56.14 23.20 8.52
N MET A 2781 -55.49 23.15 9.65
CA MET A 2781 -54.82 21.94 10.05
C MET A 2781 -54.09 21.33 8.91
N GLY A 2782 -54.59 20.19 8.43
CA GLY A 2782 -53.89 19.45 7.42
C GLY A 2782 -52.60 19.09 8.08
N TRP A 2783 -51.52 19.61 7.59
CA TRP A 2783 -50.24 19.31 8.16
C TRP A 2783 -49.89 20.21 9.31
N SER A 2784 -50.71 21.21 9.56
CA SER A 2784 -50.52 22.16 10.64
C SER A 2784 -49.11 22.70 10.58
N PRO A 2785 -48.78 23.54 9.59
CA PRO A 2785 -47.44 23.98 9.22
C PRO A 2785 -46.74 24.84 10.24
N PHE A 2786 -46.56 24.28 11.40
CA PHE A 2786 -45.91 24.84 12.54
C PHE A 2786 -45.03 23.73 13.07
N TYR A 2787 -45.06 23.47 14.38
CA TYR A 2787 -44.20 22.44 14.92
C TYR A 2787 -42.82 22.58 14.30
#